data_1NTM
#
_entry.id   1NTM
#
_cell.length_a   154.325
_cell.length_b   154.325
_cell.length_c   593.161
_cell.angle_alpha   90.00
_cell.angle_beta   90.00
_cell.angle_gamma   90.00
#
_symmetry.space_group_name_H-M   'I 41 2 2'
#
loop_
_entity.id
_entity.type
_entity.pdbx_description
1 polymer 'Ubiquinol-cytochrome C reductase complex core protein I, mitochondrial'
2 polymer 'Ubiquinol-cytochrome C reductase complex core protein 2, mitochondrial'
3 polymer 'Cytochrome b'
4 polymer 'cytochrome c1'
5 polymer 'UBIQUINOL-CYTOCHROME C REDUCTASE IRON-SULFUR SUBUNIT, mitochondrial'
6 polymer 'Ubiquinol-cytochrome C reductase complex 14 kDa protein'
7 polymer 'Ubiquinol-cytochrome C reductase complex ubiquinone-binding protein QP-C'
8 polymer 'Ubiquinol-cytochrome C reductase complex 11 kDa protein'
9 polymer 'Ubiquinol-cytochrome C reductase 8 kDa protein'
10 polymer 'Ubiquinol-cytochrome C reductase complex 7.2 kDa protein'
11 polymer 'Ubiquinol-cytochrome C reductase complex 6.4 kDa protein'
12 non-polymer 'PROTOPORPHYRIN IX CONTAINING FE'
13 non-polymer 'FE2/S2 (INORGANIC) CLUSTER'
14 water water
#
loop_
_entity_poly.entity_id
_entity_poly.type
_entity_poly.pdbx_seq_one_letter_code
_entity_poly.pdbx_strand_id
1 'polypeptide(L)'
;TATYAQALQSVPETQVSQLDNGLRVASEQSSQPTCTVGVWIDAGSRYESEKNNGAGYFVEHLAFKGTKNRPGNALEKEVE
SMGAHLNAYSTREHTAYYIKALSKDLPKAVELLADIVQNCSLEDSQIEKERDVILQELQENDTSMRDVVFNYLHATAFQG
TPLAQSVEGPSENVRKLSRADLTEYLSRHYKAPRMVLAAAGGLEHRQLLDLAQKHFSGLSGTYDEDAVPTLSPCRFTGSQ
ICHREDGLPLAHVAIAVEGPGWAHPDNVALQVANAIIGHYDCTYGGGAHLSSPLASIAATNKLCQSFQTFNICYADTGLL
GAHFVCDHMSIDDMMFVLQGQWMRLCTSATESEVLRGKNLLRNALVSHLDGTTPVCEDIGRSLLTYGRRIPLAEWESRIA
EVDARVVREVCSKYFYDQCPAVAGFGPIEQLPDYNRIRSGMFWLRF
;
A
2 'polypeptide(L)'
;SLKVAPKVKATEAPAGVPPHPQDLEFTRLPNGLVIASLENYAPASRIGLFIKAGSRYENSNNLGTSHLLRLASSLTTKGA
SSFKITRGIEAVGGKLSVTSTRENMAYTVECLRDDVDILMEFLLNVTTAPEFRRWEVAALQPQLRIDKAVALQNPQAHVI
ENLHAAAYRNALANSLYCPDYRIGKVTPVELHDYVQNHFTSARMALIGLGVSHPVLKQVAEQFLNIRGGLGLSGAKAKYH
GGEIREQNGDSLVHAALVAESAAIGSAEANAFSVLQHVLGAGPHVKRGSNATSSLYQAVAKGVHQPFDVSAFNASYSDSG
LFGFYTISQAASAGDVIKAAYNQVKTIAQGNLSNPDVQAAKNKLKAGYLMSVESSEGFLDEVGSQALAAGSYTPPSTVLQ
QIDAVADADVINAAKKFVSGRKSMAASGNLGHTPFIDEL
;
B
3 'polypeptide(L)'
;MTNIRKSHPLMKIVNNAFIDLPAPSNISSWWNFGSLLGICLILQILTGLFLAMHYTSDTTTAFSSVTHICRDVNYGWIIR
YMHANGASMFFICLYMHVGRGLYYGSYTFLETWNIGVILLLTVMATAFMGYVLPWGQMSFWGATVITNLLSAIPYIGTNL
VEWIWGGFSVDKATLTRFFAFHFILPFIIMAIAMVHLLFLHETGSNNPTGISSDVDKIPFHPYYTIKDILGALLLILALM
LLVLFAPDLLGDPDNYTPANPLNTPPHIKPEWYFLFAYAILRSIPNKLGGVLALAFSILILALIPLLHTSKQRSMMFRPL
SQCLFWALVADLLTLTWIGGQPVEHPYITIGQLASVLYFLLILVLMPTAGTIENKLLKW
;
C
4 'polypeptide(L)'
;SDLELHPPSYPWSHRGLLSSLDHTSIRRGFQVYKQVCSSCHSMDYVAYRHLVGVCYTEDEAKALAEEVEVQDGPNEDGEM
FMRPGKLSDYFPKPYPNPEAARAANNGALPPDLSYIVRARHGGEDYVFSLLTGYCEPPTGVSLREGLYFNPYFPGQAIGM
APPIYNEVLEFDDGTPATMSQVAKDVCTFLRWAAEPEHDHRKRMGLKMLLMMGLLLPLVYAMKRHKWSVLKSRKLAYRPP
K
;
D
5 'polypeptide(L)'
;SHTDIKVPDFSDYRRPEVLDSTKSSKESSEARKGFSYLVTATTTVGVAYAAKNVVSQFVSSMSASADVLAMSKIEIKLSD
IPEGKNMAFKWRGKPLFVRHRTKKEIDQEAAVEVSQLRDPQHDLERVKKPEWVILIGVCTHLGCVPIANAGDFGGYYCPC
HGSHYDASGRIRKGPAPLNLEVPSYEFTSDDMVIVG
;
E
6 'polypeptide(L)'
;AGRPAVSASSRWLEGIRKWYYNAAGFNKLGLMRDDTIHENDDVKEAIRRLPENLYDDRVFRIKRALDLSMRQQILPKEQW
TKYEEDKSYLEPYLKEVIRERKEREEWAKK
;
F
7 'polypeptide(L)'
;GRQFGHLTRVRHVITYSLSPFEQRAFPHYFSKGIPNVLRRTRACILRVAPPFVAFYLVYTWGTQEFEKSKRKNPAAYEND
R
;
G
8 'polypeptide(L)' GDPKEEEEEEEELVDPLTTVREQCEQLEKCVKARERLELCDERVSSRSQTEEDCTEELLDFLHARDHCVAHKLFNSLK H
9 'polypeptide(L)' MLSVAARSGPFAPVLSATSRGVAGALRPLVQAAVPATSESPVLDLKRSVLCRESLRG I
10 'polypeptide(L)' VAPTLTARLYSLLFRRTSTFALTIVVGALFFERAFDQGADAIYEHINEGKLWKHIKHKYENK J
11 'polypeptide(L)' MLTRFLGPRYRQLARNWVPTAQLWGAVGAVGLVWATDWRLILDWVPYINGKFKKDD K
#
loop_
_chem_comp.id
_chem_comp.type
_chem_comp.name
_chem_comp.formula
FES non-polymer 'FE2/S2 (INORGANIC) CLUSTER' 'Fe2 S2'
HEM non-polymer 'PROTOPORPHYRIN IX CONTAINING FE' 'C34 H32 Fe N4 O4'
#
# COMPACT_ATOMS: atom_id res chain seq x y z
N THR A 1 -45.91 9.30 33.74
CA THR A 1 -44.65 9.27 34.57
C THR A 1 -43.64 10.29 34.02
N ALA A 2 -42.64 10.64 34.84
CA ALA A 2 -41.61 11.60 34.48
C ALA A 2 -40.88 11.16 33.23
N THR A 3 -40.80 12.02 32.21
CA THR A 3 -40.10 11.69 30.97
C THR A 3 -38.61 11.80 31.17
N TYR A 4 -37.85 11.30 30.18
CA TYR A 4 -36.37 11.39 30.18
C TYR A 4 -35.96 12.85 30.23
N ALA A 5 -36.47 13.62 29.28
CA ALA A 5 -36.28 15.06 29.27
C ALA A 5 -36.47 15.64 30.68
N GLN A 6 -37.68 15.54 31.22
CA GLN A 6 -37.95 16.05 32.56
C GLN A 6 -36.88 15.63 33.57
N ALA A 7 -36.55 14.34 33.58
CA ALA A 7 -35.56 13.81 34.50
C ALA A 7 -34.23 14.54 34.53
N LEU A 8 -33.87 15.18 33.42
CA LEU A 8 -32.62 15.91 33.34
C LEU A 8 -32.70 17.24 34.05
N GLN A 9 -33.89 17.85 34.03
CA GLN A 9 -34.08 19.13 34.72
C GLN A 9 -34.09 18.94 36.24
N SER A 10 -34.35 17.70 36.68
CA SER A 10 -34.44 17.36 38.11
C SER A 10 -33.08 17.31 38.82
N VAL A 11 -32.01 17.14 38.04
CA VAL A 11 -30.66 17.03 38.59
C VAL A 11 -30.19 18.35 39.16
N PRO A 12 -29.94 18.37 40.47
CA PRO A 12 -29.57 19.60 41.18
C PRO A 12 -28.37 20.26 40.56
N GLU A 13 -28.40 21.58 40.50
CA GLU A 13 -27.35 22.31 39.84
C GLU A 13 -26.08 22.30 40.67
N THR A 14 -24.94 22.00 40.03
CA THR A 14 -23.66 22.02 40.72
C THR A 14 -23.39 23.42 41.23
N GLN A 15 -23.10 23.52 42.51
CA GLN A 15 -22.86 24.79 43.17
C GLN A 15 -21.39 25.20 43.15
N VAL A 16 -21.12 26.42 42.67
CA VAL A 16 -19.75 26.90 42.55
C VAL A 16 -19.47 28.06 43.51
N SER A 17 -18.22 28.13 43.92
CA SER A 17 -17.77 29.14 44.86
C SER A 17 -16.25 29.26 44.69
N GLN A 18 -15.72 30.44 45.02
CA GLN A 18 -14.29 30.69 44.93
C GLN A 18 -13.77 31.30 46.22
N LEU A 19 -12.64 30.82 46.68
CA LEU A 19 -12.00 31.36 47.87
C LEU A 19 -11.16 32.55 47.44
N ASP A 20 -10.94 33.50 48.34
CA ASP A 20 -10.03 34.63 48.02
C ASP A 20 -8.69 33.90 48.02
N ASN A 21 -8.34 33.31 46.88
CA ASN A 21 -7.25 32.35 46.81
C ASN A 21 -7.10 31.90 45.37
N GLY A 22 -8.22 31.45 44.80
CA GLY A 22 -8.25 30.93 43.45
C GLY A 22 -8.80 29.52 43.49
N LEU A 23 -8.91 28.99 44.70
CA LEU A 23 -9.44 27.65 44.94
C LEU A 23 -10.93 27.70 44.65
N ARG A 24 -11.34 26.93 43.67
CA ARG A 24 -12.75 26.86 43.36
C ARG A 24 -13.33 25.68 44.16
N VAL A 25 -14.30 25.96 45.02
CA VAL A 25 -14.91 24.90 45.80
C VAL A 25 -16.28 24.63 45.21
N ALA A 26 -16.43 23.50 44.55
CA ALA A 26 -17.71 23.17 43.93
C ALA A 26 -18.31 21.88 44.45
N SER A 27 -19.63 21.79 44.44
CA SER A 27 -20.33 20.62 44.98
C SER A 27 -21.66 20.34 44.33
N GLU A 28 -22.13 19.12 44.53
CA GLU A 28 -23.46 18.75 44.06
C GLU A 28 -24.11 17.95 45.13
N GLN A 29 -25.04 18.58 45.82
CA GLN A 29 -25.74 17.94 46.90
C GLN A 29 -26.74 16.91 46.40
N SER A 30 -26.84 15.78 47.12
CA SER A 30 -27.84 14.76 46.87
C SER A 30 -28.33 14.32 48.26
N SER A 31 -29.18 13.31 48.34
CA SER A 31 -29.67 12.93 49.67
C SER A 31 -28.92 11.73 50.25
N GLN A 32 -27.91 11.26 49.53
CA GLN A 32 -27.13 10.07 49.92
C GLN A 32 -26.53 10.21 51.32
N PRO A 33 -26.29 9.09 52.02
CA PRO A 33 -25.62 9.14 53.33
C PRO A 33 -24.12 9.10 53.16
N THR A 34 -23.66 9.04 51.92
CA THR A 34 -22.26 8.87 51.59
C THR A 34 -21.82 9.96 50.64
N CYS A 35 -20.53 10.21 50.57
CA CYS A 35 -20.05 11.22 49.65
C CYS A 35 -18.64 10.96 49.19
N THR A 36 -18.20 11.78 48.25
CA THR A 36 -16.83 11.73 47.75
C THR A 36 -16.35 13.17 47.68
N VAL A 37 -15.19 13.45 48.29
CA VAL A 37 -14.61 14.79 48.30
C VAL A 37 -13.21 14.68 47.79
N GLY A 38 -12.76 15.74 47.14
CA GLY A 38 -11.41 15.68 46.63
C GLY A 38 -10.85 16.91 45.98
N VAL A 39 -9.57 16.80 45.69
CA VAL A 39 -8.86 17.88 45.07
C VAL A 39 -8.41 17.48 43.67
N TRP A 40 -8.88 18.24 42.69
CA TRP A 40 -8.47 18.03 41.31
C TRP A 40 -7.50 19.17 40.97
N ILE A 41 -6.28 18.78 40.64
CA ILE A 41 -5.21 19.73 40.34
C ILE A 41 -4.84 19.69 38.88
N ASP A 42 -4.54 20.87 38.33
CA ASP A 42 -4.10 21.00 36.94
C ASP A 42 -2.59 20.69 36.84
N ALA A 43 -2.21 19.52 37.33
CA ALA A 43 -0.83 19.06 37.30
C ALA A 43 -0.81 17.74 36.57
N GLY A 44 0.10 17.60 35.61
CA GLY A 44 0.17 16.36 34.88
C GLY A 44 1.59 15.99 34.60
N SER A 45 1.87 15.64 33.36
CA SER A 45 3.21 15.30 32.98
C SER A 45 3.44 16.05 31.71
N ARG A 46 2.33 16.55 31.14
CA ARG A 46 2.43 17.44 30.02
C ARG A 46 3.06 18.77 30.53
N TYR A 47 3.07 18.96 31.87
CA TYR A 47 3.64 20.16 32.50
C TYR A 47 5.08 19.97 32.88
N GLU A 48 5.61 18.77 32.72
CA GLU A 48 6.98 18.56 33.14
C GLU A 48 8.02 18.54 32.03
N SER A 49 9.26 18.84 32.40
CA SER A 49 10.35 18.86 31.46
C SER A 49 10.93 17.47 31.40
N GLU A 50 11.83 17.25 30.45
CA GLU A 50 12.42 15.95 30.27
C GLU A 50 13.14 15.37 31.49
N LYS A 51 13.64 16.22 32.38
CA LYS A 51 14.28 15.71 33.59
C LYS A 51 13.41 15.71 34.85
N ASN A 52 12.32 16.47 34.85
CA ASN A 52 11.39 16.44 35.97
C ASN A 52 10.54 15.21 35.78
N ASN A 53 10.29 14.88 34.52
CA ASN A 53 9.46 13.76 34.13
C ASN A 53 9.45 12.58 35.11
N GLY A 54 8.27 12.28 35.63
CA GLY A 54 8.07 11.24 36.61
C GLY A 54 7.83 11.87 37.98
N ALA A 55 7.93 13.21 38.03
CA ALA A 55 7.79 14.00 39.27
C ALA A 55 6.46 13.82 39.96
N GLY A 56 5.38 14.05 39.20
CA GLY A 56 4.04 13.97 39.74
C GLY A 56 3.79 12.55 40.17
N TYR A 57 4.12 11.64 39.27
CA TYR A 57 3.95 10.22 39.58
C TYR A 57 4.67 9.88 40.88
N PHE A 58 5.87 10.45 41.07
CA PHE A 58 6.64 10.26 42.31
C PHE A 58 5.89 10.87 43.52
N VAL A 59 5.36 12.07 43.35
CA VAL A 59 4.60 12.72 44.44
C VAL A 59 3.38 11.89 44.86
N GLU A 60 2.69 11.29 43.91
CA GLU A 60 1.55 10.44 44.27
C GLU A 60 1.99 9.33 45.21
N HIS A 61 3.16 8.76 44.94
CA HIS A 61 3.65 7.68 45.78
C HIS A 61 3.99 8.11 47.18
N LEU A 62 4.21 9.40 47.35
CA LEU A 62 4.57 9.95 48.64
C LEU A 62 3.38 10.57 49.30
N ALA A 63 2.38 10.93 48.50
CA ALA A 63 1.22 11.69 48.97
C ALA A 63 0.56 11.23 50.24
N PHE A 64 0.37 9.92 50.37
CA PHE A 64 -0.35 9.38 51.52
C PHE A 64 0.56 8.71 52.52
N LYS A 65 1.86 8.98 52.44
CA LYS A 65 2.86 8.35 53.29
C LYS A 65 3.35 9.19 54.46
N GLY A 66 2.70 10.32 54.70
CA GLY A 66 3.07 11.17 55.81
C GLY A 66 3.03 12.67 55.55
N THR A 67 2.32 13.40 56.41
CA THR A 67 2.29 14.85 56.33
C THR A 67 3.07 15.36 57.55
N LYS A 68 3.11 16.66 57.76
CA LYS A 68 3.85 17.22 58.90
C LYS A 68 3.13 16.96 60.23
N ASN A 69 1.81 17.10 60.20
CA ASN A 69 1.01 16.88 61.39
C ASN A 69 0.64 15.44 61.54
N ARG A 70 0.51 14.76 60.41
CA ARG A 70 0.23 13.33 60.42
C ARG A 70 1.43 12.66 59.81
N PRO A 71 2.30 12.14 60.67
CA PRO A 71 3.55 11.53 60.25
C PRO A 71 3.39 10.16 59.65
N GLY A 72 4.52 9.56 59.29
CA GLY A 72 4.59 8.26 58.67
C GLY A 72 3.31 7.54 58.28
N ASN A 73 2.63 7.00 59.27
CA ASN A 73 1.53 6.11 59.00
C ASN A 73 0.14 6.52 59.51
N ALA A 74 0.11 7.54 60.36
CA ALA A 74 -1.14 7.99 60.97
C ALA A 74 -2.31 8.36 60.06
N LEU A 75 -2.02 8.99 58.91
CA LEU A 75 -3.09 9.39 58.00
C LEU A 75 -3.94 8.21 57.55
N GLU A 76 -3.28 7.08 57.29
CA GLU A 76 -3.98 5.88 56.90
C GLU A 76 -4.84 5.46 58.06
N LYS A 77 -4.22 5.29 59.22
CA LYS A 77 -4.95 4.89 60.41
C LYS A 77 -6.23 5.69 60.60
N GLU A 78 -6.20 6.96 60.24
CA GLU A 78 -7.40 7.80 60.40
C GLU A 78 -8.46 7.50 59.36
N VAL A 79 -8.04 7.44 58.11
CA VAL A 79 -8.95 7.13 57.02
C VAL A 79 -9.58 5.74 57.23
N GLU A 80 -8.72 4.73 57.33
CA GLU A 80 -9.14 3.36 57.57
C GLU A 80 -10.09 3.30 58.74
N SER A 81 -9.72 3.91 59.86
CA SER A 81 -10.56 3.87 61.06
C SER A 81 -11.98 4.42 60.95
N MET A 82 -12.21 5.36 60.04
CA MET A 82 -13.55 5.91 59.86
C MET A 82 -14.28 5.21 58.71
N GLY A 83 -13.59 4.23 58.13
CA GLY A 83 -14.17 3.41 57.10
C GLY A 83 -14.15 4.07 55.76
N ALA A 84 -13.31 5.07 55.62
CA ALA A 84 -13.23 5.83 54.39
C ALA A 84 -12.24 5.25 53.38
N HIS A 85 -12.31 5.71 52.15
CA HIS A 85 -11.37 5.24 51.14
C HIS A 85 -10.55 6.41 50.55
N LEU A 86 -9.24 6.26 50.53
CA LEU A 86 -8.40 7.32 50.03
C LEU A 86 -7.73 6.84 48.77
N ASN A 87 -7.92 7.59 47.68
CA ASN A 87 -7.39 7.20 46.39
C ASN A 87 -6.76 8.36 45.66
N ALA A 88 -6.11 8.07 44.54
CA ALA A 88 -5.39 9.09 43.80
C ALA A 88 -5.05 8.65 42.41
N TYR A 89 -4.98 9.61 41.49
CA TYR A 89 -4.59 9.30 40.12
C TYR A 89 -3.92 10.48 39.41
N SER A 90 -3.17 10.15 38.37
CA SER A 90 -2.52 11.15 37.55
C SER A 90 -2.45 10.71 36.09
N THR A 91 -2.95 11.57 35.23
CA THR A 91 -2.91 11.37 33.79
C THR A 91 -1.88 12.39 33.28
N ARG A 92 -1.89 12.66 31.98
CA ARG A 92 -0.94 13.62 31.41
C ARG A 92 -1.31 15.07 31.64
N GLU A 93 -2.49 15.35 32.19
CA GLU A 93 -2.89 16.75 32.42
C GLU A 93 -3.56 17.00 33.76
N HIS A 94 -3.88 15.93 34.46
CA HIS A 94 -4.67 16.04 35.68
C HIS A 94 -4.20 15.18 36.80
N THR A 95 -4.37 15.67 38.02
CA THR A 95 -3.98 14.92 39.19
C THR A 95 -5.09 15.05 40.21
N ALA A 96 -5.39 13.96 40.89
CA ALA A 96 -6.45 14.00 41.84
C ALA A 96 -6.15 13.18 43.05
N TYR A 97 -6.75 13.61 44.15
CA TYR A 97 -6.69 12.89 45.40
C TYR A 97 -8.12 13.04 45.91
N TYR A 98 -8.79 11.91 46.19
CA TYR A 98 -10.16 11.98 46.70
C TYR A 98 -10.42 10.93 47.75
N ILE A 99 -11.39 11.22 48.61
CA ILE A 99 -11.76 10.31 49.70
C ILE A 99 -13.22 9.94 49.59
N LYS A 100 -13.52 8.66 49.77
CA LYS A 100 -14.91 8.20 49.81
C LYS A 100 -15.17 8.12 51.28
N ALA A 101 -16.24 8.75 51.73
CA ALA A 101 -16.50 8.77 53.15
C ALA A 101 -17.97 8.89 53.50
N LEU A 102 -18.30 8.52 54.74
CA LEU A 102 -19.65 8.69 55.29
C LEU A 102 -19.90 10.21 55.25
N SER A 103 -21.11 10.63 54.93
CA SER A 103 -21.38 12.07 54.84
C SER A 103 -20.97 12.91 56.06
N LYS A 104 -21.32 12.45 57.26
CA LYS A 104 -20.93 13.18 58.47
C LYS A 104 -19.41 13.40 58.56
N ASP A 105 -18.62 12.48 58.01
CA ASP A 105 -17.18 12.58 58.07
C ASP A 105 -16.57 13.67 57.18
N LEU A 106 -17.43 14.38 56.45
CA LEU A 106 -16.99 15.46 55.57
C LEU A 106 -15.92 16.39 56.18
N PRO A 107 -16.12 16.87 57.43
CA PRO A 107 -15.09 17.68 58.08
C PRO A 107 -13.71 17.02 57.98
N LYS A 108 -13.46 15.96 58.77
CA LYS A 108 -12.16 15.30 58.74
C LYS A 108 -11.69 14.99 57.33
N ALA A 109 -12.61 14.52 56.49
CA ALA A 109 -12.28 14.18 55.11
C ALA A 109 -11.53 15.34 54.47
N VAL A 110 -12.12 16.52 54.54
CA VAL A 110 -11.49 17.71 53.99
C VAL A 110 -10.17 18.02 54.73
N GLU A 111 -10.23 18.21 56.05
CA GLU A 111 -9.03 18.45 56.88
C GLU A 111 -7.85 17.54 56.46
N LEU A 112 -8.17 16.28 56.16
CA LEU A 112 -7.16 15.35 55.71
C LEU A 112 -6.64 15.70 54.33
N LEU A 113 -7.55 15.91 53.40
CA LEU A 113 -7.20 16.20 52.01
C LEU A 113 -6.26 17.40 51.95
N ALA A 114 -6.58 18.43 52.71
CA ALA A 114 -5.75 19.63 52.76
C ALA A 114 -4.35 19.30 53.20
N ASP A 115 -4.25 18.56 54.30
CA ASP A 115 -2.98 18.20 54.89
C ASP A 115 -2.08 17.53 53.84
N ILE A 116 -2.67 16.58 53.11
CA ILE A 116 -1.97 15.87 52.05
C ILE A 116 -1.54 16.84 50.96
N VAL A 117 -2.42 17.78 50.65
CA VAL A 117 -2.19 18.70 49.55
C VAL A 117 -1.13 19.78 49.77
N GLN A 118 -0.86 20.11 51.03
CA GLN A 118 0.07 21.18 51.38
C GLN A 118 1.26 20.74 52.21
N ASN A 119 1.00 19.92 53.22
CA ASN A 119 2.06 19.54 54.14
C ASN A 119 2.71 18.19 53.87
N CYS A 120 2.90 17.86 52.60
CA CYS A 120 3.46 16.56 52.31
C CYS A 120 4.88 16.35 52.85
N SER A 121 4.98 15.55 53.91
CA SER A 121 6.27 15.25 54.54
C SER A 121 7.05 14.28 53.70
N LEU A 122 7.76 14.79 52.69
CA LEU A 122 8.54 13.94 51.80
C LEU A 122 9.82 13.52 52.46
N GLU A 123 9.72 12.66 53.47
CA GLU A 123 10.87 12.21 54.21
C GLU A 123 11.75 11.28 53.42
N ASP A 124 13.04 11.62 53.39
CA ASP A 124 14.04 10.88 52.63
C ASP A 124 13.99 9.36 52.65
N SER A 125 13.80 8.79 53.84
CA SER A 125 13.71 7.35 53.97
C SER A 125 12.61 6.80 53.05
N GLN A 126 11.50 7.54 52.97
CA GLN A 126 10.38 7.17 52.13
C GLN A 126 10.61 7.51 50.66
N ILE A 127 11.05 8.73 50.37
CA ILE A 127 11.33 9.11 48.99
C ILE A 127 12.24 8.03 48.37
N GLU A 128 13.06 7.42 49.22
CA GLU A 128 13.99 6.38 48.83
C GLU A 128 13.30 5.06 48.70
N LYS A 129 12.41 4.74 49.63
CA LYS A 129 11.67 3.48 49.56
C LYS A 129 10.77 3.44 48.33
N GLU A 130 10.27 4.61 47.94
CA GLU A 130 9.34 4.71 46.83
C GLU A 130 10.00 4.51 45.51
N ARG A 131 11.30 4.74 45.45
CA ARG A 131 11.93 4.61 44.18
C ARG A 131 12.07 3.14 43.75
N ASP A 132 12.22 2.22 44.71
CA ASP A 132 12.31 0.80 44.38
C ASP A 132 10.92 0.26 44.01
N VAL A 133 9.89 0.91 44.58
CA VAL A 133 8.49 0.58 44.31
C VAL A 133 8.10 1.04 42.90
N ILE A 134 8.30 2.33 42.60
CA ILE A 134 7.94 2.85 41.28
C ILE A 134 8.69 2.10 40.20
N LEU A 135 9.96 1.78 40.45
CA LEU A 135 10.73 0.96 39.49
C LEU A 135 10.03 -0.36 39.23
N GLN A 136 9.58 -0.99 40.30
CA GLN A 136 8.86 -2.26 40.19
C GLN A 136 7.66 -2.10 39.29
N GLU A 137 6.87 -1.05 39.55
CA GLU A 137 5.65 -0.75 38.79
C GLU A 137 5.87 -0.68 37.29
N LEU A 138 7.00 -0.08 36.91
CA LEU A 138 7.39 0.02 35.53
C LEU A 138 7.56 -1.37 34.92
N GLN A 139 8.14 -2.28 35.72
CA GLN A 139 8.40 -3.66 35.28
C GLN A 139 7.11 -4.41 35.00
N GLU A 140 6.10 -4.20 35.83
CA GLU A 140 4.84 -4.84 35.58
C GLU A 140 4.11 -4.13 34.49
N ASN A 141 4.12 -2.80 34.50
CA ASN A 141 3.47 -2.02 33.44
C ASN A 141 3.94 -2.55 32.05
N ASP A 142 5.21 -2.90 31.95
CA ASP A 142 5.79 -3.48 30.72
C ASP A 142 5.09 -4.72 30.22
N THR A 143 4.42 -5.47 31.11
CA THR A 143 3.69 -6.65 30.66
C THR A 143 2.29 -6.36 30.17
N SER A 144 1.80 -5.15 30.38
CA SER A 144 0.50 -4.84 29.87
C SER A 144 0.58 -4.26 28.46
N MET A 145 0.48 -5.12 27.44
CA MET A 145 0.58 -4.66 26.05
C MET A 145 -0.23 -3.41 25.76
N ARG A 146 -1.45 -3.39 26.24
CA ARG A 146 -2.35 -2.30 26.03
C ARG A 146 -1.79 -0.99 26.56
N ASP A 147 -1.23 -1.02 27.77
CA ASP A 147 -0.69 0.19 28.38
C ASP A 147 0.54 0.66 27.62
N VAL A 148 1.28 -0.30 27.11
CA VAL A 148 2.47 -0.03 26.35
C VAL A 148 2.07 0.60 25.03
N VAL A 149 1.05 0.07 24.37
CA VAL A 149 0.67 0.61 23.08
C VAL A 149 0.13 2.02 23.09
N PHE A 150 -0.54 2.40 24.16
CA PHE A 150 -1.04 3.76 24.23
C PHE A 150 0.09 4.72 24.61
N ASN A 151 1.08 4.18 25.31
CA ASN A 151 2.24 4.97 25.64
C ASN A 151 3.01 5.19 24.35
N TYR A 152 3.16 4.12 23.58
CA TYR A 152 3.82 4.21 22.27
C TYR A 152 3.08 5.18 21.39
N LEU A 153 1.76 5.06 21.33
CA LEU A 153 0.92 5.93 20.49
C LEU A 153 1.13 7.36 20.85
N HIS A 154 1.21 7.66 22.13
CA HIS A 154 1.48 9.04 22.54
C HIS A 154 2.86 9.40 22.11
N ALA A 155 3.82 8.53 22.39
CA ALA A 155 5.20 8.81 22.08
C ALA A 155 5.39 9.25 20.65
N THR A 156 4.71 8.60 19.70
CA THR A 156 4.90 8.98 18.33
C THR A 156 3.99 10.08 17.89
N ALA A 157 2.73 10.04 18.29
CA ALA A 157 1.79 11.06 17.87
C ALA A 157 2.34 12.43 18.28
N PHE A 158 2.86 12.50 19.50
CA PHE A 158 3.31 13.76 20.04
C PHE A 158 4.81 13.90 20.12
N GLN A 159 5.52 13.25 19.19
CA GLN A 159 6.98 13.35 19.00
C GLN A 159 7.53 14.73 19.31
N GLY A 160 8.44 14.84 20.27
CA GLY A 160 9.08 16.11 20.57
C GLY A 160 8.32 17.08 21.46
N THR A 161 7.06 16.78 21.77
CA THR A 161 6.26 17.64 22.65
C THR A 161 6.27 16.98 24.03
N PRO A 162 5.77 17.68 25.05
CA PRO A 162 5.74 17.10 26.40
C PRO A 162 4.67 16.03 26.52
N LEU A 163 3.64 16.13 25.68
CA LEU A 163 2.50 15.20 25.66
C LEU A 163 2.97 13.84 25.18
N ALA A 164 4.19 13.80 24.61
CA ALA A 164 4.83 12.55 24.15
C ALA A 164 5.24 11.71 25.33
N GLN A 165 5.38 12.37 26.46
CA GLN A 165 5.88 11.69 27.61
C GLN A 165 4.83 10.88 28.32
N SER A 166 5.30 9.87 29.03
CA SER A 166 4.43 9.01 29.79
C SER A 166 4.31 9.65 31.15
N VAL A 167 3.31 9.20 31.88
CA VAL A 167 3.05 9.68 33.22
C VAL A 167 4.14 9.28 34.24
N GLU A 168 4.48 8.00 34.29
CA GLU A 168 5.44 7.49 35.26
C GLU A 168 6.89 7.93 35.08
N GLY A 169 7.23 8.42 33.90
CA GLY A 169 8.59 8.85 33.61
C GLY A 169 9.46 7.68 33.19
N PRO A 170 10.68 7.97 32.74
CA PRO A 170 11.66 6.93 32.38
C PRO A 170 12.37 6.46 33.60
N SER A 171 12.86 5.23 33.56
CA SER A 171 13.56 4.67 34.69
C SER A 171 14.70 5.52 35.23
N GLU A 172 15.48 6.16 34.36
CA GLU A 172 16.60 6.99 34.83
C GLU A 172 16.16 8.13 35.73
N ASN A 173 15.02 8.74 35.40
CA ASN A 173 14.46 9.79 36.25
C ASN A 173 13.94 9.24 37.58
N VAL A 174 13.43 8.03 37.56
CA VAL A 174 12.90 7.43 38.76
C VAL A 174 14.03 7.20 39.74
N ARG A 175 15.18 6.84 39.23
CA ARG A 175 16.25 6.60 40.14
C ARG A 175 17.08 7.82 40.46
N LYS A 176 16.93 8.91 39.70
CA LYS A 176 17.77 10.10 39.99
C LYS A 176 17.04 11.28 40.60
N LEU A 177 15.71 11.28 40.51
CA LEU A 177 14.92 12.39 41.04
C LEU A 177 15.27 12.75 42.47
N SER A 178 15.55 14.04 42.73
CA SER A 178 15.85 14.49 44.09
C SER A 178 14.64 15.07 44.84
N ARG A 179 14.80 15.24 46.15
CA ARG A 179 13.73 15.84 46.94
C ARG A 179 13.53 17.26 46.44
N ALA A 180 14.65 17.93 46.15
CA ALA A 180 14.61 19.29 45.61
C ALA A 180 13.72 19.28 44.36
N ASP A 181 13.95 18.31 43.48
CA ASP A 181 13.18 18.12 42.26
C ASP A 181 11.66 18.04 42.52
N LEU A 182 11.29 17.30 43.57
CA LEU A 182 9.88 17.13 43.91
C LEU A 182 9.31 18.40 44.54
N THR A 183 10.01 18.91 45.55
CA THR A 183 9.64 20.13 46.26
C THR A 183 9.31 21.24 45.28
N GLU A 184 10.20 21.43 44.30
CA GLU A 184 10.05 22.42 43.24
C GLU A 184 8.75 22.21 42.44
N TYR A 185 8.48 20.97 42.06
CA TYR A 185 7.29 20.63 41.27
C TYR A 185 6.00 21.01 41.97
N LEU A 186 5.92 20.69 43.26
CA LEU A 186 4.75 21.01 44.07
C LEU A 186 4.52 22.50 44.13
N SER A 187 5.55 23.23 44.55
CA SER A 187 5.49 24.68 44.65
C SER A 187 5.13 25.32 43.33
N ARG A 188 5.71 24.82 42.24
CA ARG A 188 5.41 25.36 40.93
C ARG A 188 3.98 25.05 40.54
N HIS A 189 3.47 23.91 41.00
CA HIS A 189 2.17 23.48 40.55
C HIS A 189 1.01 23.42 41.50
N TYR A 190 1.17 22.80 42.66
CA TYR A 190 0.06 22.68 43.59
C TYR A 190 -0.27 24.01 44.24
N LYS A 191 -0.78 24.95 43.45
CA LYS A 191 -1.16 26.25 44.00
C LYS A 191 -2.57 26.66 43.61
N ALA A 192 -3.28 27.19 44.61
CA ALA A 192 -4.71 27.51 44.54
C ALA A 192 -5.51 27.62 43.23
N PRO A 193 -5.21 28.60 42.38
CA PRO A 193 -5.98 28.78 41.14
C PRO A 193 -5.85 27.68 40.11
N ARG A 194 -5.18 26.61 40.47
CA ARG A 194 -5.01 25.50 39.55
C ARG A 194 -5.61 24.21 40.14
N MET A 195 -6.30 24.37 41.26
CA MET A 195 -6.93 23.21 41.88
C MET A 195 -8.35 23.46 42.33
N VAL A 196 -9.15 22.40 42.26
CA VAL A 196 -10.57 22.47 42.60
C VAL A 196 -10.93 21.54 43.75
N LEU A 197 -11.61 22.06 44.75
CA LEU A 197 -12.11 21.21 45.81
C LEU A 197 -13.52 20.79 45.36
N ALA A 198 -13.71 19.50 45.18
CA ALA A 198 -14.99 19.03 44.70
C ALA A 198 -15.62 18.08 45.68
N ALA A 199 -16.93 17.88 45.56
CA ALA A 199 -17.65 16.94 46.40
C ALA A 199 -19.00 16.57 45.80
N ALA A 200 -19.53 15.42 46.19
CA ALA A 200 -20.86 14.99 45.72
C ALA A 200 -21.50 14.08 46.75
N GLY A 201 -22.75 14.37 47.10
CA GLY A 201 -23.52 13.56 48.04
C GLY A 201 -24.35 14.31 49.08
N GLY A 202 -24.41 13.75 50.27
CA GLY A 202 -25.17 14.34 51.35
C GLY A 202 -24.39 15.41 52.07
N LEU A 203 -24.29 16.58 51.45
CA LEU A 203 -23.63 17.70 52.10
C LEU A 203 -24.28 18.99 51.62
N GLU A 204 -24.12 20.06 52.38
CA GLU A 204 -24.60 21.35 51.90
C GLU A 204 -23.40 22.19 51.43
N HIS A 205 -23.53 22.81 50.26
CA HIS A 205 -22.45 23.61 49.68
C HIS A 205 -21.83 24.64 50.66
N ARG A 206 -22.66 25.13 51.59
CA ARG A 206 -22.21 26.06 52.64
C ARG A 206 -21.10 25.37 53.45
N GLN A 207 -21.40 24.16 53.93
CA GLN A 207 -20.46 23.35 54.70
C GLN A 207 -19.14 23.23 53.96
N LEU A 208 -19.24 22.81 52.70
CA LEU A 208 -18.07 22.66 51.84
C LEU A 208 -17.29 23.96 51.87
N LEU A 209 -17.99 25.07 51.61
CA LEU A 209 -17.32 26.38 51.60
C LEU A 209 -16.66 26.68 52.95
N ASP A 210 -17.39 26.49 54.05
CA ASP A 210 -16.83 26.73 55.38
C ASP A 210 -15.47 26.05 55.48
N LEU A 211 -15.46 24.76 55.14
CA LEU A 211 -14.25 23.95 55.19
C LEU A 211 -13.12 24.41 54.25
N ALA A 212 -13.47 24.76 53.02
CA ALA A 212 -12.47 25.21 52.06
C ALA A 212 -11.76 26.42 52.67
N GLN A 213 -12.53 27.38 53.20
CA GLN A 213 -11.91 28.50 53.90
C GLN A 213 -11.14 28.03 55.13
N LYS A 214 -11.70 27.10 55.89
CA LYS A 214 -11.06 26.64 57.11
C LYS A 214 -9.69 25.97 56.93
N HIS A 215 -9.57 25.00 56.04
CA HIS A 215 -8.28 24.30 55.89
C HIS A 215 -7.47 24.55 54.61
N PHE A 216 -8.01 25.29 53.65
CA PHE A 216 -7.26 25.58 52.42
C PHE A 216 -6.95 27.06 52.33
N SER A 217 -7.17 27.77 53.43
CA SER A 217 -6.90 29.18 53.48
C SER A 217 -5.42 29.40 53.69
N GLY A 218 -4.80 30.09 52.75
CA GLY A 218 -3.39 30.38 52.87
C GLY A 218 -2.49 29.70 51.87
N LEU A 219 -2.92 29.66 50.61
CA LEU A 219 -2.06 29.16 49.54
C LEU A 219 -1.64 30.33 48.65
N SER A 220 -2.22 30.45 47.45
CA SER A 220 -1.89 31.57 46.56
C SER A 220 -2.24 33.03 47.01
N GLY A 221 -2.54 33.21 48.30
CA GLY A 221 -2.81 34.53 48.86
C GLY A 221 -1.58 35.39 48.67
N THR A 222 -0.55 35.16 49.49
CA THR A 222 0.75 35.84 49.33
C THR A 222 1.55 34.88 48.46
N TYR A 223 1.26 34.90 47.15
CA TYR A 223 1.89 33.99 46.20
C TYR A 223 1.88 34.60 44.81
N ASP A 224 0.82 34.26 44.04
CA ASP A 224 0.68 34.62 42.62
C ASP A 224 1.98 34.98 41.88
N GLU A 225 2.00 36.17 41.28
CA GLU A 225 3.20 36.74 40.64
C GLU A 225 4.02 35.91 39.63
N ASP A 226 5.34 36.09 39.67
CA ASP A 226 6.24 35.49 38.69
C ASP A 226 6.66 34.01 38.85
N ALA A 227 6.77 33.34 37.70
CA ALA A 227 7.14 31.92 37.51
C ALA A 227 5.97 30.97 37.22
N VAL A 228 4.87 31.50 36.65
CA VAL A 228 3.70 30.67 36.32
C VAL A 228 3.47 30.56 34.81
N PRO A 229 3.98 29.50 34.18
CA PRO A 229 3.84 29.33 32.73
C PRO A 229 2.49 28.75 32.30
N THR A 230 2.19 28.96 31.02
CA THR A 230 1.00 28.40 30.36
C THR A 230 1.52 27.18 29.61
N LEU A 231 0.60 26.35 29.11
CA LEU A 231 1.01 25.21 28.32
C LEU A 231 1.10 25.60 26.86
N SER A 232 2.18 25.17 26.22
CA SER A 232 2.37 25.41 24.82
C SER A 232 1.67 24.27 24.09
N PRO A 233 1.08 24.57 22.96
CA PRO A 233 0.42 23.55 22.15
C PRO A 233 1.37 22.43 21.77
N CYS A 234 0.83 21.24 21.57
CA CYS A 234 1.69 20.14 21.22
C CYS A 234 1.49 19.74 19.76
N ARG A 235 2.58 19.70 19.02
CA ARG A 235 2.51 19.29 17.64
C ARG A 235 2.16 17.80 17.52
N PHE A 236 1.10 17.49 16.77
CA PHE A 236 0.73 16.10 16.45
C PHE A 236 1.54 15.77 15.21
N THR A 237 2.11 14.57 15.17
CA THR A 237 2.98 14.26 14.04
C THR A 237 2.44 13.33 12.96
N GLY A 238 1.83 12.22 13.31
CA GLY A 238 1.32 11.39 12.24
C GLY A 238 2.48 10.58 11.75
N SER A 239 2.61 9.43 12.37
CA SER A 239 3.77 8.60 12.15
C SER A 239 3.44 7.20 12.64
N GLN A 240 4.47 6.40 12.80
CA GLN A 240 4.27 5.02 13.19
C GLN A 240 5.36 4.53 14.11
N ILE A 241 4.98 3.74 15.10
CA ILE A 241 5.95 3.10 15.97
C ILE A 241 5.59 1.62 16.14
N CYS A 242 6.37 0.78 15.51
CA CYS A 242 6.13 -0.66 15.53
C CYS A 242 7.16 -1.36 16.33
N HIS A 243 6.75 -1.88 17.49
CA HIS A 243 7.63 -2.68 18.33
C HIS A 243 7.37 -4.17 18.03
N ARG A 244 8.16 -4.73 17.15
CA ARG A 244 7.99 -6.11 16.75
C ARG A 244 8.50 -7.13 17.79
N GLU A 245 7.63 -8.06 18.19
CA GLU A 245 7.97 -9.06 19.19
C GLU A 245 7.09 -10.29 18.95
N ASP A 246 7.59 -11.24 18.15
CA ASP A 246 6.88 -12.47 17.87
C ASP A 246 6.72 -13.44 19.04
N GLY A 247 7.32 -13.12 20.17
CA GLY A 247 7.16 -13.92 21.38
C GLY A 247 5.82 -13.73 22.07
N LEU A 248 5.13 -12.62 21.82
CA LEU A 248 3.82 -12.36 22.43
C LEU A 248 2.82 -13.05 21.52
N PRO A 249 1.68 -13.52 22.03
CA PRO A 249 0.77 -14.29 21.16
C PRO A 249 -0.34 -13.49 20.50
N LEU A 250 -0.63 -12.28 20.93
CA LEU A 250 -1.63 -11.46 20.22
C LEU A 250 -1.05 -10.08 19.98
N ALA A 251 -1.38 -9.48 18.84
CA ALA A 251 -0.88 -8.18 18.51
C ALA A 251 -1.76 -7.11 19.02
N HIS A 252 -1.16 -6.03 19.48
CA HIS A 252 -1.91 -4.84 19.87
C HIS A 252 -1.61 -3.75 18.85
N VAL A 253 -2.65 -3.06 18.40
CA VAL A 253 -2.51 -2.00 17.42
C VAL A 253 -3.37 -0.82 17.87
N ALA A 254 -2.85 0.39 17.75
CA ALA A 254 -3.59 1.59 18.13
C ALA A 254 -3.34 2.68 17.11
N ILE A 255 -4.39 3.02 16.37
CA ILE A 255 -4.32 4.06 15.37
C ILE A 255 -5.23 5.23 15.75
N ALA A 256 -4.79 6.45 15.45
CA ALA A 256 -5.59 7.62 15.73
C ALA A 256 -5.17 8.83 14.88
N VAL A 257 -6.13 9.74 14.67
CA VAL A 257 -5.85 11.01 14.00
C VAL A 257 -5.86 12.09 15.07
N GLU A 258 -5.47 13.29 14.73
CA GLU A 258 -5.47 14.33 15.74
C GLU A 258 -6.86 14.89 16.09
N GLY A 259 -7.19 14.84 17.37
CA GLY A 259 -8.47 15.34 17.85
C GLY A 259 -8.38 16.78 18.27
N PRO A 260 -9.53 17.45 18.34
CA PRO A 260 -9.56 18.87 18.63
C PRO A 260 -9.22 19.28 20.03
N GLY A 261 -9.58 18.48 21.02
CA GLY A 261 -9.31 18.84 22.39
C GLY A 261 -10.54 19.20 23.20
N TRP A 262 -10.41 19.08 24.51
CA TRP A 262 -11.46 19.36 25.47
C TRP A 262 -12.61 20.24 25.07
N ALA A 263 -12.32 21.51 24.87
CA ALA A 263 -13.36 22.51 24.68
C ALA A 263 -14.19 22.52 23.41
N HIS A 264 -13.66 21.92 22.35
CA HIS A 264 -14.30 21.93 21.04
C HIS A 264 -15.65 21.22 21.00
N PRO A 265 -16.71 21.95 20.61
CA PRO A 265 -18.09 21.41 20.55
C PRO A 265 -18.19 20.18 19.66
N ASP A 266 -17.28 20.11 18.68
CA ASP A 266 -17.11 19.03 17.73
C ASP A 266 -16.99 17.66 18.39
N ASN A 267 -16.66 17.65 19.68
CA ASN A 267 -16.45 16.43 20.42
C ASN A 267 -17.66 15.57 20.52
N VAL A 268 -18.83 16.22 20.66
CA VAL A 268 -20.06 15.46 20.77
C VAL A 268 -20.29 14.62 19.52
N ALA A 269 -20.25 15.24 18.34
CA ALA A 269 -20.45 14.51 17.09
C ALA A 269 -19.42 13.38 16.91
N LEU A 270 -18.18 13.67 17.31
CA LEU A 270 -17.10 12.71 17.21
C LEU A 270 -17.44 11.52 18.06
N GLN A 271 -17.96 11.79 19.25
CA GLN A 271 -18.35 10.74 20.18
C GLN A 271 -19.52 9.88 19.69
N VAL A 272 -20.41 10.47 18.88
CA VAL A 272 -21.54 9.76 18.32
C VAL A 272 -21.10 8.77 17.22
N ALA A 273 -20.16 9.19 16.39
CA ALA A 273 -19.67 8.34 15.32
C ALA A 273 -18.93 7.16 15.92
N ASN A 274 -18.17 7.44 16.98
CA ASN A 274 -17.41 6.42 17.70
C ASN A 274 -18.41 5.39 18.22
N ALA A 275 -19.41 5.86 18.96
CA ALA A 275 -20.50 5.02 19.45
C ALA A 275 -21.07 4.09 18.34
N ILE A 276 -21.21 4.61 17.12
CA ILE A 276 -21.69 3.82 16.00
C ILE A 276 -20.67 2.70 15.70
N ILE A 277 -19.39 3.01 15.73
CA ILE A 277 -18.41 1.94 15.52
C ILE A 277 -18.35 1.07 16.81
N GLY A 278 -18.29 1.75 17.95
CA GLY A 278 -18.33 1.09 19.25
C GLY A 278 -17.17 0.24 19.69
N HIS A 279 -17.50 -0.85 20.33
CA HIS A 279 -16.47 -1.73 20.83
C HIS A 279 -16.80 -3.20 20.66
N TYR A 280 -15.86 -4.04 21.00
CA TYR A 280 -16.12 -5.46 20.88
C TYR A 280 -15.13 -6.17 21.75
N ASP A 281 -15.57 -7.31 22.24
CA ASP A 281 -14.77 -8.12 23.07
C ASP A 281 -15.29 -9.51 22.85
N CYS A 282 -14.41 -10.51 22.92
CA CYS A 282 -14.84 -11.84 22.62
C CYS A 282 -15.84 -12.44 23.55
N THR A 283 -16.13 -11.79 24.69
CA THR A 283 -17.14 -12.35 25.59
C THR A 283 -18.49 -11.69 25.39
N TYR A 284 -18.64 -10.92 24.32
CA TYR A 284 -19.89 -10.25 24.08
C TYR A 284 -20.88 -11.25 23.62
N GLY A 285 -22.08 -11.17 24.18
CA GLY A 285 -23.17 -12.01 23.76
C GLY A 285 -23.66 -11.34 22.50
N GLY A 286 -24.15 -12.12 21.57
CA GLY A 286 -24.58 -11.50 20.34
C GLY A 286 -23.33 -11.10 19.54
N GLY A 287 -23.04 -11.83 18.47
CA GLY A 287 -21.90 -11.50 17.68
C GLY A 287 -22.36 -11.05 16.32
N ALA A 288 -22.90 -11.98 15.56
CA ALA A 288 -23.29 -11.71 14.19
C ALA A 288 -24.41 -10.67 14.04
N HIS A 289 -25.20 -10.52 15.09
CA HIS A 289 -26.35 -9.64 15.01
C HIS A 289 -26.09 -8.27 15.55
N LEU A 290 -24.84 -8.01 15.94
CA LEU A 290 -24.53 -6.70 16.50
C LEU A 290 -24.77 -5.61 15.47
N SER A 291 -25.15 -4.43 15.93
CA SER A 291 -25.43 -3.32 15.02
C SER A 291 -24.16 -2.88 14.30
N SER A 292 -23.13 -2.48 15.04
CA SER A 292 -21.89 -2.05 14.44
C SER A 292 -21.36 -3.07 13.44
N PRO A 293 -21.23 -2.64 12.18
CA PRO A 293 -20.65 -3.48 11.12
C PRO A 293 -19.25 -3.94 11.50
N LEU A 294 -18.46 -3.06 12.11
CA LEU A 294 -17.12 -3.47 12.53
C LEU A 294 -17.23 -4.71 13.45
N ALA A 295 -17.94 -4.52 14.56
CA ALA A 295 -18.17 -5.53 15.54
C ALA A 295 -18.73 -6.80 14.98
N SER A 296 -19.70 -6.65 14.12
CA SER A 296 -20.37 -7.81 13.57
C SER A 296 -19.44 -8.59 12.65
N ILE A 297 -18.78 -7.88 11.73
CA ILE A 297 -17.87 -8.56 10.83
C ILE A 297 -16.74 -9.14 11.70
N ALA A 298 -16.31 -8.36 12.70
CA ALA A 298 -15.25 -8.80 13.57
C ALA A 298 -15.64 -10.08 14.26
N ALA A 299 -16.85 -10.11 14.78
CA ALA A 299 -17.29 -11.28 15.51
C ALA A 299 -17.48 -12.47 14.59
N THR A 300 -18.07 -12.23 13.42
CA THR A 300 -18.35 -13.30 12.48
C THR A 300 -17.12 -13.99 11.91
N ASN A 301 -16.15 -13.19 11.45
CA ASN A 301 -14.94 -13.76 10.91
C ASN A 301 -13.81 -13.97 11.93
N LYS A 302 -14.11 -13.77 13.21
CA LYS A 302 -13.16 -13.91 14.31
C LYS A 302 -11.90 -13.16 13.96
N LEU A 303 -12.04 -11.85 13.71
CA LEU A 303 -10.94 -11.00 13.27
C LEU A 303 -10.22 -10.37 14.40
N CYS A 304 -10.68 -10.61 15.62
CA CYS A 304 -10.02 -10.05 16.79
C CYS A 304 -10.57 -10.59 18.06
N GLN A 305 -9.93 -10.19 19.15
CA GLN A 305 -10.33 -10.59 20.49
C GLN A 305 -11.05 -9.39 21.14
N SER A 306 -10.71 -8.19 20.68
CA SER A 306 -11.34 -7.01 21.22
C SER A 306 -10.97 -5.78 20.44
N PHE A 307 -11.82 -4.78 20.50
CA PHE A 307 -11.50 -3.49 19.92
C PHE A 307 -12.29 -2.44 20.63
N GLN A 308 -11.83 -1.21 20.53
CA GLN A 308 -12.50 -0.11 21.20
C GLN A 308 -12.16 1.15 20.50
N THR A 309 -13.16 2.00 20.31
CA THR A 309 -12.91 3.30 19.77
C THR A 309 -12.61 4.18 20.96
N PHE A 310 -12.07 5.36 20.72
CA PHE A 310 -11.73 6.27 21.82
C PHE A 310 -11.54 7.66 21.29
N ASN A 311 -11.55 8.61 22.21
CA ASN A 311 -11.38 10.01 21.91
C ASN A 311 -10.73 10.60 23.18
N ILE A 312 -9.41 10.63 23.18
CA ILE A 312 -8.67 11.12 24.31
C ILE A 312 -8.49 12.61 24.12
N CYS A 313 -8.98 13.40 25.07
CA CYS A 313 -8.92 14.86 24.97
C CYS A 313 -7.84 15.51 25.81
N TYR A 314 -7.07 16.38 25.18
CA TYR A 314 -6.08 17.16 25.88
C TYR A 314 -6.39 18.57 25.45
N ALA A 315 -5.80 19.56 26.11
CA ALA A 315 -6.04 20.94 25.71
C ALA A 315 -5.55 21.18 24.28
N ASP A 316 -6.49 21.56 23.42
CA ASP A 316 -6.21 21.90 22.02
C ASP A 316 -5.84 20.77 21.08
N THR A 317 -5.60 19.58 21.63
CA THR A 317 -5.30 18.43 20.82
C THR A 317 -5.86 17.17 21.42
N GLY A 318 -5.69 16.07 20.71
CA GLY A 318 -6.22 14.83 21.20
C GLY A 318 -5.91 13.70 20.28
N LEU A 319 -6.24 12.50 20.75
CA LEU A 319 -6.09 11.31 19.95
C LEU A 319 -7.50 10.77 19.63
N LEU A 320 -7.77 10.58 18.35
CA LEU A 320 -9.07 10.08 17.97
C LEU A 320 -8.85 8.85 17.17
N GLY A 321 -9.34 7.73 17.64
CA GLY A 321 -9.15 6.49 16.89
C GLY A 321 -9.73 5.23 17.51
N ALA A 322 -9.00 4.13 17.37
CA ALA A 322 -9.45 2.85 17.87
C ALA A 322 -8.23 2.03 18.24
N HIS A 323 -8.43 1.03 19.09
CA HIS A 323 -7.33 0.13 19.48
C HIS A 323 -7.89 -1.24 19.31
N PHE A 324 -7.03 -2.20 18.99
CA PHE A 324 -7.51 -3.57 18.86
C PHE A 324 -6.46 -4.63 19.20
N VAL A 325 -6.96 -5.84 19.48
CA VAL A 325 -6.13 -6.98 19.83
C VAL A 325 -6.50 -8.14 18.94
N CYS A 326 -5.52 -8.72 18.24
CA CYS A 326 -5.88 -9.82 17.36
C CYS A 326 -4.72 -10.79 17.06
N ASP A 327 -5.04 -11.86 16.35
CA ASP A 327 -4.09 -12.88 15.96
C ASP A 327 -3.18 -12.25 14.93
N HIS A 328 -1.99 -12.84 14.76
CA HIS A 328 -1.00 -12.34 13.79
C HIS A 328 -1.47 -12.33 12.36
N MET A 329 -2.36 -13.24 11.97
CA MET A 329 -2.86 -13.24 10.62
C MET A 329 -4.13 -12.46 10.43
N SER A 330 -4.51 -11.60 11.39
CA SER A 330 -5.75 -10.86 11.22
C SER A 330 -5.59 -9.39 11.26
N ILE A 331 -4.36 -8.93 11.41
CA ILE A 331 -4.13 -7.51 11.58
C ILE A 331 -4.55 -6.74 10.38
N ASP A 332 -4.16 -7.24 9.21
CA ASP A 332 -4.54 -6.61 7.95
C ASP A 332 -6.05 -6.43 7.86
N ASP A 333 -6.77 -7.55 7.92
CA ASP A 333 -8.23 -7.50 7.79
C ASP A 333 -8.87 -6.54 8.77
N MET A 334 -8.42 -6.57 10.01
CA MET A 334 -9.00 -5.72 11.03
C MET A 334 -8.84 -4.24 10.67
N MET A 335 -7.63 -3.89 10.21
CA MET A 335 -7.28 -2.55 9.79
C MET A 335 -8.17 -2.09 8.64
N PHE A 336 -8.31 -2.96 7.65
CA PHE A 336 -9.16 -2.69 6.51
C PHE A 336 -10.58 -2.36 6.90
N VAL A 337 -11.15 -3.16 7.79
CA VAL A 337 -12.53 -2.95 8.20
C VAL A 337 -12.73 -1.67 9.03
N LEU A 338 -11.84 -1.45 9.99
CA LEU A 338 -11.90 -0.27 10.80
C LEU A 338 -11.90 1.00 9.90
N GLN A 339 -10.95 1.05 8.98
CA GLN A 339 -10.82 2.18 8.10
C GLN A 339 -12.04 2.35 7.19
N GLY A 340 -12.54 1.21 6.73
CA GLY A 340 -13.72 1.20 5.89
C GLY A 340 -14.85 1.91 6.59
N GLN A 341 -14.99 1.67 7.89
CA GLN A 341 -16.04 2.31 8.66
C GLN A 341 -15.86 3.81 8.83
N TRP A 342 -14.64 4.26 9.12
CA TRP A 342 -14.40 5.70 9.20
C TRP A 342 -14.79 6.37 7.87
N MET A 343 -14.29 5.81 6.77
CA MET A 343 -14.56 6.35 5.45
C MET A 343 -16.05 6.42 5.17
N ARG A 344 -16.73 5.32 5.48
CA ARG A 344 -18.16 5.21 5.27
C ARG A 344 -18.88 6.30 6.02
N LEU A 345 -18.47 6.50 7.28
CA LEU A 345 -19.11 7.48 8.10
C LEU A 345 -18.80 8.87 7.57
N CYS A 346 -17.56 9.08 7.12
CA CYS A 346 -17.16 10.36 6.53
C CYS A 346 -18.01 10.71 5.31
N THR A 347 -18.24 9.72 4.44
CA THR A 347 -18.94 9.94 3.17
C THR A 347 -20.40 9.62 3.15
N SER A 348 -20.85 8.66 3.97
CA SER A 348 -22.25 8.21 3.90
C SER A 348 -23.04 7.76 5.15
N ALA A 349 -22.73 8.32 6.31
CA ALA A 349 -23.49 8.01 7.51
C ALA A 349 -24.98 8.12 7.20
N THR A 350 -25.74 7.06 7.47
CA THR A 350 -27.18 7.06 7.24
C THR A 350 -27.79 7.69 8.51
N GLU A 351 -29.06 8.09 8.44
CA GLU A 351 -29.70 8.76 9.56
C GLU A 351 -30.06 7.87 10.77
N SER A 352 -30.44 6.63 10.48
CA SER A 352 -30.86 5.71 11.49
C SER A 352 -29.76 5.41 12.50
N GLU A 353 -28.57 5.10 11.99
CA GLU A 353 -27.43 4.78 12.85
C GLU A 353 -26.97 5.92 13.75
N VAL A 354 -27.19 7.16 13.32
CA VAL A 354 -26.79 8.30 14.14
C VAL A 354 -27.67 8.42 15.39
N LEU A 355 -28.90 7.95 15.28
CA LEU A 355 -29.79 7.95 16.43
C LEU A 355 -29.32 6.87 17.42
N ARG A 356 -28.78 5.77 16.90
CA ARG A 356 -28.27 4.73 17.77
C ARG A 356 -27.09 5.29 18.54
N GLY A 357 -26.13 5.81 17.80
CA GLY A 357 -24.97 6.40 18.41
C GLY A 357 -25.38 7.45 19.44
N LYS A 358 -26.40 8.25 19.12
CA LYS A 358 -26.82 9.27 20.05
C LYS A 358 -27.36 8.62 21.31
N ASN A 359 -28.26 7.66 21.13
CA ASN A 359 -28.84 6.94 22.25
C ASN A 359 -27.76 6.27 23.11
N LEU A 360 -26.77 5.67 22.46
CA LEU A 360 -25.67 5.06 23.15
C LEU A 360 -24.97 6.08 24.07
N LEU A 361 -24.76 7.28 23.56
CA LEU A 361 -24.09 8.32 24.32
C LEU A 361 -24.93 8.82 25.52
N ARG A 362 -26.22 9.11 25.29
CA ARG A 362 -27.09 9.51 26.39
C ARG A 362 -27.06 8.41 27.48
N ASN A 363 -27.18 7.13 27.08
CA ASN A 363 -27.10 6.03 28.04
C ASN A 363 -25.74 5.93 28.72
N ALA A 364 -24.66 6.20 27.99
CA ALA A 364 -23.34 6.11 28.58
C ALA A 364 -23.14 7.24 29.58
N LEU A 365 -23.55 8.44 29.22
CA LEU A 365 -23.37 9.60 30.06
C LEU A 365 -24.10 9.46 31.37
N VAL A 366 -25.37 9.16 31.25
CA VAL A 366 -26.21 9.07 32.40
C VAL A 366 -25.84 7.87 33.25
N SER A 367 -25.43 6.79 32.60
CA SER A 367 -25.06 5.58 33.32
C SER A 367 -23.73 5.81 34.04
N HIS A 368 -22.88 6.63 33.43
CA HIS A 368 -21.59 6.95 34.03
C HIS A 368 -21.72 7.91 35.19
N LEU A 369 -22.65 8.85 35.12
CA LEU A 369 -22.77 9.77 36.25
C LEU A 369 -23.62 9.18 37.37
N ASP A 370 -23.22 8.01 37.84
CA ASP A 370 -24.01 7.28 38.82
C ASP A 370 -23.20 6.87 40.05
N GLY A 371 -23.46 7.57 41.15
CA GLY A 371 -22.74 7.34 42.39
C GLY A 371 -21.88 8.56 42.64
N THR A 372 -21.60 8.87 43.90
CA THR A 372 -20.85 10.08 44.23
C THR A 372 -19.48 10.24 43.55
N THR A 373 -18.69 9.18 43.57
CA THR A 373 -17.37 9.24 42.99
C THR A 373 -17.30 9.77 41.58
N PRO A 374 -17.97 9.11 40.62
CA PRO A 374 -17.96 9.59 39.24
C PRO A 374 -18.45 11.05 39.09
N VAL A 375 -19.37 11.47 39.96
CA VAL A 375 -19.91 12.79 39.88
C VAL A 375 -18.93 13.84 40.41
N CYS A 376 -18.24 13.48 41.50
CA CYS A 376 -17.27 14.36 42.11
C CYS A 376 -16.14 14.53 41.14
N GLU A 377 -15.81 13.44 40.45
CA GLU A 377 -14.75 13.45 39.48
C GLU A 377 -15.18 14.26 38.29
N ASP A 378 -16.47 14.29 38.04
CA ASP A 378 -16.91 15.08 36.93
C ASP A 378 -16.94 16.55 37.26
N ILE A 379 -17.18 16.89 38.51
CA ILE A 379 -17.22 18.26 38.92
C ILE A 379 -15.80 18.81 38.86
N GLY A 380 -14.89 18.07 39.48
CA GLY A 380 -13.49 18.48 39.55
C GLY A 380 -12.84 18.60 38.20
N ARG A 381 -13.05 17.61 37.33
CA ARG A 381 -12.44 17.66 36.02
C ARG A 381 -13.08 18.76 35.21
N SER A 382 -14.40 18.84 35.25
CA SER A 382 -15.11 19.82 34.44
C SER A 382 -14.70 21.21 34.74
N LEU A 383 -14.47 21.52 36.00
CA LEU A 383 -14.06 22.87 36.33
C LEU A 383 -12.67 23.17 35.82
N LEU A 384 -11.83 22.14 35.78
CA LEU A 384 -10.48 22.31 35.30
C LEU A 384 -10.46 22.42 33.77
N THR A 385 -11.43 21.80 33.10
CA THR A 385 -11.42 21.81 31.65
C THR A 385 -12.49 22.63 30.91
N TYR A 386 -13.57 22.99 31.59
CA TYR A 386 -14.64 23.78 30.95
C TYR A 386 -14.77 25.09 31.70
N GLY A 387 -14.24 25.10 32.92
CA GLY A 387 -14.38 26.27 33.76
C GLY A 387 -15.79 26.28 34.32
N ARG A 388 -16.70 25.55 33.67
CA ARG A 388 -18.09 25.43 34.13
C ARG A 388 -18.36 23.97 34.42
N ARG A 389 -19.60 23.68 34.77
CA ARG A 389 -20.04 22.31 34.96
C ARG A 389 -21.20 22.19 33.97
N ILE A 390 -21.03 21.38 32.94
CA ILE A 390 -22.06 21.26 31.93
C ILE A 390 -23.26 20.36 32.30
N PRO A 391 -24.40 20.99 32.55
CA PRO A 391 -25.59 20.26 33.00
C PRO A 391 -26.03 19.27 31.96
N LEU A 392 -26.41 18.07 32.41
CA LEU A 392 -26.88 17.03 31.51
C LEU A 392 -27.82 17.60 30.44
N ALA A 393 -28.75 18.45 30.86
CA ALA A 393 -29.69 19.07 29.94
C ALA A 393 -28.98 19.67 28.70
N GLU A 394 -27.81 20.28 28.90
CA GLU A 394 -27.03 20.81 27.79
C GLU A 394 -26.34 19.73 26.94
N TRP A 395 -25.76 18.72 27.58
CA TRP A 395 -25.17 17.66 26.80
C TRP A 395 -26.24 17.01 25.93
N GLU A 396 -27.45 16.88 26.48
CA GLU A 396 -28.53 16.27 25.72
C GLU A 396 -28.81 17.12 24.53
N SER A 397 -28.92 18.42 24.79
CA SER A 397 -29.17 19.39 23.75
C SER A 397 -28.12 19.23 22.66
N ARG A 398 -26.85 19.16 23.05
CA ARG A 398 -25.75 18.93 22.11
C ARG A 398 -25.83 17.60 21.37
N ILE A 399 -26.13 16.53 22.09
CA ILE A 399 -26.32 15.26 21.43
C ILE A 399 -27.47 15.41 20.45
N ALA A 400 -28.62 15.89 20.94
CA ALA A 400 -29.84 16.05 20.14
C ALA A 400 -29.56 16.66 18.79
N GLU A 401 -28.79 17.76 18.77
CA GLU A 401 -28.40 18.49 17.53
C GLU A 401 -27.66 17.68 16.47
N VAL A 402 -27.01 16.59 16.86
CA VAL A 402 -26.31 15.79 15.88
C VAL A 402 -27.31 14.99 15.03
N ASP A 403 -27.15 15.04 13.72
CA ASP A 403 -27.89 14.20 12.81
C ASP A 403 -26.83 13.67 11.81
N ALA A 404 -27.24 12.92 10.80
CA ALA A 404 -26.29 12.34 9.86
C ALA A 404 -25.33 13.32 9.19
N ARG A 405 -25.87 14.39 8.61
CA ARG A 405 -25.05 15.42 7.95
C ARG A 405 -23.91 15.84 8.83
N VAL A 406 -24.23 16.11 10.10
CA VAL A 406 -23.23 16.54 11.07
C VAL A 406 -22.18 15.47 11.22
N VAL A 407 -22.63 14.21 11.27
CA VAL A 407 -21.66 13.13 11.45
C VAL A 407 -20.68 13.05 10.30
N ARG A 408 -21.21 13.04 9.08
CA ARG A 408 -20.33 12.92 7.94
C ARG A 408 -19.55 14.17 7.66
N GLU A 409 -20.01 15.28 8.19
CA GLU A 409 -19.30 16.51 8.03
C GLU A 409 -18.15 16.45 9.04
N VAL A 410 -18.47 16.35 10.33
CA VAL A 410 -17.48 16.33 11.40
C VAL A 410 -16.48 15.18 11.31
N CYS A 411 -16.94 14.01 10.88
CA CYS A 411 -15.99 12.93 10.71
C CYS A 411 -15.01 13.23 9.58
N SER A 412 -15.51 13.86 8.51
CA SER A 412 -14.65 14.17 7.37
C SER A 412 -13.52 15.12 7.74
N LYS A 413 -13.86 16.15 8.51
CA LYS A 413 -12.89 17.13 8.98
C LYS A 413 -11.67 16.46 9.67
N TYR A 414 -11.93 15.48 10.55
CA TYR A 414 -10.84 14.83 11.31
C TYR A 414 -10.31 13.55 10.72
N PHE A 415 -11.13 12.79 10.03
CA PHE A 415 -10.67 11.52 9.48
C PHE A 415 -10.30 11.58 8.02
N TYR A 416 -11.20 12.13 7.19
CA TYR A 416 -10.94 12.15 5.74
C TYR A 416 -9.60 12.73 5.29
N ASP A 417 -8.82 11.84 4.66
CA ASP A 417 -7.50 12.11 4.11
C ASP A 417 -6.57 12.77 5.09
N GLN A 418 -6.46 12.17 6.27
CA GLN A 418 -5.58 12.71 7.29
C GLN A 418 -4.55 11.65 7.66
N CYS A 419 -3.40 12.09 8.18
CA CYS A 419 -2.34 11.16 8.50
C CYS A 419 -2.57 10.66 9.90
N PRO A 420 -2.59 9.35 10.05
CA PRO A 420 -2.75 8.73 11.35
C PRO A 420 -1.46 8.70 12.16
N ALA A 421 -1.59 8.45 13.45
CA ALA A 421 -0.46 8.16 14.32
C ALA A 421 -0.70 6.70 14.56
N VAL A 422 0.24 5.83 14.18
CA VAL A 422 0.02 4.38 14.36
C VAL A 422 1.00 3.75 15.37
N ALA A 423 0.50 2.95 16.32
CA ALA A 423 1.39 2.28 17.28
C ALA A 423 1.16 0.78 17.29
N GLY A 424 2.22 0.03 16.99
CA GLY A 424 2.10 -1.43 16.89
C GLY A 424 3.01 -2.20 17.82
N PHE A 425 2.45 -3.23 18.47
CA PHE A 425 3.22 -4.04 19.43
C PHE A 425 2.77 -5.49 19.31
N GLY A 426 3.69 -6.43 19.44
CA GLY A 426 3.31 -7.82 19.32
C GLY A 426 3.86 -8.44 18.07
N PRO A 427 3.17 -9.44 17.55
CA PRO A 427 3.56 -10.09 16.30
C PRO A 427 2.92 -9.34 15.14
N ILE A 428 3.58 -8.25 14.77
CA ILE A 428 3.03 -7.33 13.81
C ILE A 428 3.53 -7.43 12.39
N GLU A 429 4.04 -8.59 11.98
CA GLU A 429 4.52 -8.76 10.61
C GLU A 429 3.50 -8.34 9.58
N GLN A 430 2.24 -8.50 9.88
CA GLN A 430 1.25 -8.14 8.92
C GLN A 430 0.58 -6.78 9.10
N LEU A 431 1.03 -6.02 10.11
CA LEU A 431 0.56 -4.63 10.27
C LEU A 431 0.89 -3.97 8.93
N PRO A 432 -0.13 -3.42 8.27
CA PRO A 432 0.06 -2.84 6.93
C PRO A 432 1.10 -1.75 6.94
N ASP A 433 1.74 -1.52 5.80
CA ASP A 433 2.75 -0.48 5.71
C ASP A 433 2.06 0.88 5.93
N TYR A 434 2.76 1.85 6.50
CA TYR A 434 2.17 3.14 6.75
C TYR A 434 1.54 3.73 5.49
N ASN A 435 2.25 3.69 4.37
CA ASN A 435 1.73 4.25 3.12
C ASN A 435 0.37 3.72 2.86
N ARG A 436 0.21 2.41 3.05
CA ARG A 436 -1.07 1.76 2.85
C ARG A 436 -2.11 2.04 3.94
N ILE A 437 -1.65 2.30 5.15
CA ILE A 437 -2.56 2.69 6.20
C ILE A 437 -3.05 4.12 5.87
N ARG A 438 -2.17 4.90 5.23
CA ARG A 438 -2.48 6.28 4.92
C ARG A 438 -3.41 6.34 3.72
N SER A 439 -3.18 5.44 2.78
CA SER A 439 -4.05 5.36 1.63
C SER A 439 -5.48 4.95 2.03
N GLY A 440 -5.61 4.14 3.07
CA GLY A 440 -6.92 3.75 3.57
C GLY A 440 -7.62 4.88 4.31
N MET A 441 -7.05 6.07 4.30
CA MET A 441 -7.66 7.20 5.01
C MET A 441 -8.44 8.09 4.08
N PHE A 442 -8.60 7.63 2.85
CA PHE A 442 -9.45 8.32 1.88
C PHE A 442 -9.85 7.24 0.91
N TRP A 443 -10.86 7.52 0.12
CA TRP A 443 -11.16 6.61 -0.94
C TRP A 443 -11.45 7.12 -2.31
N LEU A 444 -10.99 6.39 -3.31
CA LEU A 444 -11.11 6.79 -4.69
C LEU A 444 -12.53 6.99 -5.27
N ARG A 445 -13.57 6.38 -4.69
CA ARG A 445 -14.92 6.58 -5.22
C ARG A 445 -15.39 7.93 -4.84
N PHE A 446 -15.04 8.33 -3.62
CA PHE A 446 -15.46 9.63 -3.17
C PHE A 446 -14.56 10.69 -3.78
N VAL B 17 -30.21 21.78 46.38
CA VAL B 17 -31.47 21.35 47.06
C VAL B 17 -32.24 20.32 46.24
N PRO B 18 -31.94 19.04 46.41
CA PRO B 18 -32.67 17.98 45.68
C PRO B 18 -34.09 17.83 46.23
N PRO B 19 -35.00 17.24 45.44
CA PRO B 19 -36.37 17.00 45.94
C PRO B 19 -36.27 15.95 47.03
N HIS B 20 -37.28 15.83 47.89
CA HIS B 20 -37.22 14.76 48.91
C HIS B 20 -37.36 13.42 48.16
N PRO B 21 -36.63 12.39 48.60
CA PRO B 21 -36.63 11.11 47.90
C PRO B 21 -37.93 10.33 48.07
N GLN B 22 -38.12 9.32 47.25
CA GLN B 22 -39.28 8.46 47.39
C GLN B 22 -38.91 7.35 48.35
N ASP B 23 -39.90 6.52 48.67
CA ASP B 23 -39.67 5.34 49.47
C ASP B 23 -39.81 4.20 48.52
N LEU B 24 -39.06 3.14 48.74
CA LEU B 24 -39.17 1.96 47.93
C LEU B 24 -40.53 1.35 48.18
N GLU B 25 -41.18 0.83 47.15
CA GLU B 25 -42.44 0.16 47.37
C GLU B 25 -42.24 -1.35 47.20
N PHE B 26 -42.76 -2.12 48.14
CA PHE B 26 -42.57 -3.57 48.15
C PHE B 26 -43.90 -4.30 48.22
N THR B 27 -44.04 -5.39 47.46
CA THR B 27 -45.28 -6.16 47.45
C THR B 27 -45.04 -7.66 47.23
N ARG B 28 -45.66 -8.51 48.05
CA ARG B 28 -45.56 -9.95 47.86
C ARG B 28 -46.89 -10.45 47.27
N LEU B 29 -46.87 -10.84 46.01
CA LEU B 29 -48.06 -11.40 45.42
C LEU B 29 -48.30 -12.74 46.10
N PRO B 30 -49.57 -13.13 46.28
CA PRO B 30 -49.89 -14.40 46.95
C PRO B 30 -49.25 -15.63 46.30
N ASN B 31 -48.91 -15.57 45.02
CA ASN B 31 -48.22 -16.71 44.38
C ASN B 31 -46.74 -16.83 44.70
N GLY B 32 -46.24 -15.98 45.59
CA GLY B 32 -44.81 -16.04 45.97
C GLY B 32 -43.92 -14.93 45.42
N LEU B 33 -44.17 -14.47 44.19
CA LEU B 33 -43.44 -13.39 43.57
C LEU B 33 -43.34 -12.17 44.44
N VAL B 34 -42.22 -11.47 44.34
CA VAL B 34 -41.98 -10.23 45.06
C VAL B 34 -41.79 -9.08 44.06
N ILE B 35 -42.29 -7.90 44.36
CA ILE B 35 -42.07 -6.75 43.48
C ILE B 35 -41.52 -5.59 44.29
N ALA B 36 -40.48 -4.94 43.81
CA ALA B 36 -39.95 -3.80 44.54
C ALA B 36 -39.57 -2.72 43.57
N SER B 37 -39.98 -1.50 43.85
CA SER B 37 -39.67 -0.41 42.95
C SER B 37 -39.30 0.85 43.74
N LEU B 38 -38.44 1.67 43.12
CA LEU B 38 -38.05 2.96 43.68
C LEU B 38 -38.12 3.96 42.53
N GLU B 39 -38.76 5.11 42.77
CA GLU B 39 -38.82 6.13 41.78
C GLU B 39 -37.78 7.19 42.08
N ASN B 40 -36.52 6.88 41.76
CA ASN B 40 -35.45 7.86 41.79
C ASN B 40 -35.76 8.54 40.49
N TYR B 41 -35.99 9.83 40.46
CA TYR B 41 -36.38 10.40 39.17
C TYR B 41 -35.27 10.42 38.11
N ALA B 42 -34.48 9.35 38.09
CA ALA B 42 -33.36 9.17 37.21
C ALA B 42 -33.70 9.25 35.73
N PRO B 43 -32.77 9.77 34.94
CA PRO B 43 -32.91 9.76 33.50
C PRO B 43 -32.84 8.34 32.96
N ALA B 44 -32.35 7.38 33.74
CA ALA B 44 -32.28 6.01 33.25
C ALA B 44 -33.13 5.08 34.08
N SER B 45 -33.32 3.88 33.58
CA SER B 45 -34.10 2.91 34.30
C SER B 45 -33.37 1.61 34.41
N ARG B 46 -33.53 0.97 35.55
CA ARG B 46 -32.96 -0.33 35.76
C ARG B 46 -34.04 -1.32 36.16
N ILE B 47 -34.25 -2.34 35.33
CA ILE B 47 -35.20 -3.38 35.67
C ILE B 47 -34.46 -4.71 35.80
N GLY B 48 -34.64 -5.40 36.93
CA GLY B 48 -34.00 -6.68 37.10
C GLY B 48 -34.95 -7.78 37.55
N LEU B 49 -34.80 -8.98 36.99
CA LEU B 49 -35.58 -10.14 37.41
C LEU B 49 -34.62 -11.13 38.08
N PHE B 50 -34.76 -11.30 39.39
CA PHE B 50 -33.91 -12.17 40.17
C PHE B 50 -34.60 -13.49 40.39
N ILE B 51 -33.87 -14.59 40.17
CA ILE B 51 -34.39 -15.95 40.26
C ILE B 51 -33.49 -16.89 41.05
N LYS B 52 -34.08 -17.73 41.89
CA LYS B 52 -33.31 -18.71 42.61
C LYS B 52 -33.02 -19.83 41.68
N ALA B 53 -32.08 -19.59 40.77
CA ALA B 53 -31.72 -20.55 39.75
C ALA B 53 -30.21 -20.79 39.63
N GLY B 54 -29.45 -20.32 40.62
CA GLY B 54 -28.00 -20.45 40.68
C GLY B 54 -27.44 -21.85 40.52
N SER B 55 -26.13 -21.98 40.58
CA SER B 55 -25.48 -23.23 40.27
C SER B 55 -25.72 -24.30 41.23
N ARG B 56 -26.02 -23.95 42.47
CA ARG B 56 -26.38 -24.94 43.48
C ARG B 56 -27.62 -25.80 43.10
N TYR B 57 -28.39 -25.35 42.11
CA TYR B 57 -29.59 -26.07 41.64
C TYR B 57 -29.34 -27.11 40.55
N GLU B 58 -28.12 -27.11 40.06
CA GLU B 58 -27.73 -28.12 39.08
C GLU B 58 -27.48 -29.37 39.88
N ASN B 59 -27.53 -30.52 39.25
CA ASN B 59 -27.13 -31.74 39.96
C ASN B 59 -26.09 -32.44 39.09
N SER B 60 -25.59 -33.58 39.55
CA SER B 60 -24.53 -34.29 38.82
C SER B 60 -24.84 -34.72 37.41
N ASN B 61 -26.10 -34.72 37.00
CA ASN B 61 -26.37 -35.04 35.62
C ASN B 61 -26.49 -33.87 34.72
N ASN B 62 -26.46 -32.64 35.24
CA ASN B 62 -26.62 -31.50 34.37
C ASN B 62 -25.72 -30.33 34.66
N LEU B 63 -24.50 -30.59 35.11
CA LEU B 63 -23.60 -29.50 35.45
C LEU B 63 -23.32 -28.54 34.31
N GLY B 64 -23.22 -27.27 34.66
CA GLY B 64 -22.92 -26.25 33.66
C GLY B 64 -24.13 -25.79 32.90
N THR B 65 -25.28 -26.41 33.15
CA THR B 65 -26.47 -25.98 32.47
C THR B 65 -26.78 -24.52 32.73
N SER B 66 -26.63 -24.07 33.95
CA SER B 66 -26.94 -22.65 34.26
C SER B 66 -25.88 -21.69 33.77
N HIS B 67 -24.76 -22.22 33.27
CA HIS B 67 -23.71 -21.39 32.69
C HIS B 67 -24.17 -21.18 31.28
N LEU B 68 -24.31 -22.26 30.52
CA LEU B 68 -24.79 -22.13 29.16
C LEU B 68 -26.03 -21.19 29.14
N LEU B 69 -26.97 -21.40 30.06
CA LEU B 69 -28.12 -20.54 30.22
C LEU B 69 -27.66 -19.08 30.41
N ARG B 70 -26.75 -18.85 31.34
CA ARG B 70 -26.27 -17.50 31.58
C ARG B 70 -25.78 -16.81 30.30
N LEU B 71 -25.27 -17.62 29.37
CA LEU B 71 -24.71 -17.15 28.11
C LEU B 71 -25.74 -17.07 26.97
N ALA B 72 -26.97 -17.49 27.19
CA ALA B 72 -27.90 -17.54 26.09
C ALA B 72 -28.96 -16.52 26.21
N SER B 73 -28.67 -15.40 26.89
CA SER B 73 -29.70 -14.41 27.15
C SER B 73 -30.25 -13.73 25.93
N SER B 74 -29.60 -13.98 24.79
CA SER B 74 -30.10 -13.45 23.52
C SER B 74 -30.35 -14.42 22.40
N LEU B 75 -30.57 -15.69 22.70
CA LEU B 75 -31.00 -16.61 21.66
C LEU B 75 -32.51 -16.27 21.34
N THR B 76 -33.08 -16.79 20.27
CA THR B 76 -34.45 -16.41 19.95
C THR B 76 -35.53 -16.83 20.95
N THR B 77 -36.51 -15.97 21.14
CA THR B 77 -37.64 -16.26 22.00
C THR B 77 -38.93 -16.30 21.15
N LYS B 78 -40.08 -16.46 21.79
CA LYS B 78 -41.30 -16.44 20.98
C LYS B 78 -41.67 -14.99 20.98
N GLY B 79 -41.88 -14.39 19.85
CA GLY B 79 -42.18 -12.98 19.98
C GLY B 79 -40.98 -12.05 20.03
N ALA B 80 -39.78 -12.62 19.92
CA ALA B 80 -38.54 -11.86 19.73
C ALA B 80 -37.34 -12.72 19.29
N SER B 81 -36.95 -12.59 18.01
CA SER B 81 -35.79 -13.33 17.51
C SER B 81 -34.49 -12.73 18.03
N SER B 82 -33.43 -13.51 17.95
CA SER B 82 -32.12 -13.12 18.40
C SER B 82 -31.73 -11.79 17.83
N PHE B 83 -31.72 -11.72 16.50
CA PHE B 83 -31.46 -10.46 15.80
C PHE B 83 -32.30 -9.29 16.36
N LYS B 84 -33.59 -9.53 16.63
CA LYS B 84 -34.38 -8.43 17.14
C LYS B 84 -33.95 -8.01 18.54
N ILE B 85 -33.63 -8.98 19.38
CA ILE B 85 -33.24 -8.68 20.74
C ILE B 85 -32.02 -7.80 20.74
N THR B 86 -31.03 -8.21 19.96
CA THR B 86 -29.81 -7.44 19.79
C THR B 86 -30.01 -6.05 19.17
N ARG B 87 -30.56 -6.01 17.97
CA ARG B 87 -30.80 -4.75 17.33
C ARG B 87 -31.73 -3.84 18.08
N GLY B 88 -32.77 -4.42 18.68
CA GLY B 88 -33.78 -3.66 19.38
C GLY B 88 -33.23 -2.92 20.55
N ILE B 89 -32.47 -3.64 21.35
CA ILE B 89 -31.78 -3.09 22.52
C ILE B 89 -30.71 -2.05 22.16
N GLU B 90 -29.87 -2.34 21.18
CA GLU B 90 -28.84 -1.37 20.79
C GLU B 90 -29.42 -0.14 20.12
N ALA B 91 -30.61 -0.27 19.57
CA ALA B 91 -31.25 0.87 18.93
C ALA B 91 -31.53 1.98 19.95
N VAL B 92 -31.83 1.60 21.19
CA VAL B 92 -32.15 2.59 22.22
C VAL B 92 -30.97 2.76 23.17
N GLY B 93 -29.90 2.06 22.82
CA GLY B 93 -28.67 2.08 23.60
C GLY B 93 -28.88 1.41 24.93
N GLY B 94 -29.69 0.34 24.94
CA GLY B 94 -29.98 -0.37 26.17
C GLY B 94 -28.96 -1.44 26.48
N LYS B 95 -29.08 -2.10 27.64
CA LYS B 95 -28.20 -3.21 27.99
C LYS B 95 -29.01 -4.41 28.49
N LEU B 96 -28.58 -5.62 28.16
CA LEU B 96 -29.13 -6.86 28.71
C LEU B 96 -27.97 -7.68 29.29
N SER B 97 -27.98 -7.88 30.59
CA SER B 97 -26.91 -8.64 31.21
C SER B 97 -27.48 -9.67 32.13
N VAL B 98 -26.82 -10.82 32.21
CA VAL B 98 -27.19 -11.82 33.18
C VAL B 98 -26.05 -12.14 34.09
N THR B 99 -26.34 -12.04 35.38
CA THR B 99 -25.33 -12.29 36.37
C THR B 99 -25.72 -13.35 37.37
N SER B 100 -24.78 -14.26 37.64
CA SER B 100 -25.02 -15.39 38.51
C SER B 100 -24.16 -15.53 39.72
N THR B 101 -24.65 -16.28 40.69
CA THR B 101 -23.92 -16.58 41.91
C THR B 101 -24.41 -18.00 42.16
N ARG B 102 -23.80 -18.71 43.09
CA ARG B 102 -24.23 -20.07 43.38
C ARG B 102 -25.68 -20.17 43.77
N GLU B 103 -26.33 -19.04 44.06
CA GLU B 103 -27.74 -19.10 44.41
C GLU B 103 -28.68 -18.46 43.44
N ASN B 104 -28.28 -17.34 42.85
CA ASN B 104 -29.24 -16.66 42.00
C ASN B 104 -28.77 -16.42 40.61
N MET B 105 -29.73 -16.20 39.72
CA MET B 105 -29.45 -15.65 38.37
C MET B 105 -30.24 -14.35 38.41
N ALA B 106 -29.69 -13.33 37.76
CA ALA B 106 -30.25 -12.04 37.82
C ALA B 106 -30.15 -11.36 36.46
N TYR B 107 -31.26 -11.38 35.73
CA TYR B 107 -31.32 -10.75 34.44
C TYR B 107 -31.66 -9.30 34.63
N THR B 108 -30.71 -8.41 34.37
CA THR B 108 -30.96 -6.96 34.46
C THR B 108 -30.97 -6.25 33.08
N VAL B 109 -31.77 -5.21 32.99
CA VAL B 109 -31.94 -4.52 31.74
C VAL B 109 -31.87 -3.02 32.04
N GLU B 110 -31.19 -2.25 31.19
CA GLU B 110 -31.14 -0.80 31.44
C GLU B 110 -31.31 0.05 30.20
N CYS B 111 -31.88 1.25 30.39
CA CYS B 111 -32.14 2.17 29.29
C CYS B 111 -32.71 3.48 29.82
N LEU B 112 -32.82 4.46 28.96
CA LEU B 112 -33.41 5.73 29.39
C LEU B 112 -34.88 5.45 29.68
N ARG B 113 -35.49 6.24 30.55
CA ARG B 113 -36.86 5.95 30.95
C ARG B 113 -37.98 5.95 29.91
N ASP B 114 -37.77 6.59 28.78
CA ASP B 114 -38.79 6.58 27.74
C ASP B 114 -38.80 5.24 27.04
N ASP B 115 -37.86 4.36 27.36
CA ASP B 115 -37.76 3.08 26.65
C ASP B 115 -37.92 1.84 27.47
N VAL B 116 -38.42 1.95 28.70
CA VAL B 116 -38.56 0.76 29.54
C VAL B 116 -39.52 -0.28 28.98
N ASP B 117 -40.52 0.13 28.22
CA ASP B 117 -41.51 -0.81 27.73
C ASP B 117 -40.92 -1.79 26.74
N ILE B 118 -40.05 -1.31 25.89
CA ILE B 118 -39.46 -2.21 24.91
C ILE B 118 -38.43 -3.14 25.58
N LEU B 119 -37.73 -2.62 26.58
CA LEU B 119 -36.76 -3.42 27.29
C LEU B 119 -37.40 -4.40 28.25
N MET B 120 -38.52 -4.00 28.80
CA MET B 120 -39.25 -4.87 29.70
C MET B 120 -39.76 -6.09 28.92
N GLU B 121 -40.23 -5.83 27.70
CA GLU B 121 -40.78 -6.87 26.86
C GLU B 121 -39.73 -7.89 26.54
N PHE B 122 -38.56 -7.41 26.21
CA PHE B 122 -37.46 -8.26 25.82
C PHE B 122 -37.09 -9.15 27.01
N LEU B 123 -36.94 -8.51 28.18
CA LEU B 123 -36.64 -9.19 29.42
C LEU B 123 -37.61 -10.35 29.64
N LEU B 124 -38.91 -10.07 29.52
CA LEU B 124 -39.94 -11.06 29.76
C LEU B 124 -39.80 -12.25 28.87
N ASN B 125 -39.43 -11.97 27.65
CA ASN B 125 -39.20 -12.97 26.63
C ASN B 125 -38.02 -13.90 26.84
N VAL B 126 -36.91 -13.31 27.27
CA VAL B 126 -35.70 -14.05 27.55
C VAL B 126 -35.91 -14.98 28.75
N THR B 127 -36.67 -14.49 29.73
CA THR B 127 -36.87 -15.23 30.95
C THR B 127 -38.07 -16.11 30.92
N THR B 128 -39.06 -15.82 30.08
CA THR B 128 -40.29 -16.65 30.09
C THR B 128 -40.69 -17.32 28.79
N ALA B 129 -40.15 -16.84 27.69
CA ALA B 129 -40.42 -17.52 26.44
C ALA B 129 -39.19 -17.90 25.61
N PRO B 130 -38.14 -18.49 26.20
CA PRO B 130 -36.96 -18.88 25.41
C PRO B 130 -37.25 -20.11 24.57
N GLU B 131 -36.84 -20.13 23.32
CA GLU B 131 -37.04 -21.31 22.52
C GLU B 131 -35.93 -22.36 22.50
N PHE B 132 -34.72 -21.98 22.90
CA PHE B 132 -33.52 -22.85 22.85
C PHE B 132 -33.48 -23.73 21.61
N ARG B 133 -33.37 -23.14 20.43
CA ARG B 133 -33.29 -23.89 19.18
C ARG B 133 -31.97 -24.67 18.99
N ARG B 134 -32.06 -25.98 18.78
CA ARG B 134 -30.92 -26.82 18.53
C ARG B 134 -29.69 -26.15 17.93
N TRP B 135 -29.88 -25.50 16.80
CA TRP B 135 -28.76 -24.90 16.07
C TRP B 135 -28.23 -23.62 16.69
N GLU B 136 -29.05 -22.90 17.45
CA GLU B 136 -28.52 -21.72 18.11
C GLU B 136 -27.75 -22.17 19.35
N VAL B 137 -28.24 -23.22 20.02
CA VAL B 137 -27.57 -23.73 21.21
C VAL B 137 -26.24 -24.34 20.80
N ALA B 138 -26.24 -25.21 19.76
CA ALA B 138 -24.99 -25.77 19.28
C ALA B 138 -23.96 -24.67 18.95
N ALA B 139 -24.39 -23.62 18.27
CA ALA B 139 -23.50 -22.50 17.93
C ALA B 139 -22.92 -21.78 19.12
N LEU B 140 -23.60 -21.90 20.26
CA LEU B 140 -23.23 -21.18 21.47
C LEU B 140 -22.32 -21.93 22.41
N GLN B 141 -22.34 -23.27 22.39
CA GLN B 141 -21.46 -24.08 23.27
C GLN B 141 -20.02 -23.57 23.34
N PRO B 142 -19.32 -23.40 22.21
CA PRO B 142 -17.92 -22.91 22.30
C PRO B 142 -17.74 -21.65 23.15
N GLN B 143 -18.81 -20.91 23.41
CA GLN B 143 -18.66 -19.72 24.19
C GLN B 143 -18.39 -20.06 25.63
N LEU B 144 -18.81 -21.23 26.08
CA LEU B 144 -18.53 -21.67 27.46
C LEU B 144 -17.02 -21.73 27.67
N ARG B 145 -16.34 -22.30 26.71
CA ARG B 145 -14.91 -22.43 26.81
C ARG B 145 -14.20 -21.08 26.79
N ILE B 146 -14.68 -20.16 25.97
CA ILE B 146 -14.07 -18.85 25.89
C ILE B 146 -14.33 -18.15 27.21
N ASP B 147 -15.62 -18.17 27.63
CA ASP B 147 -16.09 -17.52 28.86
C ASP B 147 -15.36 -18.04 30.10
N LYS B 148 -15.26 -19.36 30.21
CA LYS B 148 -14.51 -19.93 31.30
C LYS B 148 -13.01 -19.53 31.21
N ALA B 149 -12.39 -19.60 30.04
CA ALA B 149 -10.94 -19.29 29.94
C ALA B 149 -10.65 -17.90 30.44
N VAL B 150 -11.51 -16.95 30.07
CA VAL B 150 -11.36 -15.56 30.48
C VAL B 150 -11.48 -15.36 31.98
N ALA B 151 -12.45 -16.03 32.62
CA ALA B 151 -12.58 -15.96 34.09
C ALA B 151 -11.40 -16.61 34.84
N LEU B 152 -11.04 -17.82 34.42
CA LEU B 152 -9.98 -18.59 35.05
C LEU B 152 -8.60 -18.04 34.87
N GLN B 153 -8.49 -16.89 34.25
CA GLN B 153 -7.18 -16.34 34.17
C GLN B 153 -6.78 -15.53 35.39
N ASN B 154 -7.72 -15.41 36.31
CA ASN B 154 -7.46 -14.81 37.62
C ASN B 154 -7.35 -16.04 38.51
N PRO B 155 -6.22 -16.21 39.17
CA PRO B 155 -6.00 -17.39 40.03
C PRO B 155 -7.11 -17.60 41.05
N GLN B 156 -7.67 -16.51 41.58
CA GLN B 156 -8.75 -16.59 42.56
C GLN B 156 -9.92 -17.45 42.17
N ALA B 157 -10.31 -17.37 40.92
CA ALA B 157 -11.48 -18.09 40.49
C ALA B 157 -11.32 -19.59 40.60
N HIS B 158 -10.22 -20.16 40.09
CA HIS B 158 -9.99 -21.61 40.25
C HIS B 158 -9.98 -21.94 41.76
N VAL B 159 -9.31 -21.09 42.51
CA VAL B 159 -9.23 -21.32 43.92
C VAL B 159 -10.61 -21.39 44.60
N ILE B 160 -11.40 -20.36 44.43
CA ILE B 160 -12.73 -20.34 45.04
C ILE B 160 -13.65 -21.43 44.52
N GLU B 161 -13.47 -21.82 43.27
CA GLU B 161 -14.21 -22.95 42.75
C GLU B 161 -13.70 -24.23 43.40
N ASN B 162 -12.40 -24.34 43.67
CA ASN B 162 -11.96 -25.55 44.34
C ASN B 162 -12.38 -25.58 45.80
N LEU B 163 -12.43 -24.38 46.39
CA LEU B 163 -12.73 -24.14 47.78
C LEU B 163 -14.05 -24.68 48.05
N HIS B 164 -14.99 -24.30 47.19
CA HIS B 164 -16.35 -24.73 47.33
C HIS B 164 -16.50 -26.20 46.99
N ALA B 165 -15.86 -26.69 45.94
CA ALA B 165 -15.99 -28.13 45.67
C ALA B 165 -15.44 -28.98 46.85
N ALA B 166 -14.46 -28.44 47.58
CA ALA B 166 -13.87 -29.14 48.70
C ALA B 166 -14.70 -29.00 49.94
N ALA B 167 -15.34 -27.86 50.12
CA ALA B 167 -16.09 -27.66 51.33
C ALA B 167 -17.37 -28.39 51.39
N TYR B 168 -18.05 -28.58 50.27
CA TYR B 168 -19.41 -29.14 50.34
C TYR B 168 -19.51 -30.39 49.56
N ARG B 169 -20.51 -31.20 49.84
CA ARG B 169 -20.60 -32.42 49.05
C ARG B 169 -21.71 -32.34 48.08
N ASN B 170 -22.31 -31.16 48.10
CA ASN B 170 -23.60 -30.96 47.56
C ASN B 170 -23.64 -29.64 46.83
N ALA B 171 -24.77 -29.38 46.18
CA ALA B 171 -25.21 -28.06 45.74
C ALA B 171 -24.24 -26.90 45.69
N LEU B 172 -23.81 -26.41 46.85
CA LEU B 172 -22.86 -25.30 46.88
C LEU B 172 -21.48 -25.70 46.33
N ALA B 173 -21.28 -27.00 46.10
CA ALA B 173 -19.97 -27.40 45.60
C ALA B 173 -19.87 -27.16 44.11
N ASN B 174 -20.99 -26.94 43.47
CA ASN B 174 -21.03 -26.73 42.04
C ASN B 174 -20.34 -25.45 41.69
N SER B 175 -19.77 -25.41 40.51
CA SER B 175 -19.07 -24.21 40.10
C SER B 175 -19.93 -23.37 39.21
N LEU B 176 -19.55 -22.12 39.14
CA LEU B 176 -20.19 -21.13 38.31
C LEU B 176 -19.90 -21.40 36.85
N TYR B 177 -18.99 -22.31 36.56
CA TYR B 177 -18.58 -22.49 35.21
C TYR B 177 -18.73 -23.91 34.83
N CYS B 178 -18.98 -24.15 33.57
CA CYS B 178 -19.21 -25.48 33.11
C CYS B 178 -17.97 -26.38 33.25
N PRO B 179 -18.13 -27.58 33.80
CA PRO B 179 -17.03 -28.57 33.76
C PRO B 179 -16.62 -28.78 32.30
N ASP B 180 -15.33 -29.03 32.05
CA ASP B 180 -14.85 -29.18 30.68
C ASP B 180 -15.47 -30.33 29.97
N TYR B 181 -15.66 -31.44 30.68
CA TYR B 181 -16.31 -32.56 30.03
C TYR B 181 -17.71 -32.26 29.62
N ARG B 182 -18.32 -31.24 30.19
CA ARG B 182 -19.70 -30.89 29.81
C ARG B 182 -19.81 -29.90 28.71
N ILE B 183 -18.74 -29.18 28.42
CA ILE B 183 -18.73 -28.20 27.33
C ILE B 183 -19.04 -28.92 26.02
N GLY B 184 -20.05 -28.44 25.32
CA GLY B 184 -20.51 -29.13 24.12
C GLY B 184 -21.55 -30.18 24.41
N LYS B 185 -21.79 -30.53 25.67
CA LYS B 185 -22.79 -31.56 25.97
C LYS B 185 -24.12 -31.16 26.57
N VAL B 186 -24.24 -29.91 27.02
CA VAL B 186 -25.50 -29.50 27.60
C VAL B 186 -26.51 -29.43 26.50
N THR B 187 -27.72 -29.95 26.75
CA THR B 187 -28.73 -29.99 25.72
C THR B 187 -29.83 -28.96 25.85
N PRO B 188 -30.42 -28.56 24.72
CA PRO B 188 -31.58 -27.67 24.73
C PRO B 188 -32.67 -28.20 25.65
N VAL B 189 -32.93 -29.51 25.69
CA VAL B 189 -33.95 -30.00 26.62
C VAL B 189 -33.59 -29.70 28.09
N GLU B 190 -32.29 -29.82 28.41
CA GLU B 190 -31.80 -29.47 29.75
C GLU B 190 -32.01 -27.96 30.05
N LEU B 191 -31.88 -27.12 29.03
CA LEU B 191 -32.09 -25.69 29.22
C LEU B 191 -33.58 -25.44 29.48
N HIS B 192 -34.42 -26.13 28.70
CA HIS B 192 -35.85 -25.99 28.87
C HIS B 192 -36.21 -26.36 30.28
N ASP B 193 -35.73 -27.53 30.72
CA ASP B 193 -36.02 -28.03 32.06
C ASP B 193 -35.52 -27.18 33.18
N TYR B 194 -34.35 -26.57 33.00
CA TYR B 194 -33.80 -25.75 34.03
C TYR B 194 -34.66 -24.53 34.26
N VAL B 195 -35.15 -23.95 33.16
CA VAL B 195 -35.99 -22.77 33.22
C VAL B 195 -37.36 -23.11 33.76
N GLN B 196 -37.85 -24.30 33.42
CA GLN B 196 -39.22 -24.61 33.79
C GLN B 196 -39.33 -24.93 35.24
N ASN B 197 -38.32 -25.60 35.76
CA ASN B 197 -38.38 -25.88 37.13
C ASN B 197 -37.70 -24.92 38.08
N HIS B 198 -36.97 -23.96 37.53
CA HIS B 198 -36.45 -22.89 38.38
C HIS B 198 -36.98 -21.48 38.15
N PHE B 199 -37.39 -21.14 36.92
CA PHE B 199 -37.83 -19.76 36.71
C PHE B 199 -39.32 -19.68 37.01
N THR B 200 -39.70 -19.86 38.26
CA THR B 200 -41.12 -19.78 38.60
C THR B 200 -41.44 -18.69 39.57
N SER B 201 -42.70 -18.30 39.62
CA SER B 201 -43.16 -17.22 40.50
C SER B 201 -42.61 -17.22 41.93
N ALA B 202 -42.60 -18.38 42.56
CA ALA B 202 -42.15 -18.50 43.95
C ALA B 202 -40.63 -18.39 44.13
N ARG B 203 -39.89 -18.41 43.05
CA ARG B 203 -38.46 -18.34 43.14
C ARG B 203 -38.02 -17.09 42.45
N MET B 204 -38.92 -16.13 42.32
CA MET B 204 -38.62 -14.92 41.55
C MET B 204 -38.95 -13.63 42.25
N ALA B 205 -38.26 -12.55 41.86
CA ALA B 205 -38.49 -11.23 42.42
C ALA B 205 -38.30 -10.27 41.29
N LEU B 206 -39.09 -9.19 41.23
CA LEU B 206 -38.96 -8.24 40.11
C LEU B 206 -38.66 -6.84 40.63
N ILE B 207 -37.43 -6.40 40.40
CA ILE B 207 -36.99 -5.11 40.96
C ILE B 207 -36.95 -4.04 39.94
N GLY B 208 -37.49 -2.89 40.34
CA GLY B 208 -37.58 -1.77 39.43
C GLY B 208 -36.96 -0.49 39.95
N LEU B 209 -36.10 0.10 39.12
CA LEU B 209 -35.52 1.41 39.39
C LEU B 209 -35.90 2.36 38.29
N GLY B 210 -36.59 3.43 38.64
CA GLY B 210 -36.99 4.37 37.63
C GLY B 210 -38.30 3.99 36.98
N VAL B 211 -38.95 2.94 37.50
CA VAL B 211 -40.30 2.59 37.03
C VAL B 211 -41.24 2.77 38.18
N SER B 212 -42.52 2.49 37.95
CA SER B 212 -43.54 2.70 38.97
C SER B 212 -44.13 1.40 39.42
N HIS B 213 -44.53 1.35 40.68
CA HIS B 213 -45.07 0.13 41.25
C HIS B 213 -46.20 -0.52 40.45
N PRO B 214 -47.23 0.26 40.07
CA PRO B 214 -48.34 -0.29 39.28
C PRO B 214 -47.88 -0.89 37.97
N VAL B 215 -46.87 -0.32 37.34
CA VAL B 215 -46.40 -0.90 36.09
C VAL B 215 -45.71 -2.24 36.35
N LEU B 216 -44.89 -2.27 37.40
CA LEU B 216 -44.20 -3.51 37.76
C LEU B 216 -45.20 -4.57 38.11
N LYS B 217 -46.09 -4.25 39.05
CA LYS B 217 -47.12 -5.18 39.51
C LYS B 217 -48.02 -5.61 38.36
N GLN B 218 -48.33 -4.68 37.46
CA GLN B 218 -49.14 -5.03 36.29
C GLN B 218 -48.38 -6.09 35.48
N VAL B 219 -47.12 -5.81 35.20
CA VAL B 219 -46.26 -6.72 34.44
C VAL B 219 -46.17 -8.10 35.08
N ALA B 220 -46.05 -8.09 36.39
CA ALA B 220 -45.89 -9.28 37.20
C ALA B 220 -47.11 -10.18 37.12
N GLU B 221 -48.27 -9.56 37.31
CA GLU B 221 -49.52 -10.27 37.30
C GLU B 221 -49.87 -10.71 35.89
N GLN B 222 -49.37 -10.01 34.88
CA GLN B 222 -49.66 -10.43 33.51
C GLN B 222 -48.71 -11.52 33.01
N PHE B 223 -47.42 -11.35 33.24
CA PHE B 223 -46.43 -12.24 32.65
C PHE B 223 -45.62 -13.16 33.57
N LEU B 224 -45.57 -12.87 34.86
CA LEU B 224 -44.75 -13.68 35.73
C LEU B 224 -45.54 -14.66 36.60
N ASN B 225 -46.70 -15.09 36.12
CA ASN B 225 -47.46 -16.06 36.91
C ASN B 225 -47.25 -17.43 36.33
N ILE B 226 -46.19 -18.02 36.82
CA ILE B 226 -45.66 -19.27 36.35
C ILE B 226 -45.38 -20.06 37.58
N ARG B 227 -45.96 -21.23 37.72
CA ARG B 227 -45.55 -22.08 38.83
C ARG B 227 -45.60 -23.52 38.48
N GLY B 228 -44.50 -24.22 38.70
CA GLY B 228 -44.44 -25.64 38.43
C GLY B 228 -43.03 -26.14 38.53
N GLY B 229 -42.23 -25.45 39.34
CA GLY B 229 -40.86 -25.84 39.57
C GLY B 229 -40.74 -26.63 40.84
N LEU B 230 -39.76 -26.26 41.66
CA LEU B 230 -39.54 -26.91 42.95
C LEU B 230 -39.86 -25.80 43.99
N GLY B 231 -39.50 -25.98 45.26
CA GLY B 231 -39.88 -24.98 46.26
C GLY B 231 -38.88 -24.12 47.05
N LEU B 232 -38.12 -24.79 47.91
CA LEU B 232 -37.14 -24.17 48.79
C LEU B 232 -35.84 -23.70 48.10
N SER B 233 -35.11 -22.81 48.79
CA SER B 233 -33.76 -22.39 48.35
C SER B 233 -32.72 -23.48 48.75
N GLY B 234 -33.13 -24.76 48.61
CA GLY B 234 -32.27 -25.88 48.96
C GLY B 234 -32.51 -27.36 48.59
N ALA B 235 -31.39 -28.00 48.22
CA ALA B 235 -31.28 -29.45 48.10
C ALA B 235 -30.75 -29.71 49.48
N LYS B 236 -30.17 -28.62 50.00
CA LYS B 236 -29.49 -28.45 51.30
C LYS B 236 -28.01 -28.75 51.28
N ALA B 237 -27.24 -27.69 51.41
CA ALA B 237 -25.80 -27.76 51.39
C ALA B 237 -25.26 -28.55 52.57
N LYS B 238 -24.71 -29.73 52.32
CA LYS B 238 -24.08 -30.48 53.39
C LYS B 238 -22.64 -29.97 53.46
N TYR B 239 -22.19 -29.51 54.62
CA TYR B 239 -20.80 -29.10 54.72
C TYR B 239 -19.96 -30.33 54.96
N HIS B 240 -18.78 -30.34 54.39
CA HIS B 240 -17.95 -31.53 54.42
C HIS B 240 -16.55 -31.22 54.98
N GLY B 241 -15.81 -30.41 54.26
CA GLY B 241 -14.43 -30.12 54.61
C GLY B 241 -13.50 -30.93 53.74
N GLY B 242 -12.20 -30.75 53.91
CA GLY B 242 -11.23 -31.43 53.10
C GLY B 242 -10.60 -30.37 52.24
N GLU B 243 -9.55 -30.71 51.49
CA GLU B 243 -8.95 -29.67 50.66
C GLU B 243 -8.54 -30.04 49.24
N ILE B 244 -8.34 -29.07 48.37
CA ILE B 244 -7.93 -29.36 46.98
C ILE B 244 -6.66 -28.61 46.58
N ARG B 245 -5.76 -29.30 45.89
CA ARG B 245 -4.50 -28.69 45.53
C ARG B 245 -4.19 -28.72 44.03
N GLU B 246 -3.80 -27.58 43.48
CA GLU B 246 -3.47 -27.53 42.07
C GLU B 246 -2.05 -27.02 41.84
N GLN B 247 -1.11 -27.93 41.54
CA GLN B 247 0.29 -27.57 41.18
C GLN B 247 0.31 -26.75 39.88
N ASN B 248 1.19 -25.76 39.83
CA ASN B 248 1.07 -24.75 38.80
C ASN B 248 2.34 -24.11 38.28
N GLY B 249 3.15 -23.63 39.22
CA GLY B 249 4.23 -22.73 38.89
C GLY B 249 3.63 -21.36 38.45
N ASP B 250 3.35 -20.48 39.43
CA ASP B 250 2.80 -19.16 39.12
C ASP B 250 3.63 -18.11 39.86
N SER B 251 4.67 -18.61 40.51
CA SER B 251 5.59 -17.81 41.36
C SER B 251 4.87 -17.49 42.65
N LEU B 252 3.63 -17.03 42.51
CA LEU B 252 2.80 -16.74 43.67
C LEU B 252 1.89 -17.92 43.99
N VAL B 253 1.89 -18.37 45.24
CA VAL B 253 0.97 -19.41 45.68
C VAL B 253 -0.33 -18.75 46.16
N HIS B 254 -1.47 -19.22 45.67
CA HIS B 254 -2.74 -18.70 46.10
C HIS B 254 -3.40 -19.71 47.03
N ALA B 255 -3.88 -19.27 48.18
CA ALA B 255 -4.49 -20.21 49.09
C ALA B 255 -5.60 -19.62 49.90
N ALA B 256 -6.60 -20.44 50.20
CA ALA B 256 -7.75 -20.00 51.02
C ALA B 256 -8.05 -21.04 52.08
N LEU B 257 -8.27 -20.61 53.31
CA LEU B 257 -8.51 -21.55 54.39
C LEU B 257 -9.81 -21.15 54.99
N VAL B 258 -10.76 -22.08 55.13
CA VAL B 258 -12.11 -21.73 55.61
C VAL B 258 -12.77 -22.77 56.51
N ALA B 259 -13.83 -22.37 57.22
CA ALA B 259 -14.66 -23.28 58.01
C ALA B 259 -16.10 -22.84 57.82
N GLU B 260 -17.04 -23.71 58.20
CA GLU B 260 -18.45 -23.38 58.09
C GLU B 260 -18.69 -22.30 59.11
N SER B 261 -19.44 -21.25 58.71
CA SER B 261 -19.74 -20.12 59.56
C SER B 261 -21.23 -19.94 59.81
N ALA B 262 -21.85 -18.95 59.17
CA ALA B 262 -23.30 -18.68 59.39
C ALA B 262 -24.07 -18.39 58.11
N ALA B 263 -25.36 -18.78 58.11
CA ALA B 263 -26.22 -18.50 56.97
C ALA B 263 -26.58 -17.03 56.92
N ILE B 264 -26.60 -16.48 55.72
CA ILE B 264 -26.92 -15.08 55.52
C ILE B 264 -28.26 -14.66 56.16
N GLY B 265 -28.29 -13.45 56.72
CA GLY B 265 -29.51 -12.99 57.38
C GLY B 265 -29.63 -13.38 58.85
N SER B 266 -29.05 -14.50 59.27
CA SER B 266 -29.03 -14.88 60.70
C SER B 266 -28.11 -13.90 61.46
N ALA B 267 -28.31 -13.75 62.78
CA ALA B 267 -27.52 -12.78 63.54
C ALA B 267 -26.04 -13.16 63.63
N GLU B 268 -25.74 -14.45 63.61
CA GLU B 268 -24.35 -14.90 63.68
C GLU B 268 -23.61 -14.39 62.44
N ALA B 269 -24.31 -14.24 61.33
CA ALA B 269 -23.71 -13.75 60.09
C ALA B 269 -23.12 -12.39 60.20
N ASN B 270 -23.76 -11.51 60.95
CA ASN B 270 -23.19 -10.19 61.13
C ASN B 270 -21.99 -10.24 62.05
N ALA B 271 -21.88 -11.28 62.89
CA ALA B 271 -20.70 -11.40 63.74
C ALA B 271 -19.54 -11.73 62.82
N PHE B 272 -19.77 -12.67 61.90
CA PHE B 272 -18.74 -13.01 60.95
C PHE B 272 -18.36 -11.81 60.09
N SER B 273 -19.36 -11.05 59.67
CA SER B 273 -19.14 -9.89 58.84
C SER B 273 -18.26 -8.90 59.56
N VAL B 274 -18.45 -8.75 60.86
CA VAL B 274 -17.64 -7.84 61.63
C VAL B 274 -16.24 -8.42 61.86
N LEU B 275 -16.19 -9.72 62.11
CA LEU B 275 -14.93 -10.39 62.31
C LEU B 275 -14.10 -10.16 61.06
N GLN B 276 -14.73 -10.27 59.90
CA GLN B 276 -14.04 -10.02 58.65
C GLN B 276 -13.34 -8.65 58.66
N HIS B 277 -14.00 -7.63 59.16
CA HIS B 277 -13.36 -6.33 59.17
C HIS B 277 -12.36 -6.12 60.30
N VAL B 278 -12.46 -6.92 61.36
CA VAL B 278 -11.46 -6.80 62.38
C VAL B 278 -10.20 -7.37 61.74
N LEU B 279 -10.26 -8.62 61.30
CA LEU B 279 -9.12 -9.22 60.64
C LEU B 279 -8.62 -8.41 59.45
N GLY B 280 -9.54 -8.04 58.57
CA GLY B 280 -9.18 -7.17 57.46
C GLY B 280 -9.55 -7.70 56.11
N ALA B 281 -10.24 -6.87 55.33
CA ALA B 281 -10.65 -7.22 53.99
C ALA B 281 -9.84 -6.35 53.07
N GLY B 282 -10.46 -5.82 52.03
CA GLY B 282 -9.73 -4.96 51.09
C GLY B 282 -9.00 -3.74 51.69
N PRO B 283 -8.17 -3.10 50.88
CA PRO B 283 -7.41 -1.93 51.30
C PRO B 283 -8.27 -0.68 51.29
N HIS B 284 -7.98 0.28 52.15
CA HIS B 284 -8.76 1.51 52.13
C HIS B 284 -7.97 2.68 51.52
N VAL B 285 -6.66 2.52 51.42
CA VAL B 285 -5.79 3.60 50.95
C VAL B 285 -4.87 3.13 49.81
N LYS B 286 -4.78 3.93 48.76
CA LYS B 286 -3.93 3.55 47.63
C LYS B 286 -2.51 3.35 48.08
N ARG B 287 -2.05 2.10 47.96
CA ARG B 287 -0.72 1.68 48.38
C ARG B 287 -0.46 2.04 49.83
N GLY B 288 -1.14 1.35 50.73
CA GLY B 288 -0.96 1.63 52.15
C GLY B 288 -0.30 0.48 52.87
N SER B 289 0.08 0.71 54.12
CA SER B 289 0.69 -0.30 54.95
C SER B 289 -0.39 -1.25 55.46
N ASN B 290 -1.64 -0.81 55.39
CA ASN B 290 -2.79 -1.56 55.87
C ASN B 290 -2.69 -1.67 57.38
N ALA B 291 -2.45 -0.53 57.99
CA ALA B 291 -2.27 -0.40 59.43
C ALA B 291 -3.39 -1.00 60.26
N THR B 292 -4.64 -0.76 59.88
CA THR B 292 -5.75 -1.31 60.66
C THR B 292 -6.10 -2.75 60.30
N SER B 293 -5.19 -3.47 59.65
CA SER B 293 -5.49 -4.85 59.29
C SER B 293 -4.71 -5.84 60.13
N SER B 294 -5.40 -6.48 61.06
CA SER B 294 -4.77 -7.45 61.95
C SER B 294 -3.97 -8.51 61.23
N LEU B 295 -4.52 -9.04 60.14
CA LEU B 295 -3.84 -10.06 59.37
C LEU B 295 -2.60 -9.55 58.69
N TYR B 296 -2.74 -8.42 57.99
CA TYR B 296 -1.62 -7.88 57.23
C TYR B 296 -0.48 -7.45 58.12
N GLN B 297 -0.76 -7.03 59.35
CA GLN B 297 0.30 -6.67 60.25
C GLN B 297 0.92 -7.94 60.82
N ALA B 298 0.08 -8.92 61.12
CA ALA B 298 0.59 -10.14 61.69
C ALA B 298 1.48 -10.98 60.78
N VAL B 299 1.22 -10.92 59.47
CA VAL B 299 2.07 -11.66 58.54
C VAL B 299 3.33 -10.86 58.30
N ALA B 300 3.17 -9.54 58.19
CA ALA B 300 4.29 -8.61 57.99
C ALA B 300 5.42 -8.94 58.97
N LYS B 301 5.09 -8.87 60.25
CA LYS B 301 5.99 -9.20 61.35
C LYS B 301 6.94 -10.38 61.01
N GLY B 302 6.36 -11.51 60.61
CA GLY B 302 7.18 -12.67 60.29
C GLY B 302 7.54 -12.91 58.82
N VAL B 303 7.07 -12.05 57.92
CA VAL B 303 7.31 -12.21 56.48
C VAL B 303 7.73 -10.89 55.87
N HIS B 304 8.89 -10.88 55.22
CA HIS B 304 9.43 -9.63 54.68
C HIS B 304 9.52 -9.57 53.17
N GLN B 305 8.42 -9.20 52.51
CA GLN B 305 8.35 -9.12 51.06
C GLN B 305 7.07 -9.72 50.43
N PRO B 306 6.88 -9.54 49.11
CA PRO B 306 5.58 -9.74 48.43
C PRO B 306 4.57 -10.69 49.02
N PHE B 307 3.38 -10.19 49.35
CA PHE B 307 2.27 -11.01 49.82
C PHE B 307 1.00 -10.20 50.07
N ASP B 308 -0.14 -10.84 49.95
CA ASP B 308 -1.35 -10.17 50.36
C ASP B 308 -2.13 -11.13 51.30
N VAL B 309 -2.98 -10.60 52.18
CA VAL B 309 -3.80 -11.45 53.02
C VAL B 309 -5.12 -10.81 53.18
N SER B 310 -6.18 -11.61 53.17
CA SER B 310 -7.49 -11.04 53.43
C SER B 310 -8.43 -12.01 54.09
N ALA B 311 -9.26 -11.49 54.99
CA ALA B 311 -10.29 -12.31 55.57
C ALA B 311 -11.27 -12.60 54.43
N PHE B 312 -11.87 -13.79 54.45
CA PHE B 312 -12.82 -14.23 53.42
C PHE B 312 -14.14 -14.53 54.08
N ASN B 313 -15.23 -14.12 53.45
CA ASN B 313 -16.55 -14.28 54.05
C ASN B 313 -17.63 -14.44 53.00
N ALA B 314 -18.11 -15.66 52.84
CA ALA B 314 -19.15 -15.98 51.88
C ALA B 314 -20.30 -16.45 52.70
N SER B 315 -21.49 -15.98 52.41
CA SER B 315 -22.62 -16.41 53.19
C SER B 315 -23.76 -16.81 52.31
N TYR B 316 -24.31 -17.98 52.52
CA TYR B 316 -25.37 -18.44 51.64
C TYR B 316 -26.73 -18.70 52.36
N SER B 317 -27.72 -19.11 51.59
CA SER B 317 -29.06 -19.34 52.12
C SER B 317 -29.10 -20.31 53.28
N ASP B 318 -28.22 -21.31 53.29
CA ASP B 318 -28.29 -22.30 54.33
C ASP B 318 -26.95 -22.72 54.84
N SER B 319 -25.94 -21.85 54.67
CA SER B 319 -24.57 -22.15 55.08
C SER B 319 -23.70 -20.93 54.86
N GLY B 320 -22.41 -21.06 55.09
CA GLY B 320 -21.49 -19.95 54.89
C GLY B 320 -20.08 -20.41 55.09
N LEU B 321 -19.12 -19.75 54.45
CA LEU B 321 -17.71 -20.11 54.62
C LEU B 321 -17.00 -18.89 55.09
N PHE B 322 -16.19 -19.00 56.16
CA PHE B 322 -15.37 -17.88 56.65
C PHE B 322 -13.91 -18.34 56.87
N GLY B 323 -12.96 -17.45 56.58
CA GLY B 323 -11.56 -17.72 56.76
C GLY B 323 -10.73 -16.60 56.18
N PHE B 324 -9.63 -16.95 55.55
CA PHE B 324 -8.79 -15.95 54.92
C PHE B 324 -8.20 -16.48 53.63
N TYR B 325 -7.70 -15.55 52.84
CA TYR B 325 -7.09 -15.81 51.54
C TYR B 325 -5.66 -15.20 51.51
N THR B 326 -4.66 -16.00 51.13
CA THR B 326 -3.28 -15.52 51.03
C THR B 326 -2.70 -15.65 49.64
N ILE B 327 -1.85 -14.68 49.27
CA ILE B 327 -1.08 -14.76 48.03
C ILE B 327 0.35 -14.49 48.49
N SER B 328 1.25 -15.44 48.28
CA SER B 328 2.62 -15.26 48.72
C SER B 328 3.53 -15.99 47.82
N GLN B 329 4.83 -15.80 48.01
CA GLN B 329 5.81 -16.52 47.23
C GLN B 329 5.74 -18.01 47.57
N ALA B 330 5.96 -18.87 46.58
CA ALA B 330 5.96 -20.32 46.76
C ALA B 330 6.64 -20.82 48.05
N ALA B 331 7.74 -20.20 48.45
CA ALA B 331 8.42 -20.62 49.68
C ALA B 331 7.85 -20.02 50.99
N SER B 332 7.11 -18.93 50.90
CA SER B 332 6.51 -18.31 52.08
C SER B 332 5.06 -18.76 52.43
N ALA B 333 4.46 -19.61 51.59
CA ALA B 333 3.07 -20.06 51.78
C ALA B 333 2.88 -20.50 53.22
N GLY B 334 3.61 -21.54 53.62
CA GLY B 334 3.54 -22.01 54.99
C GLY B 334 3.56 -20.90 56.01
N ASP B 335 4.58 -20.06 55.99
CA ASP B 335 4.68 -18.98 56.96
C ASP B 335 3.52 -18.03 56.87
N VAL B 336 3.15 -17.60 55.67
CA VAL B 336 2.00 -16.68 55.55
C VAL B 336 0.70 -17.34 56.07
N ILE B 337 0.44 -18.59 55.71
CA ILE B 337 -0.76 -19.23 56.19
C ILE B 337 -0.73 -19.40 57.69
N LYS B 338 0.35 -19.99 58.19
CA LYS B 338 0.50 -20.18 59.64
C LYS B 338 0.35 -18.92 60.48
N ALA B 339 0.99 -17.84 60.06
CA ALA B 339 0.88 -16.62 60.81
C ALA B 339 -0.53 -16.13 60.72
N ALA B 340 -1.11 -16.16 59.54
CA ALA B 340 -2.47 -15.65 59.37
C ALA B 340 -3.48 -16.39 60.26
N TYR B 341 -3.35 -17.70 60.35
CA TYR B 341 -4.21 -18.54 61.17
C TYR B 341 -3.99 -18.17 62.62
N ASN B 342 -2.73 -18.10 63.04
CA ASN B 342 -2.43 -17.77 64.44
C ASN B 342 -3.06 -16.47 64.90
N GLN B 343 -3.20 -15.53 63.99
CA GLN B 343 -3.77 -14.25 64.32
C GLN B 343 -5.27 -14.35 64.54
N VAL B 344 -5.93 -15.29 63.89
CA VAL B 344 -7.35 -15.46 64.15
C VAL B 344 -7.47 -16.11 65.51
N LYS B 345 -6.60 -17.09 65.72
CA LYS B 345 -6.54 -17.88 66.95
C LYS B 345 -6.50 -16.96 68.16
N THR B 346 -5.79 -15.84 67.96
CA THR B 346 -5.56 -14.85 69.00
C THR B 346 -6.84 -14.13 69.39
N ILE B 347 -7.68 -13.87 68.41
CA ILE B 347 -8.94 -13.21 68.63
C ILE B 347 -9.93 -14.18 69.25
N ALA B 348 -9.81 -15.46 68.86
CA ALA B 348 -10.64 -16.52 69.43
C ALA B 348 -10.36 -16.72 70.93
N GLN B 349 -9.07 -16.62 71.30
CA GLN B 349 -8.64 -16.74 72.68
C GLN B 349 -9.03 -15.53 73.54
N GLY B 350 -9.74 -14.57 72.94
CA GLY B 350 -10.21 -13.41 73.69
C GLY B 350 -9.41 -12.12 73.59
N ASN B 351 -8.32 -12.12 72.84
CA ASN B 351 -7.50 -10.92 72.78
C ASN B 351 -7.93 -9.90 71.75
N LEU B 352 -9.15 -9.42 71.90
CA LEU B 352 -9.72 -8.46 70.98
C LEU B 352 -10.11 -7.22 71.74
N SER B 353 -9.83 -6.06 71.17
CA SER B 353 -10.12 -4.77 71.82
C SER B 353 -11.59 -4.38 71.83
N ASN B 354 -11.84 -3.08 71.92
CA ASN B 354 -13.21 -2.55 71.85
C ASN B 354 -13.25 -1.51 70.76
N PRO B 355 -12.29 -0.57 70.77
CA PRO B 355 -12.15 0.36 69.64
C PRO B 355 -11.82 -0.40 68.36
N ASP B 356 -11.52 -1.69 68.47
CA ASP B 356 -11.25 -2.52 67.30
C ASP B 356 -12.58 -2.94 66.67
N VAL B 357 -13.39 -3.65 67.45
CA VAL B 357 -14.73 -4.07 67.02
C VAL B 357 -15.49 -2.86 66.50
N GLN B 358 -15.20 -1.69 67.09
CA GLN B 358 -15.78 -0.42 66.67
C GLN B 358 -15.31 -0.01 65.29
N ALA B 359 -13.99 0.01 65.09
CA ALA B 359 -13.45 0.37 63.79
C ALA B 359 -14.00 -0.57 62.73
N ALA B 360 -13.98 -1.88 63.03
CA ALA B 360 -14.50 -2.89 62.11
C ALA B 360 -15.90 -2.50 61.78
N LYS B 361 -16.69 -2.27 62.83
CA LYS B 361 -18.07 -1.84 62.67
C LYS B 361 -18.13 -0.68 61.72
N ASN B 362 -17.33 0.35 61.94
CA ASN B 362 -17.40 1.50 61.04
C ASN B 362 -16.94 1.22 59.63
N LYS B 363 -16.11 0.20 59.45
CA LYS B 363 -15.65 -0.10 58.12
C LYS B 363 -16.77 -0.83 57.39
N LEU B 364 -17.45 -1.72 58.12
CA LEU B 364 -18.57 -2.49 57.56
C LEU B 364 -19.73 -1.60 57.18
N LYS B 365 -20.26 -0.90 58.16
CA LYS B 365 -21.37 0.01 57.93
C LYS B 365 -21.07 0.94 56.74
N ALA B 366 -19.93 1.64 56.77
CA ALA B 366 -19.63 2.59 55.70
C ALA B 366 -19.54 1.89 54.38
N GLY B 367 -18.90 0.73 54.39
CA GLY B 367 -18.78 -0.09 53.20
C GLY B 367 -20.13 -0.47 52.59
N TYR B 368 -21.09 -0.84 53.45
CA TYR B 368 -22.41 -1.19 52.99
C TYR B 368 -23.02 0.05 52.34
N LEU B 369 -23.14 1.11 53.11
CA LEU B 369 -23.70 2.30 52.56
C LEU B 369 -23.11 2.59 51.18
N MET B 370 -21.79 2.52 51.07
CA MET B 370 -21.14 2.80 49.80
C MET B 370 -21.49 1.77 48.70
N SER B 371 -21.75 0.55 49.11
CA SER B 371 -22.10 -0.51 48.21
C SER B 371 -23.41 -0.29 47.50
N VAL B 372 -24.32 0.50 48.07
CA VAL B 372 -25.62 0.74 47.44
C VAL B 372 -25.82 2.20 47.05
N GLU B 373 -24.71 2.86 46.75
CA GLU B 373 -24.66 4.25 46.36
C GLU B 373 -25.12 4.42 44.90
N SER B 374 -24.72 3.49 44.04
CA SER B 374 -25.09 3.50 42.63
C SER B 374 -26.36 2.71 42.44
N SER B 375 -26.91 2.74 41.24
CA SER B 375 -28.11 1.99 40.96
C SER B 375 -27.80 0.51 40.85
N GLU B 376 -26.73 0.21 40.16
CA GLU B 376 -26.35 -1.15 39.91
C GLU B 376 -26.28 -1.93 41.22
N GLY B 377 -25.84 -1.25 42.26
CA GLY B 377 -25.66 -1.92 43.53
C GLY B 377 -26.88 -1.90 44.41
N PHE B 378 -27.66 -0.83 44.29
CA PHE B 378 -28.88 -0.75 45.04
C PHE B 378 -29.82 -1.85 44.54
N LEU B 379 -30.06 -1.90 43.24
CA LEU B 379 -30.94 -2.91 42.64
C LEU B 379 -30.52 -4.35 42.93
N ASP B 380 -29.24 -4.57 43.17
CA ASP B 380 -28.77 -5.91 43.37
C ASP B 380 -28.95 -6.28 44.82
N GLU B 381 -28.80 -5.31 45.71
CA GLU B 381 -29.01 -5.53 47.12
C GLU B 381 -30.49 -5.80 47.30
N VAL B 382 -31.32 -4.91 46.76
CA VAL B 382 -32.75 -5.06 46.83
C VAL B 382 -33.22 -6.39 46.26
N GLY B 383 -32.72 -6.72 45.08
CA GLY B 383 -33.02 -7.98 44.45
C GLY B 383 -32.64 -9.19 45.29
N SER B 384 -31.42 -9.22 45.83
CA SER B 384 -30.99 -10.38 46.60
C SER B 384 -31.72 -10.48 47.95
N GLN B 385 -32.02 -9.33 48.55
CA GLN B 385 -32.74 -9.30 49.82
C GLN B 385 -34.08 -9.89 49.57
N ALA B 386 -34.76 -9.40 48.55
CA ALA B 386 -36.08 -9.91 48.23
C ALA B 386 -36.06 -11.44 48.10
N LEU B 387 -34.97 -11.96 47.60
CA LEU B 387 -34.86 -13.38 47.33
C LEU B 387 -34.43 -14.20 48.53
N ALA B 388 -33.66 -13.59 49.40
CA ALA B 388 -33.20 -14.31 50.56
C ALA B 388 -34.08 -14.12 51.79
N ALA B 389 -34.71 -12.94 51.89
CA ALA B 389 -35.49 -12.59 53.07
C ALA B 389 -36.94 -12.33 52.80
N GLY B 390 -37.32 -12.21 51.54
CA GLY B 390 -38.68 -11.89 51.22
C GLY B 390 -39.09 -10.53 51.75
N SER B 391 -38.12 -9.66 51.99
CA SER B 391 -38.42 -8.31 52.45
C SER B 391 -37.37 -7.30 52.00
N TYR B 392 -37.56 -6.06 52.44
CA TYR B 392 -36.59 -5.02 52.17
C TYR B 392 -36.22 -4.43 53.49
N THR B 393 -34.93 -4.45 53.81
CA THR B 393 -34.45 -3.85 55.03
C THR B 393 -33.73 -2.57 54.66
N PRO B 394 -34.16 -1.46 55.20
CA PRO B 394 -33.52 -0.16 54.93
C PRO B 394 -32.10 -0.09 55.49
N PRO B 395 -31.29 0.87 55.03
CA PRO B 395 -29.94 1.06 55.53
C PRO B 395 -29.91 1.28 57.04
N SER B 396 -30.84 2.05 57.57
CA SER B 396 -30.84 2.40 59.00
C SER B 396 -30.97 1.21 59.88
N THR B 397 -31.69 0.21 59.42
CA THR B 397 -31.86 -0.97 60.24
C THR B 397 -30.78 -2.02 60.08
N VAL B 398 -30.14 -2.02 58.91
CA VAL B 398 -28.97 -2.84 58.71
C VAL B 398 -27.88 -2.25 59.63
N LEU B 399 -27.75 -0.92 59.65
CA LEU B 399 -26.79 -0.29 60.53
C LEU B 399 -27.06 -0.66 62.01
N GLN B 400 -28.33 -0.66 62.36
CA GLN B 400 -28.77 -1.05 63.68
C GLN B 400 -28.35 -2.49 63.92
N GLN B 401 -28.47 -3.34 62.90
CA GLN B 401 -28.15 -4.78 63.01
C GLN B 401 -26.68 -5.10 63.29
N ILE B 402 -25.80 -4.34 62.61
CA ILE B 402 -24.36 -4.42 62.76
C ILE B 402 -24.06 -3.88 64.13
N ASP B 403 -24.70 -2.77 64.48
CA ASP B 403 -24.52 -2.14 65.77
C ASP B 403 -24.79 -3.10 66.90
N ALA B 404 -25.72 -4.03 66.72
CA ALA B 404 -26.04 -5.00 67.77
C ALA B 404 -25.05 -6.16 67.87
N VAL B 405 -24.03 -6.16 67.06
CA VAL B 405 -23.04 -7.23 67.20
C VAL B 405 -22.20 -6.90 68.46
N ALA B 406 -22.08 -7.85 69.39
CA ALA B 406 -21.31 -7.63 70.61
C ALA B 406 -19.90 -8.23 70.50
N ASP B 407 -18.92 -7.61 71.18
CA ASP B 407 -17.56 -8.13 71.20
C ASP B 407 -17.49 -9.65 71.33
N ALA B 408 -18.21 -10.23 72.28
CA ALA B 408 -18.21 -11.67 72.41
C ALA B 408 -18.74 -12.41 71.19
N ASP B 409 -19.69 -11.84 70.45
CA ASP B 409 -20.18 -12.51 69.23
C ASP B 409 -19.03 -12.65 68.19
N VAL B 410 -18.24 -11.58 68.06
CA VAL B 410 -17.10 -11.57 67.18
C VAL B 410 -16.09 -12.59 67.66
N ILE B 411 -15.81 -12.55 68.97
CA ILE B 411 -14.91 -13.53 69.57
C ILE B 411 -15.45 -14.94 69.31
N ASN B 412 -16.75 -15.15 69.50
CA ASN B 412 -17.32 -16.48 69.24
C ASN B 412 -17.22 -16.95 67.77
N ALA B 413 -17.41 -16.01 66.84
CA ALA B 413 -17.25 -16.28 65.43
C ALA B 413 -15.82 -16.80 65.25
N ALA B 414 -14.85 -16.04 65.78
CA ALA B 414 -13.46 -16.44 65.67
C ALA B 414 -13.25 -17.82 66.28
N LYS B 415 -13.82 -18.02 67.45
CA LYS B 415 -13.74 -19.30 68.10
C LYS B 415 -14.27 -20.47 67.22
N LYS B 416 -15.35 -20.21 66.48
CA LYS B 416 -16.00 -21.22 65.63
C LYS B 416 -15.15 -21.62 64.44
N PHE B 417 -14.38 -20.67 63.95
CA PHE B 417 -13.55 -20.92 62.83
C PHE B 417 -12.36 -21.79 63.26
N VAL B 418 -11.78 -21.47 64.40
CA VAL B 418 -10.63 -22.19 64.88
C VAL B 418 -10.92 -23.66 65.15
N SER B 419 -12.01 -23.92 65.81
CA SER B 419 -12.35 -25.29 66.17
C SER B 419 -13.16 -26.10 65.13
N GLY B 420 -13.53 -25.49 64.00
CA GLY B 420 -14.34 -26.19 63.02
C GLY B 420 -13.59 -26.88 61.91
N ARG B 421 -14.21 -27.90 61.31
CA ARG B 421 -13.58 -28.69 60.26
C ARG B 421 -13.24 -27.76 59.12
N LYS B 422 -12.01 -27.84 58.62
CA LYS B 422 -11.52 -26.91 57.61
C LYS B 422 -11.70 -27.29 56.16
N SER B 423 -11.50 -26.29 55.30
CA SER B 423 -11.56 -26.45 53.88
C SER B 423 -10.47 -25.60 53.32
N MET B 424 -9.59 -26.17 52.49
CA MET B 424 -8.53 -25.39 51.85
C MET B 424 -8.44 -25.62 50.37
N ALA B 425 -8.20 -24.56 49.62
CA ALA B 425 -7.92 -24.71 48.21
C ALA B 425 -6.62 -23.90 48.03
N ALA B 426 -5.73 -24.40 47.17
CA ALA B 426 -4.46 -23.75 46.93
C ALA B 426 -3.95 -24.09 45.56
N SER B 427 -3.36 -23.11 44.89
CA SER B 427 -2.78 -23.35 43.57
C SER B 427 -1.50 -22.58 43.47
N GLY B 428 -0.54 -23.15 42.75
CA GLY B 428 0.79 -22.58 42.60
C GLY B 428 1.81 -23.70 42.79
N ASN B 429 3.06 -23.35 43.10
CA ASN B 429 4.07 -24.35 43.42
C ASN B 429 3.85 -24.59 44.86
N LEU B 430 3.25 -25.76 45.15
CA LEU B 430 2.81 -26.06 46.48
C LEU B 430 3.81 -26.69 47.42
N GLY B 431 5.04 -26.87 46.94
CA GLY B 431 6.09 -27.50 47.72
C GLY B 431 6.25 -27.09 49.17
N HIS B 432 5.81 -25.89 49.53
CA HIS B 432 5.89 -25.42 50.92
C HIS B 432 4.55 -24.98 51.45
N THR B 433 3.49 -25.45 50.83
CA THR B 433 2.16 -25.09 51.27
C THR B 433 1.63 -26.17 52.18
N PRO B 434 1.31 -25.82 53.42
CA PRO B 434 0.83 -26.78 54.39
C PRO B 434 -0.45 -27.52 53.95
N PHE B 435 -0.67 -28.71 54.52
CA PHE B 435 -1.80 -29.56 54.22
C PHE B 435 -3.16 -29.42 54.92
N ILE B 436 -3.19 -28.91 56.15
CA ILE B 436 -4.46 -28.75 57.00
C ILE B 436 -4.04 -29.52 58.18
N ASP B 437 -3.91 -30.81 57.95
CA ASP B 437 -3.19 -31.75 58.81
C ASP B 437 -2.13 -31.01 59.60
N GLU B 438 -1.34 -30.20 58.90
CA GLU B 438 -0.20 -29.51 59.48
C GLU B 438 -0.38 -28.07 59.88
N LEU B 439 -1.63 -27.59 60.02
CA LEU B 439 -1.85 -26.18 60.37
C LEU B 439 -1.82 -25.82 61.87
N THR C 2 -15.02 -10.36 3.79
CA THR C 2 -13.94 -9.34 3.95
C THR C 2 -13.54 -8.71 2.60
N ASN C 3 -12.25 -8.39 2.47
CA ASN C 3 -11.73 -7.70 1.29
C ASN C 3 -11.71 -8.44 -0.06
N ILE C 4 -12.48 -7.91 -1.02
CA ILE C 4 -12.58 -8.44 -2.40
C ILE C 4 -11.26 -8.71 -3.14
N ARG C 5 -10.29 -7.82 -2.98
CA ARG C 5 -9.01 -7.93 -3.67
C ARG C 5 -8.34 -9.23 -3.28
N LYS C 6 -8.58 -9.65 -2.04
CA LYS C 6 -7.95 -10.84 -1.49
C LYS C 6 -8.57 -12.19 -1.86
N SER C 7 -9.90 -12.20 -2.06
CA SER C 7 -10.65 -13.46 -2.26
C SER C 7 -11.29 -13.75 -3.62
N HIS C 8 -11.48 -12.73 -4.44
CA HIS C 8 -11.99 -12.94 -5.78
C HIS C 8 -10.96 -13.78 -6.54
N PRO C 9 -11.41 -14.91 -7.10
CA PRO C 9 -10.54 -15.86 -7.81
C PRO C 9 -9.58 -15.25 -8.83
N LEU C 10 -9.94 -14.11 -9.41
CA LEU C 10 -9.10 -13.41 -10.37
C LEU C 10 -8.15 -12.46 -9.70
N MET C 11 -8.68 -11.56 -8.86
CA MET C 11 -7.85 -10.53 -8.22
C MET C 11 -6.77 -11.12 -7.36
N LYS C 12 -7.09 -12.24 -6.68
CA LYS C 12 -6.13 -12.99 -5.85
C LYS C 12 -4.86 -12.98 -6.57
N ILE C 13 -4.89 -13.49 -7.81
CA ILE C 13 -3.71 -13.55 -8.65
C ILE C 13 -3.04 -12.20 -8.63
N VAL C 14 -3.69 -11.20 -9.24
CA VAL C 14 -3.12 -9.85 -9.32
C VAL C 14 -2.54 -9.39 -7.98
N ASN C 15 -3.34 -9.52 -6.94
CA ASN C 15 -2.95 -9.14 -5.60
C ASN C 15 -1.70 -9.82 -5.08
N ASN C 16 -1.62 -11.11 -5.30
CA ASN C 16 -0.50 -11.90 -4.81
C ASN C 16 0.67 -11.88 -5.79
N ALA C 17 0.48 -11.16 -6.89
CA ALA C 17 1.52 -11.05 -7.90
C ALA C 17 2.17 -9.67 -7.91
N PHE C 18 1.41 -8.61 -7.60
CA PHE C 18 1.94 -7.26 -7.62
C PHE C 18 1.34 -6.28 -6.64
N ILE C 19 0.61 -6.74 -5.63
CA ILE C 19 0.06 -5.79 -4.67
C ILE C 19 0.54 -6.08 -3.24
N ASP C 20 0.26 -7.29 -2.76
CA ASP C 20 0.62 -7.64 -1.40
C ASP C 20 1.86 -8.47 -1.29
N LEU C 21 2.30 -9.01 -2.41
CA LEU C 21 3.53 -9.75 -2.48
C LEU C 21 4.64 -9.14 -1.62
N PRO C 22 5.13 -9.90 -0.65
CA PRO C 22 6.27 -9.43 0.19
C PRO C 22 7.53 -9.32 -0.71
N ALA C 23 8.16 -8.15 -0.73
CA ALA C 23 9.36 -7.85 -1.51
C ALA C 23 10.46 -7.27 -0.61
N PRO C 24 11.74 -7.50 -0.94
CA PRO C 24 12.85 -6.99 -0.13
C PRO C 24 12.83 -5.50 -0.12
N SER C 25 13.20 -4.86 0.97
CA SER C 25 13.21 -3.39 1.01
C SER C 25 14.39 -3.00 0.23
N ASN C 26 15.19 -4.02 -0.01
CA ASN C 26 16.53 -4.00 -0.55
C ASN C 26 16.81 -3.79 -2.05
N ILE C 27 16.08 -4.54 -2.91
CA ILE C 27 16.27 -4.53 -4.36
C ILE C 27 16.46 -3.17 -4.96
N SER C 28 17.47 -3.10 -5.83
CA SER C 28 17.89 -1.88 -6.48
C SER C 28 17.45 -1.85 -7.95
N SER C 29 17.91 -0.82 -8.66
CA SER C 29 17.62 -0.63 -10.09
C SER C 29 17.84 -1.84 -10.96
N TRP C 30 18.84 -2.67 -10.64
CA TRP C 30 19.06 -3.87 -11.43
C TRP C 30 17.84 -4.80 -11.39
N TRP C 31 16.91 -4.53 -10.50
CA TRP C 31 15.74 -5.38 -10.42
C TRP C 31 14.59 -4.88 -11.31
N ASN C 32 14.75 -3.72 -11.93
CA ASN C 32 13.71 -3.17 -12.79
C ASN C 32 13.55 -3.88 -14.13
N PHE C 33 14.60 -4.56 -14.56
CA PHE C 33 14.60 -5.23 -15.86
C PHE C 33 13.56 -6.32 -16.11
N GLY C 34 13.05 -6.92 -15.04
CA GLY C 34 12.01 -7.89 -15.19
C GLY C 34 10.75 -7.24 -15.71
N SER C 35 10.36 -6.11 -15.12
CA SER C 35 9.15 -5.38 -15.55
C SER C 35 9.36 -4.73 -16.92
N LEU C 36 10.58 -4.26 -17.16
CA LEU C 36 10.87 -3.68 -18.45
C LEU C 36 10.83 -4.76 -19.53
N LEU C 37 11.29 -5.96 -19.21
CA LEU C 37 11.17 -7.05 -20.17
C LEU C 37 9.68 -7.28 -20.47
N GLY C 38 8.84 -7.19 -19.45
CA GLY C 38 7.41 -7.38 -19.62
C GLY C 38 6.87 -6.32 -20.53
N ILE C 39 7.19 -5.06 -20.24
CA ILE C 39 6.80 -3.94 -21.09
C ILE C 39 7.33 -4.10 -22.54
N CYS C 40 8.57 -4.54 -22.69
CA CYS C 40 9.11 -4.74 -24.02
C CYS C 40 8.26 -5.77 -24.74
N LEU C 41 7.75 -6.74 -23.99
CA LEU C 41 7.01 -7.79 -24.62
C LEU C 41 5.70 -7.34 -25.16
N ILE C 42 4.92 -6.62 -24.36
CA ILE C 42 3.62 -6.17 -24.85
C ILE C 42 3.78 -5.12 -25.94
N LEU C 43 4.79 -4.27 -25.80
CA LEU C 43 5.11 -3.27 -26.81
C LEU C 43 5.38 -3.94 -28.16
N GLN C 44 6.23 -4.97 -28.18
CA GLN C 44 6.51 -5.72 -29.42
C GLN C 44 5.27 -6.39 -29.93
N ILE C 45 4.36 -6.71 -29.02
CA ILE C 45 3.15 -7.36 -29.42
C ILE C 45 2.16 -6.36 -29.98
N LEU C 46 2.04 -5.22 -29.30
CA LEU C 46 1.13 -4.16 -29.69
C LEU C 46 1.51 -3.51 -31.03
N THR C 47 2.72 -2.93 -31.14
CA THR C 47 3.17 -2.35 -32.41
C THR C 47 3.28 -3.46 -33.47
N GLY C 48 3.90 -4.58 -33.11
CA GLY C 48 3.97 -5.73 -34.00
C GLY C 48 2.63 -6.09 -34.64
N LEU C 49 1.55 -6.08 -33.86
CA LEU C 49 0.22 -6.36 -34.40
C LEU C 49 -0.15 -5.33 -35.49
N PHE C 50 -0.08 -4.05 -35.15
CA PHE C 50 -0.43 -3.00 -36.10
C PHE C 50 0.40 -3.10 -37.38
N LEU C 51 1.67 -3.46 -37.22
CA LEU C 51 2.50 -3.68 -38.38
C LEU C 51 1.96 -4.84 -39.26
N ALA C 52 1.37 -5.86 -38.62
CA ALA C 52 0.83 -7.00 -39.37
C ALA C 52 -0.49 -6.72 -40.06
N MET C 53 -1.16 -5.62 -39.69
CA MET C 53 -2.44 -5.23 -40.31
C MET C 53 -2.17 -4.58 -41.66
N HIS C 54 -0.89 -4.43 -41.98
CA HIS C 54 -0.48 -3.78 -43.21
C HIS C 54 0.59 -4.57 -43.95
N TYR C 55 1.61 -5.01 -43.23
CA TYR C 55 2.64 -5.82 -43.87
C TYR C 55 1.98 -7.00 -44.58
N THR C 56 2.48 -7.34 -45.76
CA THR C 56 2.00 -8.51 -46.51
C THR C 56 3.19 -9.45 -46.57
N SER C 57 2.97 -10.75 -46.45
CA SER C 57 4.11 -11.68 -46.36
C SER C 57 4.60 -12.41 -47.59
N ASP C 58 4.54 -11.78 -48.76
CA ASP C 58 5.01 -12.41 -50.00
C ASP C 58 6.12 -11.59 -50.65
N THR C 59 7.23 -12.25 -51.03
CA THR C 59 8.46 -11.60 -51.61
C THR C 59 8.19 -10.41 -52.54
N THR C 60 7.16 -10.57 -53.35
CA THR C 60 6.68 -9.56 -54.27
C THR C 60 6.37 -8.23 -53.57
N THR C 61 5.67 -8.29 -52.44
CA THR C 61 5.30 -7.08 -51.71
C THR C 61 5.96 -6.94 -50.34
N ALA C 62 6.74 -7.93 -49.94
CA ALA C 62 7.40 -7.89 -48.63
C ALA C 62 8.00 -6.51 -48.35
N PHE C 63 9.07 -6.18 -49.08
CA PHE C 63 9.72 -4.89 -48.94
C PHE C 63 8.72 -3.76 -49.15
N SER C 64 7.97 -3.85 -50.25
CA SER C 64 7.00 -2.85 -50.67
C SER C 64 6.02 -2.47 -49.56
N SER C 65 5.35 -3.46 -48.99
CA SER C 65 4.38 -3.24 -47.91
C SER C 65 5.01 -2.49 -46.78
N VAL C 66 6.23 -2.89 -46.40
CA VAL C 66 6.97 -2.21 -45.35
C VAL C 66 7.13 -0.71 -45.65
N THR C 67 7.43 -0.40 -46.92
CA THR C 67 7.62 0.99 -47.37
C THR C 67 6.27 1.69 -47.36
N HIS C 68 5.26 0.93 -47.80
CA HIS C 68 3.89 1.39 -47.84
C HIS C 68 3.51 1.89 -46.44
N ILE C 69 3.89 1.08 -45.43
CA ILE C 69 3.66 1.36 -44.01
C ILE C 69 4.21 2.72 -43.56
N CYS C 70 5.48 2.97 -43.87
CA CYS C 70 6.13 4.20 -43.43
C CYS C 70 5.75 5.46 -44.17
N ARG C 71 5.23 5.32 -45.38
CA ARG C 71 4.90 6.47 -46.18
C ARG C 71 3.44 6.78 -46.22
N ASP C 72 2.65 5.75 -46.54
CA ASP C 72 1.20 5.91 -46.70
C ASP C 72 0.38 5.71 -45.41
N VAL C 73 0.67 4.60 -44.71
CA VAL C 73 0.00 4.25 -43.45
C VAL C 73 0.28 5.33 -42.42
N ASN C 74 -0.80 5.86 -41.85
CA ASN C 74 -0.71 6.96 -40.91
C ASN C 74 0.09 6.58 -39.73
N TYR C 75 1.18 7.30 -39.50
CA TYR C 75 2.04 7.03 -38.37
C TYR C 75 2.64 5.62 -38.40
N GLY C 76 2.52 4.96 -39.55
CA GLY C 76 3.08 3.63 -39.73
C GLY C 76 4.57 3.67 -39.48
N TRP C 77 5.16 4.86 -39.63
CA TRP C 77 6.58 5.02 -39.40
C TRP C 77 6.98 4.94 -37.92
N ILE C 78 6.29 5.64 -37.00
CA ILE C 78 6.64 5.51 -35.57
C ILE C 78 6.41 4.10 -35.17
N ILE C 79 5.28 3.55 -35.60
CA ILE C 79 4.97 2.17 -35.28
C ILE C 79 6.14 1.29 -35.74
N ARG C 80 6.49 1.40 -37.02
CA ARG C 80 7.60 0.61 -37.59
C ARG C 80 8.90 0.79 -36.79
N TYR C 81 9.19 2.00 -36.38
CA TYR C 81 10.44 2.24 -35.70
C TYR C 81 10.45 1.85 -34.23
N MET C 82 9.30 2.04 -33.56
CA MET C 82 9.12 1.60 -32.21
C MET C 82 9.29 0.11 -32.22
N HIS C 83 8.76 -0.55 -33.25
CA HIS C 83 8.93 -1.99 -33.35
C HIS C 83 10.42 -2.35 -33.41
N ALA C 84 11.09 -1.94 -34.48
CA ALA C 84 12.53 -2.18 -34.66
C ALA C 84 13.35 -1.83 -33.42
N ASN C 85 13.16 -0.63 -32.89
CA ASN C 85 13.94 -0.24 -31.71
C ASN C 85 13.57 -0.95 -30.43
N GLY C 86 12.29 -1.34 -30.35
CA GLY C 86 11.77 -2.07 -29.23
C GLY C 86 12.50 -3.40 -29.15
N ALA C 87 12.88 -3.94 -30.30
CA ALA C 87 13.57 -5.22 -30.35
C ALA C 87 14.95 -5.09 -29.74
N SER C 88 15.56 -3.94 -29.98
CA SER C 88 16.87 -3.68 -29.45
C SER C 88 16.76 -3.43 -27.96
N MET C 89 15.79 -2.60 -27.56
CA MET C 89 15.57 -2.30 -26.16
C MET C 89 15.33 -3.60 -25.42
N PHE C 90 14.63 -4.53 -26.07
CA PHE C 90 14.31 -5.82 -25.52
C PHE C 90 15.58 -6.57 -25.26
N PHE C 91 16.51 -6.52 -26.20
CA PHE C 91 17.79 -7.18 -25.97
C PHE C 91 18.69 -6.54 -24.96
N ILE C 92 18.64 -5.21 -24.85
CA ILE C 92 19.45 -4.52 -23.86
C ILE C 92 19.01 -4.99 -22.47
N CYS C 93 17.69 -4.98 -22.23
CA CYS C 93 17.13 -5.37 -20.94
C CYS C 93 17.35 -6.82 -20.68
N LEU C 94 17.29 -7.62 -21.73
CA LEU C 94 17.49 -9.04 -21.59
C LEU C 94 18.89 -9.30 -21.07
N TYR C 95 19.87 -8.63 -21.66
CA TYR C 95 21.27 -8.83 -21.29
C TYR C 95 21.60 -8.25 -19.91
N MET C 96 20.95 -7.15 -19.59
CA MET C 96 21.07 -6.53 -18.29
C MET C 96 20.52 -7.53 -17.22
N HIS C 97 19.34 -8.11 -17.51
CA HIS C 97 18.65 -9.09 -16.65
C HIS C 97 19.51 -10.30 -16.37
N VAL C 98 20.06 -10.89 -17.42
CA VAL C 98 20.95 -12.03 -17.25
C VAL C 98 22.21 -11.56 -16.50
N GLY C 99 22.54 -10.27 -16.63
CA GLY C 99 23.71 -9.76 -15.94
C GLY C 99 23.47 -9.76 -14.44
N ARG C 100 22.39 -9.09 -14.03
CA ARG C 100 22.01 -9.03 -12.64
C ARG C 100 21.97 -10.44 -12.05
N GLY C 101 21.37 -11.37 -12.76
CA GLY C 101 21.28 -12.72 -12.21
C GLY C 101 22.61 -13.34 -11.87
N LEU C 102 23.57 -13.23 -12.77
CA LEU C 102 24.89 -13.82 -12.57
C LEU C 102 25.65 -13.12 -11.41
N TYR C 103 25.64 -11.80 -11.43
CA TYR C 103 26.34 -11.06 -10.42
C TYR C 103 25.78 -11.38 -9.06
N TYR C 104 24.47 -11.42 -8.94
CA TYR C 104 23.85 -11.56 -7.65
C TYR C 104 23.52 -12.97 -7.21
N GLY C 105 23.91 -13.95 -8.01
CA GLY C 105 23.60 -15.32 -7.65
C GLY C 105 22.12 -15.71 -7.76
N SER C 106 21.30 -14.90 -8.43
CA SER C 106 19.86 -15.17 -8.56
C SER C 106 19.57 -16.51 -9.19
N TYR C 107 20.55 -17.02 -9.91
CA TYR C 107 20.45 -18.31 -10.54
C TYR C 107 20.30 -19.48 -9.60
N THR C 108 20.45 -19.27 -8.29
CA THR C 108 20.29 -20.39 -7.34
C THR C 108 18.85 -20.92 -7.42
N PHE C 109 17.95 -20.10 -7.99
CA PHE C 109 16.57 -20.49 -8.26
C PHE C 109 16.58 -21.29 -9.54
N LEU C 110 16.92 -22.56 -9.44
CA LEU C 110 17.03 -23.40 -10.63
C LEU C 110 15.95 -23.20 -11.69
N GLU C 111 14.70 -23.45 -11.32
CA GLU C 111 13.62 -23.39 -12.29
C GLU C 111 13.35 -22.02 -12.90
N THR C 112 13.27 -21.00 -12.04
CA THR C 112 13.05 -19.64 -12.53
C THR C 112 14.06 -19.26 -13.58
N TRP C 113 15.33 -19.54 -13.30
CA TRP C 113 16.45 -19.23 -14.19
C TRP C 113 16.43 -20.03 -15.51
N ASN C 114 16.15 -21.33 -15.43
CA ASN C 114 16.10 -22.12 -16.65
C ASN C 114 14.96 -21.68 -17.53
N ILE C 115 13.84 -21.29 -16.93
CA ILE C 115 12.73 -20.79 -17.71
C ILE C 115 13.29 -19.54 -18.40
N GLY C 116 14.12 -18.79 -17.70
CA GLY C 116 14.73 -17.63 -18.31
C GLY C 116 15.64 -17.96 -19.49
N VAL C 117 16.35 -19.08 -19.42
CA VAL C 117 17.20 -19.45 -20.55
C VAL C 117 16.28 -19.76 -21.74
N ILE C 118 15.17 -20.42 -21.45
CA ILE C 118 14.22 -20.73 -22.48
C ILE C 118 13.62 -19.41 -22.99
N LEU C 119 13.38 -18.46 -22.09
CA LEU C 119 12.92 -17.14 -22.52
C LEU C 119 13.95 -16.50 -23.44
N LEU C 120 15.22 -16.69 -23.13
CA LEU C 120 16.30 -16.13 -23.95
C LEU C 120 16.29 -16.70 -25.36
N LEU C 121 16.49 -18.01 -25.49
CA LEU C 121 16.46 -18.67 -26.82
C LEU C 121 15.21 -18.31 -27.58
N THR C 122 14.08 -18.26 -26.87
CA THR C 122 12.80 -17.94 -27.48
C THR C 122 12.74 -16.54 -28.04
N VAL C 123 13.04 -15.53 -27.24
CA VAL C 123 13.04 -14.16 -27.77
C VAL C 123 14.13 -14.07 -28.83
N MET C 124 15.21 -14.83 -28.67
CA MET C 124 16.28 -14.79 -29.68
C MET C 124 15.75 -15.36 -30.98
N ALA C 125 15.24 -16.61 -30.93
CA ALA C 125 14.67 -17.26 -32.12
C ALA C 125 13.59 -16.38 -32.72
N THR C 126 12.76 -15.78 -31.86
CA THR C 126 11.73 -14.85 -32.34
C THR C 126 12.32 -13.72 -33.20
N ALA C 127 13.38 -13.06 -32.70
CA ALA C 127 13.93 -11.90 -33.41
C ALA C 127 14.71 -12.21 -34.66
N PHE C 128 15.35 -13.38 -34.69
CA PHE C 128 16.07 -13.82 -35.89
C PHE C 128 15.05 -13.82 -37.02
N MET C 129 13.90 -14.46 -36.81
CA MET C 129 12.83 -14.49 -37.83
C MET C 129 12.25 -13.11 -38.15
N GLY C 130 12.14 -12.28 -37.12
CA GLY C 130 11.59 -10.96 -37.28
C GLY C 130 12.26 -10.19 -38.36
N TYR C 131 13.58 -10.14 -38.31
CA TYR C 131 14.33 -9.35 -39.24
C TYR C 131 14.44 -9.81 -40.70
N VAL C 132 13.99 -11.03 -40.95
CA VAL C 132 13.96 -11.59 -42.29
C VAL C 132 12.75 -11.05 -43.02
N LEU C 133 11.75 -10.63 -42.25
CA LEU C 133 10.48 -10.15 -42.80
C LEU C 133 10.44 -9.06 -43.91
N PRO C 134 11.14 -7.92 -43.73
CA PRO C 134 11.08 -6.84 -44.72
C PRO C 134 11.78 -7.22 -46.01
N TRP C 135 12.43 -8.39 -46.01
CA TRP C 135 13.09 -8.97 -47.18
C TRP C 135 14.12 -8.05 -47.77
N GLY C 136 14.99 -7.56 -46.89
CA GLY C 136 16.09 -6.69 -47.28
C GLY C 136 17.29 -7.55 -47.60
N GLN C 137 18.34 -6.91 -48.09
CA GLN C 137 19.53 -7.65 -48.45
C GLN C 137 19.99 -8.42 -47.24
N MET C 138 20.13 -7.70 -46.13
CA MET C 138 20.57 -8.33 -44.89
C MET C 138 19.63 -9.41 -44.41
N SER C 139 18.33 -9.17 -44.54
CA SER C 139 17.31 -10.14 -44.17
C SER C 139 17.57 -11.48 -44.85
N PHE C 140 17.47 -11.50 -46.18
CA PHE C 140 17.72 -12.70 -46.97
C PHE C 140 19.04 -13.32 -46.60
N TRP C 141 20.09 -12.49 -46.61
CA TRP C 141 21.45 -12.96 -46.39
C TRP C 141 21.73 -13.37 -44.95
N GLY C 142 21.34 -12.52 -44.01
CA GLY C 142 21.40 -12.90 -42.60
C GLY C 142 20.59 -14.19 -42.44
N ALA C 143 19.44 -14.28 -43.12
CA ALA C 143 18.62 -15.51 -43.07
C ALA C 143 19.32 -16.70 -43.69
N THR C 144 20.16 -16.44 -44.68
CA THR C 144 20.85 -17.54 -45.34
C THR C 144 22.01 -18.04 -44.48
N VAL C 145 22.89 -17.13 -44.07
CA VAL C 145 24.04 -17.46 -43.25
C VAL C 145 23.65 -18.34 -42.07
N ILE C 146 22.71 -17.82 -41.29
CA ILE C 146 22.27 -18.46 -40.07
C ILE C 146 21.58 -19.79 -40.26
N THR C 147 20.51 -19.83 -41.04
CA THR C 147 19.78 -21.08 -41.24
C THR C 147 20.72 -22.25 -41.52
N ASN C 148 21.56 -22.06 -42.54
CA ASN C 148 22.55 -23.04 -42.98
C ASN C 148 23.39 -23.65 -41.88
N LEU C 149 23.65 -22.89 -40.82
CA LEU C 149 24.41 -23.40 -39.67
C LEU C 149 24.06 -24.82 -39.26
N LEU C 150 22.78 -25.15 -39.29
CA LEU C 150 22.32 -26.46 -38.89
C LEU C 150 22.80 -27.58 -39.82
N SER C 151 23.35 -27.20 -40.97
CA SER C 151 23.86 -28.13 -41.98
C SER C 151 25.14 -28.83 -41.57
N ALA C 152 25.57 -28.59 -40.34
CA ALA C 152 26.79 -29.19 -39.82
C ALA C 152 26.46 -30.41 -39.01
N ILE C 153 25.23 -30.45 -38.51
CA ILE C 153 24.75 -31.60 -37.76
C ILE C 153 24.90 -32.82 -38.67
N PRO C 154 25.72 -33.76 -38.23
CA PRO C 154 26.04 -34.96 -39.00
C PRO C 154 24.84 -35.76 -39.55
N TYR C 155 24.93 -36.20 -40.80
CA TYR C 155 23.92 -37.10 -41.38
C TYR C 155 22.53 -36.51 -41.59
N ILE C 156 22.31 -35.28 -41.13
CA ILE C 156 20.97 -34.73 -41.09
C ILE C 156 20.85 -33.23 -41.32
N GLY C 157 21.97 -32.53 -41.23
CA GLY C 157 21.99 -31.10 -41.43
C GLY C 157 21.38 -30.67 -42.73
N THR C 158 21.75 -31.40 -43.80
CA THR C 158 21.22 -31.13 -45.13
C THR C 158 19.70 -31.21 -45.11
N ASN C 159 19.17 -32.43 -44.94
CA ASN C 159 17.72 -32.67 -44.87
C ASN C 159 16.97 -31.66 -44.00
N LEU C 160 17.54 -31.37 -42.84
CA LEU C 160 16.94 -30.45 -41.92
C LEU C 160 16.86 -29.03 -42.46
N VAL C 161 17.98 -28.52 -42.98
CA VAL C 161 18.03 -27.15 -43.48
C VAL C 161 17.07 -26.93 -44.64
N GLU C 162 16.95 -27.94 -45.53
CA GLU C 162 16.03 -27.88 -46.65
C GLU C 162 14.59 -27.95 -46.12
N TRP C 163 14.40 -28.69 -45.02
CA TRP C 163 13.10 -28.83 -44.41
C TRP C 163 12.61 -27.54 -43.81
N ILE C 164 13.46 -26.79 -43.10
CA ILE C 164 12.98 -25.53 -42.56
C ILE C 164 13.02 -24.41 -43.60
N TRP C 165 13.59 -24.72 -44.76
CA TRP C 165 13.68 -23.77 -45.87
C TRP C 165 12.43 -23.82 -46.75
N GLY C 166 11.89 -25.01 -46.95
CA GLY C 166 10.71 -25.15 -47.78
C GLY C 166 11.16 -25.13 -49.22
N GLY C 167 12.32 -25.74 -49.43
CA GLY C 167 12.92 -25.81 -50.74
C GLY C 167 14.39 -26.14 -50.72
N PHE C 168 15.12 -25.52 -51.62
CA PHE C 168 16.56 -25.74 -51.75
C PHE C 168 17.29 -24.44 -51.44
N SER C 169 16.51 -23.43 -51.04
CA SER C 169 17.04 -22.11 -50.72
C SER C 169 16.04 -21.31 -49.90
N VAL C 170 16.47 -20.10 -49.53
CA VAL C 170 15.66 -19.16 -48.76
C VAL C 170 14.61 -18.54 -49.68
N ASP C 171 13.55 -19.29 -49.98
CA ASP C 171 12.55 -18.87 -50.96
C ASP C 171 11.30 -18.15 -50.47
N LYS C 172 10.20 -18.41 -51.17
CA LYS C 172 8.91 -17.80 -50.84
C LYS C 172 8.39 -18.51 -49.62
N ALA C 173 8.53 -19.83 -49.64
CA ALA C 173 8.15 -20.68 -48.52
C ALA C 173 8.81 -20.16 -47.23
N THR C 174 10.09 -19.85 -47.34
CA THR C 174 10.90 -19.32 -46.24
C THR C 174 10.48 -17.95 -45.64
N LEU C 175 9.70 -17.16 -46.36
CA LEU C 175 9.33 -15.86 -45.83
C LEU C 175 8.04 -15.92 -45.06
N THR C 176 7.03 -16.61 -45.62
CA THR C 176 5.70 -16.74 -45.01
C THR C 176 5.78 -17.54 -43.72
N ARG C 177 6.64 -18.54 -43.76
CA ARG C 177 6.94 -19.40 -42.65
C ARG C 177 7.34 -18.50 -41.51
N PHE C 178 8.45 -17.78 -41.70
CA PHE C 178 8.97 -16.86 -40.68
C PHE C 178 7.95 -15.86 -40.19
N PHE C 179 7.10 -15.33 -41.08
CA PHE C 179 6.04 -14.42 -40.63
C PHE C 179 5.18 -15.11 -39.61
N ALA C 180 4.68 -16.29 -39.98
CA ALA C 180 3.81 -17.09 -39.11
C ALA C 180 4.42 -17.38 -37.72
N PHE C 181 5.63 -17.93 -37.70
CA PHE C 181 6.31 -18.20 -36.44
C PHE C 181 6.59 -16.92 -35.65
N HIS C 182 7.05 -15.87 -36.33
CA HIS C 182 7.33 -14.63 -35.65
C HIS C 182 6.06 -14.02 -35.04
N PHE C 183 4.89 -14.54 -35.46
CA PHE C 183 3.61 -14.07 -34.94
C PHE C 183 3.24 -14.95 -33.73
N ILE C 184 3.38 -16.27 -33.85
CA ILE C 184 3.02 -17.16 -32.75
C ILE C 184 4.03 -17.27 -31.61
N LEU C 185 5.32 -17.06 -31.88
CA LEU C 185 6.32 -17.14 -30.82
C LEU C 185 6.17 -16.20 -29.62
N PRO C 186 5.82 -14.93 -29.84
CA PRO C 186 5.66 -14.01 -28.72
C PRO C 186 4.46 -14.38 -27.81
N PHE C 187 3.55 -15.21 -28.29
CA PHE C 187 2.43 -15.58 -27.43
C PHE C 187 2.87 -16.68 -26.49
N ILE C 188 3.59 -17.64 -27.05
CA ILE C 188 4.21 -18.69 -26.27
C ILE C 188 5.23 -18.09 -25.29
N ILE C 189 6.00 -17.08 -25.74
CA ILE C 189 6.96 -16.37 -24.87
C ILE C 189 6.20 -15.92 -23.66
N MET C 190 5.12 -15.17 -23.87
CA MET C 190 4.30 -14.67 -22.78
C MET C 190 3.76 -15.73 -21.80
N ALA C 191 3.28 -16.86 -22.31
CA ALA C 191 2.83 -17.91 -21.41
C ALA C 191 4.03 -18.43 -20.59
N ILE C 192 5.15 -18.73 -21.26
CA ILE C 192 6.37 -19.16 -20.58
C ILE C 192 6.88 -18.14 -19.55
N ALA C 193 6.64 -16.86 -19.82
CA ALA C 193 7.01 -15.81 -18.88
C ALA C 193 6.06 -15.86 -17.67
N MET C 194 4.85 -16.33 -17.86
CA MET C 194 3.95 -16.44 -16.71
C MET C 194 4.47 -17.53 -15.73
N VAL C 195 5.01 -18.61 -16.28
CA VAL C 195 5.55 -19.72 -15.52
C VAL C 195 6.85 -19.29 -14.89
N HIS C 196 7.48 -18.28 -15.49
CA HIS C 196 8.72 -17.73 -14.97
C HIS C 196 8.34 -17.12 -13.64
N LEU C 197 7.31 -16.29 -13.69
CA LEU C 197 6.80 -15.59 -12.51
C LEU C 197 6.20 -16.54 -11.44
N LEU C 198 5.51 -17.58 -11.89
CA LEU C 198 4.90 -18.59 -11.00
C LEU C 198 6.01 -19.17 -10.13
N PHE C 199 7.03 -19.69 -10.79
CA PHE C 199 8.18 -20.24 -10.12
C PHE C 199 8.95 -19.22 -9.30
N LEU C 200 9.07 -17.98 -9.79
CA LEU C 200 9.76 -16.96 -9.03
C LEU C 200 9.01 -16.67 -7.75
N HIS C 201 7.69 -16.64 -7.84
CA HIS C 201 6.89 -16.34 -6.66
C HIS C 201 6.95 -17.35 -5.53
N GLU C 202 7.49 -18.53 -5.81
CA GLU C 202 7.68 -19.53 -4.77
C GLU C 202 8.66 -19.04 -3.69
N THR C 203 9.68 -18.29 -4.12
CA THR C 203 10.74 -17.88 -3.22
C THR C 203 10.73 -16.40 -2.92
N GLY C 204 10.20 -15.61 -3.84
CA GLY C 204 10.27 -14.18 -3.69
C GLY C 204 11.55 -13.78 -4.37
N SER C 205 11.83 -12.49 -4.42
CA SER C 205 13.02 -12.01 -5.09
C SER C 205 14.31 -12.21 -4.25
N ASN C 206 15.45 -12.31 -4.93
CA ASN C 206 16.76 -12.33 -4.26
C ASN C 206 17.05 -10.85 -4.10
N ASN C 207 18.22 -10.50 -3.56
CA ASN C 207 18.52 -9.07 -3.34
C ASN C 207 20.01 -8.84 -3.45
N PRO C 208 20.42 -7.56 -3.49
CA PRO C 208 21.83 -7.19 -3.62
C PRO C 208 22.85 -7.87 -2.69
N THR C 209 22.50 -8.10 -1.43
CA THR C 209 23.42 -8.73 -0.47
C THR C 209 23.46 -10.24 -0.60
N GLY C 210 22.50 -10.81 -1.29
CA GLY C 210 22.43 -12.27 -1.34
C GLY C 210 22.02 -12.89 0.00
N ILE C 211 21.75 -12.07 1.00
CA ILE C 211 21.32 -12.60 2.28
C ILE C 211 19.81 -12.64 2.30
N SER C 212 19.23 -13.65 2.94
CA SER C 212 17.75 -13.69 2.98
C SER C 212 17.14 -12.44 3.64
N SER C 213 16.04 -11.98 3.06
CA SER C 213 15.42 -10.75 3.47
C SER C 213 14.09 -10.88 4.12
N ASP C 214 13.66 -12.12 4.40
CA ASP C 214 12.37 -12.37 5.09
C ASP C 214 12.14 -11.51 6.30
N VAL C 215 13.25 -11.10 6.86
CA VAL C 215 13.34 -10.31 8.05
C VAL C 215 13.04 -8.85 7.79
N ASP C 216 13.00 -8.49 6.52
CA ASP C 216 12.74 -7.10 6.14
C ASP C 216 12.03 -7.03 4.79
N LYS C 217 10.81 -7.58 4.71
CA LYS C 217 10.04 -7.56 3.49
C LYS C 217 9.08 -6.39 3.46
N ILE C 218 8.85 -5.83 2.27
CA ILE C 218 7.88 -4.73 2.08
C ILE C 218 6.90 -5.10 0.98
N PRO C 219 5.69 -4.53 1.02
CA PRO C 219 4.64 -4.87 0.03
C PRO C 219 5.05 -4.30 -1.32
N PHE C 220 4.74 -5.01 -2.39
CA PHE C 220 5.11 -4.58 -3.72
C PHE C 220 4.49 -3.23 -4.08
N HIS C 221 3.25 -2.99 -3.66
CA HIS C 221 2.60 -1.70 -3.90
C HIS C 221 2.65 -1.09 -2.52
N PRO C 222 2.98 0.20 -2.35
CA PRO C 222 3.27 1.16 -3.39
C PRO C 222 4.75 1.29 -3.82
N TYR C 223 5.65 0.57 -3.16
CA TYR C 223 7.06 0.75 -3.41
C TYR C 223 7.56 0.35 -4.78
N TYR C 224 7.34 -0.89 -5.14
CA TYR C 224 7.79 -1.36 -6.42
C TYR C 224 6.80 -1.19 -7.52
N THR C 225 5.66 -0.55 -7.26
CA THR C 225 4.78 -0.28 -8.37
C THR C 225 5.33 1.01 -8.88
N ILE C 226 5.58 1.93 -7.97
CA ILE C 226 6.14 3.19 -8.42
C ILE C 226 7.61 3.15 -8.84
N LYS C 227 8.45 2.41 -8.14
CA LYS C 227 9.83 2.27 -8.61
C LYS C 227 9.80 1.59 -10.00
N ASP C 228 8.77 0.79 -10.27
CA ASP C 228 8.62 0.15 -11.60
C ASP C 228 8.05 1.14 -12.64
N ILE C 229 7.19 2.04 -12.20
CA ILE C 229 6.62 3.05 -13.08
C ILE C 229 7.76 3.94 -13.60
N LEU C 230 8.52 4.51 -12.67
CA LEU C 230 9.62 5.42 -13.01
C LEU C 230 10.60 4.81 -14.00
N GLY C 231 10.99 3.57 -13.75
CA GLY C 231 11.90 2.87 -14.63
C GLY C 231 11.31 2.50 -15.99
N ALA C 232 10.01 2.63 -16.15
CA ALA C 232 9.43 2.31 -17.43
C ALA C 232 9.50 3.57 -18.26
N LEU C 233 9.30 4.69 -17.58
CA LEU C 233 9.39 6.00 -18.20
C LEU C 233 10.80 6.13 -18.79
N LEU C 234 11.82 5.69 -18.06
CA LEU C 234 13.18 5.74 -18.56
C LEU C 234 13.29 4.90 -19.81
N LEU C 235 12.70 3.70 -19.79
CA LEU C 235 12.72 2.83 -20.96
C LEU C 235 11.99 3.50 -22.10
N ILE C 236 11.00 4.34 -21.80
CA ILE C 236 10.31 5.04 -22.88
C ILE C 236 11.21 6.12 -23.47
N LEU C 237 12.00 6.75 -22.60
CA LEU C 237 12.99 7.76 -23.01
C LEU C 237 13.97 7.12 -23.96
N ALA C 238 14.68 6.11 -23.48
CA ALA C 238 15.59 5.37 -24.33
C ALA C 238 14.91 5.01 -25.65
N LEU C 239 13.83 4.24 -25.60
CA LEU C 239 13.13 3.85 -26.82
C LEU C 239 12.82 5.01 -27.75
N MET C 240 12.20 6.06 -27.22
CA MET C 240 11.81 7.18 -28.06
C MET C 240 12.96 8.00 -28.59
N LEU C 241 14.07 8.00 -27.86
CA LEU C 241 15.25 8.73 -28.29
C LEU C 241 15.73 8.10 -29.58
N LEU C 242 15.70 6.78 -29.63
CA LEU C 242 16.11 6.06 -30.82
C LEU C 242 15.16 6.34 -31.98
N VAL C 243 13.89 5.93 -31.89
CA VAL C 243 12.96 6.15 -33.00
C VAL C 243 12.76 7.61 -33.44
N LEU C 244 12.79 8.55 -32.51
CA LEU C 244 12.55 9.93 -32.88
C LEU C 244 13.78 10.74 -33.22
N PHE C 245 14.96 10.14 -33.09
CA PHE C 245 16.16 10.89 -33.40
C PHE C 245 17.15 10.07 -34.18
N ALA C 246 17.45 8.86 -33.73
CA ALA C 246 18.38 8.05 -34.47
C ALA C 246 17.84 6.66 -34.90
N PRO C 247 16.72 6.66 -35.63
CA PRO C 247 16.02 5.43 -36.02
C PRO C 247 16.86 4.34 -36.68
N ASP C 248 17.85 4.70 -37.49
CA ASP C 248 18.65 3.68 -38.15
C ASP C 248 19.98 3.38 -37.44
N LEU C 249 20.30 4.12 -36.39
CA LEU C 249 21.57 3.94 -35.68
C LEU C 249 21.96 2.48 -35.41
N LEU C 250 21.01 1.66 -34.98
CA LEU C 250 21.31 0.28 -34.65
C LEU C 250 21.06 -0.66 -35.82
N GLY C 251 20.54 -0.10 -36.90
CA GLY C 251 20.23 -0.88 -38.09
C GLY C 251 21.19 -0.74 -39.25
N ASP C 252 21.37 -1.83 -39.98
CA ASP C 252 22.19 -1.83 -41.19
C ASP C 252 21.50 -1.09 -42.33
N PRO C 253 22.27 -0.28 -43.07
CA PRO C 253 21.73 0.43 -44.24
C PRO C 253 21.48 -0.55 -45.40
N ASP C 254 22.18 -1.67 -45.37
CA ASP C 254 22.09 -2.69 -46.40
C ASP C 254 20.73 -3.38 -46.48
N ASN C 255 19.98 -3.40 -45.37
CA ASN C 255 18.67 -4.02 -45.40
C ASN C 255 17.61 -3.12 -46.03
N TYR C 256 18.03 -1.91 -46.38
CA TYR C 256 17.16 -0.96 -47.09
C TYR C 256 17.21 -1.19 -48.60
N THR C 257 18.00 -2.18 -49.02
CA THR C 257 18.08 -2.54 -50.44
C THR C 257 17.42 -3.91 -50.61
N PRO C 258 16.36 -3.97 -51.42
CA PRO C 258 15.63 -5.22 -51.67
C PRO C 258 16.54 -6.38 -51.95
N ALA C 259 16.22 -7.51 -51.34
CA ALA C 259 16.99 -8.74 -51.46
C ALA C 259 17.36 -9.11 -52.88
N ASN C 260 18.42 -9.90 -53.01
CA ASN C 260 18.90 -10.33 -54.29
C ASN C 260 19.75 -11.59 -54.07
N PRO C 261 19.20 -12.76 -54.39
CA PRO C 261 19.86 -14.07 -54.17
C PRO C 261 21.24 -14.32 -54.81
N LEU C 262 21.67 -13.48 -55.77
CA LEU C 262 22.95 -13.66 -56.47
C LEU C 262 23.96 -12.61 -56.02
N ASN C 263 23.46 -11.53 -55.42
CA ASN C 263 24.29 -10.41 -54.96
C ASN C 263 25.42 -10.75 -53.98
N THR C 264 25.08 -10.91 -52.69
CA THR C 264 26.02 -11.24 -51.60
C THR C 264 26.91 -10.07 -51.23
N PRO C 265 26.50 -9.33 -50.23
CA PRO C 265 27.26 -8.16 -49.77
C PRO C 265 28.61 -8.60 -49.19
N PRO C 266 29.59 -7.68 -49.17
CA PRO C 266 30.93 -8.00 -48.61
C PRO C 266 30.89 -7.93 -47.09
N HIS C 267 30.07 -6.97 -46.65
CA HIS C 267 29.84 -6.54 -45.28
C HIS C 267 29.28 -7.61 -44.29
N ILE C 268 28.25 -8.34 -44.72
CA ILE C 268 27.57 -9.48 -44.02
C ILE C 268 27.64 -9.82 -42.47
N LYS C 269 26.85 -9.11 -41.65
CA LYS C 269 26.82 -9.37 -40.21
C LYS C 269 25.37 -9.53 -39.67
N PRO C 270 25.18 -10.21 -38.54
CA PRO C 270 23.84 -10.32 -37.96
C PRO C 270 23.54 -9.03 -37.20
N GLU C 271 22.33 -8.89 -36.65
CA GLU C 271 21.98 -7.72 -35.85
C GLU C 271 22.89 -7.59 -34.62
N TRP C 272 23.12 -6.36 -34.15
CA TRP C 272 24.05 -6.13 -33.04
C TRP C 272 23.96 -7.12 -31.89
N TYR C 273 22.74 -7.48 -31.51
CA TYR C 273 22.53 -8.36 -30.40
C TYR C 273 22.98 -9.83 -30.55
N PHE C 274 23.70 -10.11 -31.64
CA PHE C 274 24.21 -11.47 -31.89
C PHE C 274 25.73 -11.47 -32.17
N LEU C 275 26.28 -10.27 -32.35
CA LEU C 275 27.69 -10.10 -32.71
C LEU C 275 28.65 -10.90 -31.86
N PHE C 276 28.49 -10.86 -30.54
CA PHE C 276 29.32 -11.62 -29.61
C PHE C 276 29.33 -13.12 -29.94
N ALA C 277 28.15 -13.64 -30.31
CA ALA C 277 27.98 -15.05 -30.62
C ALA C 277 28.52 -15.34 -32.00
N TYR C 278 28.37 -14.38 -32.90
CA TYR C 278 28.90 -14.49 -34.27
C TYR C 278 30.43 -14.58 -34.16
N ALA C 279 31.02 -13.66 -33.40
CA ALA C 279 32.46 -13.68 -33.17
C ALA C 279 32.89 -15.09 -32.77
N ILE C 280 32.35 -15.58 -31.65
CA ILE C 280 32.66 -16.91 -31.13
C ILE C 280 32.60 -18.02 -32.18
N LEU C 281 31.68 -17.86 -33.13
CA LEU C 281 31.44 -18.88 -34.14
C LEU C 281 32.52 -18.95 -35.20
N ARG C 282 32.93 -17.81 -35.72
CA ARG C 282 33.92 -17.82 -36.79
C ARG C 282 35.35 -17.94 -36.29
N SER C 283 35.51 -17.73 -34.98
CA SER C 283 36.81 -17.87 -34.36
C SER C 283 37.28 -19.31 -34.39
N ILE C 284 36.44 -20.19 -34.94
CA ILE C 284 36.76 -21.59 -35.06
C ILE C 284 36.79 -21.99 -36.51
N PRO C 285 37.91 -22.56 -36.95
CA PRO C 285 38.07 -22.95 -38.36
C PRO C 285 37.46 -24.32 -38.58
N ASN C 286 36.23 -24.50 -38.10
CA ASN C 286 35.51 -25.74 -38.31
C ASN C 286 34.02 -25.51 -38.41
N LYS C 287 33.41 -26.24 -39.32
CA LYS C 287 31.98 -26.16 -39.56
C LYS C 287 31.27 -26.61 -38.30
N LEU C 288 31.52 -27.85 -37.88
CA LEU C 288 30.88 -28.39 -36.68
C LEU C 288 31.31 -27.68 -35.43
N GLY C 289 32.61 -27.40 -35.34
CA GLY C 289 33.18 -26.74 -34.18
C GLY C 289 32.49 -25.44 -33.91
N GLY C 290 32.63 -24.50 -34.84
CA GLY C 290 32.01 -23.20 -34.72
C GLY C 290 30.57 -23.28 -34.22
N VAL C 291 29.74 -24.02 -34.94
CA VAL C 291 28.32 -24.13 -34.58
C VAL C 291 28.13 -24.70 -33.16
N LEU C 292 28.81 -25.81 -32.86
CA LEU C 292 28.79 -26.42 -31.56
C LEU C 292 29.22 -25.36 -30.56
N ALA C 293 30.36 -24.72 -30.80
CA ALA C 293 30.79 -23.66 -29.89
C ALA C 293 29.76 -22.53 -29.73
N LEU C 294 29.18 -22.06 -30.83
CA LEU C 294 28.14 -21.01 -30.79
C LEU C 294 26.92 -21.42 -29.93
N ALA C 295 26.55 -22.70 -30.04
CA ALA C 295 25.46 -23.22 -29.24
C ALA C 295 25.89 -23.14 -27.77
N PHE C 296 27.00 -23.81 -27.46
CA PHE C 296 27.56 -23.83 -26.11
C PHE C 296 27.67 -22.41 -25.52
N SER C 297 27.74 -21.39 -26.40
CA SER C 297 27.89 -19.99 -25.99
C SER C 297 26.68 -19.43 -25.21
N ILE C 298 25.49 -19.87 -25.58
CA ILE C 298 24.28 -19.42 -24.88
C ILE C 298 23.75 -20.48 -23.91
N LEU C 299 23.78 -21.73 -24.36
CA LEU C 299 23.36 -22.84 -23.51
C LEU C 299 24.22 -23.02 -22.26
N ILE C 300 25.24 -22.18 -22.08
CA ILE C 300 26.11 -22.29 -20.93
C ILE C 300 25.50 -21.57 -19.76
N LEU C 301 24.52 -20.72 -20.03
CA LEU C 301 23.81 -20.04 -18.97
C LEU C 301 23.20 -21.11 -18.06
N ALA C 302 22.97 -22.31 -18.61
CA ALA C 302 22.40 -23.41 -17.84
C ALA C 302 23.45 -24.21 -17.08
N LEU C 303 24.72 -23.86 -17.23
CA LEU C 303 25.76 -24.59 -16.52
C LEU C 303 26.10 -23.84 -15.29
N ILE C 304 25.92 -22.53 -15.37
CA ILE C 304 26.23 -21.64 -14.26
C ILE C 304 25.92 -22.10 -12.80
N PRO C 305 24.67 -22.40 -12.45
CA PRO C 305 24.37 -23.00 -11.14
C PRO C 305 25.27 -24.16 -10.66
N LEU C 306 25.76 -25.03 -11.55
CA LEU C 306 26.57 -26.15 -11.08
C LEU C 306 28.01 -25.69 -10.88
N LEU C 307 28.30 -24.49 -11.33
CA LEU C 307 29.62 -23.92 -11.20
C LEU C 307 29.68 -23.00 -10.01
N HIS C 308 28.57 -22.87 -9.29
CA HIS C 308 28.60 -22.02 -8.12
C HIS C 308 29.41 -22.69 -7.04
N THR C 309 30.30 -21.91 -6.47
CA THR C 309 31.30 -22.46 -5.63
C THR C 309 31.47 -21.70 -4.31
N SER C 310 31.15 -20.40 -4.33
CA SER C 310 31.28 -19.56 -3.16
C SER C 310 30.32 -19.97 -2.05
N LYS C 311 30.62 -19.60 -0.81
CA LYS C 311 29.73 -19.88 0.32
C LYS C 311 28.73 -18.72 0.45
N GLN C 312 28.90 -17.71 -0.38
CA GLN C 312 28.01 -16.54 -0.39
C GLN C 312 27.30 -16.57 -1.75
N ARG C 313 26.05 -16.10 -1.78
CA ARG C 313 25.25 -16.11 -2.99
C ARG C 313 25.63 -14.94 -3.87
N SER C 314 25.53 -13.71 -3.35
CA SER C 314 25.84 -12.51 -4.13
C SER C 314 27.31 -12.32 -4.34
N MET C 315 27.67 -11.47 -5.28
CA MET C 315 29.07 -11.15 -5.50
C MET C 315 29.40 -9.85 -4.80
N MET C 316 28.38 -9.22 -4.23
CA MET C 316 28.59 -7.96 -3.52
C MET C 316 29.78 -7.94 -2.54
N PHE C 317 29.96 -9.01 -1.79
CA PHE C 317 31.07 -9.10 -0.86
C PHE C 317 32.21 -9.96 -1.38
N ARG C 318 32.31 -10.17 -2.69
CA ARG C 318 33.46 -10.89 -3.18
C ARG C 318 34.22 -10.21 -4.33
N PRO C 319 35.35 -9.54 -4.03
CA PRO C 319 36.10 -8.77 -5.03
C PRO C 319 36.83 -9.56 -6.13
N LEU C 320 37.47 -10.69 -5.83
CA LEU C 320 38.09 -11.49 -6.89
C LEU C 320 37.04 -11.76 -7.96
N SER C 321 35.83 -12.11 -7.52
CA SER C 321 34.73 -12.41 -8.46
C SER C 321 34.19 -11.16 -9.14
N GLN C 322 34.15 -10.04 -8.42
CA GLN C 322 33.70 -8.80 -9.04
C GLN C 322 34.62 -8.49 -10.23
N CYS C 323 35.93 -8.66 -10.01
CA CYS C 323 36.90 -8.42 -11.06
C CYS C 323 36.67 -9.37 -12.22
N LEU C 324 36.55 -10.65 -11.92
CA LEU C 324 36.30 -11.63 -12.94
C LEU C 324 34.98 -11.35 -13.69
N PHE C 325 33.95 -10.93 -12.98
CA PHE C 325 32.66 -10.61 -13.61
C PHE C 325 32.82 -9.57 -14.71
N TRP C 326 33.36 -8.42 -14.36
CA TRP C 326 33.52 -7.34 -15.30
C TRP C 326 34.48 -7.64 -16.45
N ALA C 327 35.44 -8.52 -16.17
CA ALA C 327 36.30 -9.02 -17.21
C ALA C 327 35.36 -9.72 -18.21
N LEU C 328 34.37 -10.49 -17.70
CA LEU C 328 33.40 -11.24 -18.52
C LEU C 328 32.55 -10.30 -19.33
N VAL C 329 32.09 -9.23 -18.71
CA VAL C 329 31.35 -8.22 -19.42
C VAL C 329 32.28 -7.66 -20.51
N ALA C 330 33.42 -7.12 -20.10
CA ALA C 330 34.37 -6.55 -21.07
C ALA C 330 34.69 -7.53 -22.20
N ASP C 331 34.92 -8.80 -21.86
CA ASP C 331 35.19 -9.79 -22.88
C ASP C 331 34.02 -10.00 -23.88
N LEU C 332 32.81 -9.74 -23.45
CA LEU C 332 31.67 -9.84 -24.35
C LEU C 332 31.67 -8.60 -25.22
N LEU C 333 32.12 -7.47 -24.66
CA LEU C 333 32.13 -6.23 -25.40
C LEU C 333 33.17 -6.34 -26.48
N THR C 334 34.21 -7.12 -26.23
CA THR C 334 35.25 -7.34 -27.20
C THR C 334 34.65 -8.22 -28.28
N LEU C 335 33.95 -9.26 -27.85
CA LEU C 335 33.26 -10.15 -28.78
C LEU C 335 32.28 -9.41 -29.68
N THR C 336 31.57 -8.44 -29.12
CA THR C 336 30.63 -7.67 -29.92
C THR C 336 31.45 -6.94 -30.97
N TRP C 337 32.38 -6.11 -30.51
CA TRP C 337 33.28 -5.40 -31.40
C TRP C 337 33.85 -6.28 -32.54
N ILE C 338 34.50 -7.39 -32.18
CA ILE C 338 35.06 -8.32 -33.18
C ILE C 338 34.03 -8.73 -34.21
N GLY C 339 32.95 -9.37 -33.76
CA GLY C 339 31.88 -9.80 -34.65
C GLY C 339 31.41 -8.76 -35.66
N GLY C 340 31.57 -7.48 -35.33
CA GLY C 340 31.23 -6.39 -36.24
C GLY C 340 32.35 -6.02 -37.24
N GLN C 341 33.46 -6.74 -37.17
CA GLN C 341 34.64 -6.49 -38.00
C GLN C 341 34.89 -7.63 -38.95
N PRO C 342 35.52 -7.34 -40.10
CA PRO C 342 35.86 -8.38 -41.09
C PRO C 342 36.84 -9.44 -40.53
N VAL C 343 36.77 -10.67 -41.04
CA VAL C 343 37.64 -11.76 -40.56
C VAL C 343 39.06 -11.67 -41.12
N GLU C 344 39.78 -10.61 -40.75
CA GLU C 344 41.14 -10.39 -41.25
C GLU C 344 42.14 -10.12 -40.13
N HIS C 345 43.27 -9.48 -40.47
CA HIS C 345 44.36 -9.11 -39.56
C HIS C 345 44.35 -9.34 -38.06
N PRO C 346 44.29 -8.27 -37.27
CA PRO C 346 44.38 -8.42 -35.82
C PRO C 346 43.19 -9.26 -35.37
N TYR C 347 42.03 -8.76 -35.75
CA TYR C 347 40.72 -9.29 -35.45
C TYR C 347 40.55 -10.78 -35.36
N ILE C 348 41.18 -11.56 -36.25
CA ILE C 348 41.03 -13.02 -36.19
C ILE C 348 41.53 -13.56 -34.84
N THR C 349 42.84 -13.48 -34.62
CA THR C 349 43.43 -13.97 -33.39
C THR C 349 42.90 -13.31 -32.11
N ILE C 350 42.59 -12.01 -32.14
CA ILE C 350 42.07 -11.43 -30.92
C ILE C 350 40.67 -11.92 -30.66
N GLY C 351 39.95 -12.21 -31.76
CA GLY C 351 38.61 -12.78 -31.70
C GLY C 351 38.67 -14.19 -31.14
N GLN C 352 39.74 -14.93 -31.49
CA GLN C 352 39.93 -16.29 -30.99
C GLN C 352 40.38 -16.28 -29.55
N LEU C 353 40.88 -15.15 -29.07
CA LEU C 353 41.38 -15.06 -27.70
C LEU C 353 40.23 -14.79 -26.78
N ALA C 354 39.39 -13.84 -27.18
CA ALA C 354 38.24 -13.46 -26.41
C ALA C 354 37.33 -14.69 -26.22
N SER C 355 37.19 -15.47 -27.29
CA SER C 355 36.46 -16.74 -27.25
C SER C 355 36.95 -17.68 -26.14
N VAL C 356 38.18 -18.19 -26.26
CA VAL C 356 38.76 -19.07 -25.20
C VAL C 356 38.54 -18.41 -23.82
N LEU C 357 38.84 -17.11 -23.73
CA LEU C 357 38.66 -16.36 -22.48
C LEU C 357 37.25 -16.46 -21.91
N TYR C 358 36.24 -16.14 -22.72
CA TYR C 358 34.83 -16.22 -22.32
C TYR C 358 34.61 -17.55 -21.60
N PHE C 359 35.06 -18.62 -22.23
CA PHE C 359 34.89 -19.93 -21.67
C PHE C 359 35.77 -20.20 -20.47
N LEU C 360 36.97 -19.66 -20.47
CA LEU C 360 37.86 -19.85 -19.33
C LEU C 360 37.30 -19.09 -18.10
N LEU C 361 36.80 -17.88 -18.35
CA LEU C 361 36.26 -17.02 -17.33
C LEU C 361 35.04 -17.67 -16.63
N ILE C 362 34.21 -18.35 -17.40
CA ILE C 362 33.03 -18.96 -16.83
C ILE C 362 33.28 -20.38 -16.38
N LEU C 363 33.88 -21.17 -17.25
CA LEU C 363 34.04 -22.56 -16.95
C LEU C 363 35.14 -22.89 -15.92
N VAL C 364 36.00 -21.92 -15.57
CA VAL C 364 37.18 -22.20 -14.72
C VAL C 364 37.65 -21.05 -13.77
N LEU C 365 37.76 -19.83 -14.28
CA LEU C 365 38.23 -18.68 -13.48
C LEU C 365 37.25 -18.25 -12.38
N MET C 366 35.95 -18.16 -12.69
CA MET C 366 34.97 -17.76 -11.68
C MET C 366 34.76 -18.81 -10.58
N PRO C 367 34.61 -20.08 -10.96
CA PRO C 367 34.56 -21.18 -9.98
C PRO C 367 35.82 -21.19 -9.10
N THR C 368 36.98 -21.01 -9.69
CA THR C 368 38.17 -21.01 -8.87
C THR C 368 38.23 -19.81 -7.94
N ALA C 369 38.02 -18.60 -8.45
CA ALA C 369 37.99 -17.42 -7.59
C ALA C 369 37.08 -17.64 -6.37
N GLY C 370 36.00 -18.38 -6.56
CA GLY C 370 35.05 -18.66 -5.49
C GLY C 370 35.70 -19.48 -4.39
N THR C 371 36.33 -20.59 -4.77
CA THR C 371 37.03 -21.42 -3.84
C THR C 371 38.11 -20.65 -3.10
N ILE C 372 38.82 -19.75 -3.79
CA ILE C 372 39.86 -18.96 -3.13
C ILE C 372 39.23 -17.97 -2.14
N GLU C 373 38.19 -17.28 -2.55
CA GLU C 373 37.53 -16.35 -1.65
C GLU C 373 36.98 -17.04 -0.40
N ASN C 374 36.63 -18.32 -0.52
CA ASN C 374 36.15 -19.06 0.65
C ASN C 374 37.35 -19.26 1.54
N LYS C 375 38.41 -19.80 0.94
CA LYS C 375 39.64 -20.07 1.65
C LYS C 375 40.11 -18.86 2.38
N LEU C 376 39.95 -17.68 1.77
CA LEU C 376 40.43 -16.44 2.38
C LEU C 376 39.61 -16.03 3.58
N LEU C 377 38.37 -16.52 3.65
CA LEU C 377 37.50 -16.22 4.77
C LEU C 377 37.52 -17.30 5.88
N LYS C 378 38.33 -18.34 5.71
CA LYS C 378 38.44 -19.48 6.62
C LYS C 378 37.20 -20.38 6.59
N TRP C 379 36.44 -20.24 5.49
CA TRP C 379 35.21 -21.00 5.22
C TRP C 379 35.45 -22.27 4.42
N SER D 1 41.01 -0.31 -55.06
CA SER D 1 40.57 -1.72 -55.06
C SER D 1 40.94 -2.35 -53.71
N ASP D 2 39.93 -2.50 -52.84
CA ASP D 2 40.10 -3.10 -51.52
C ASP D 2 40.73 -2.18 -50.48
N LEU D 3 40.65 -0.88 -50.76
CA LEU D 3 41.14 0.18 -49.87
C LEU D 3 40.09 1.23 -50.10
N GLU D 4 39.88 2.12 -49.14
CA GLU D 4 38.84 3.14 -49.32
C GLU D 4 39.02 4.41 -48.51
N LEU D 5 38.18 5.40 -48.82
CA LEU D 5 38.19 6.70 -48.16
C LEU D 5 36.75 7.06 -47.78
N HIS D 6 36.57 7.53 -46.54
CA HIS D 6 35.25 7.87 -46.01
C HIS D 6 34.88 9.37 -46.06
N PRO D 7 33.61 9.64 -46.40
CA PRO D 7 33.08 11.01 -46.55
C PRO D 7 33.29 11.97 -45.38
N PRO D 8 33.42 13.26 -45.68
CA PRO D 8 33.55 14.28 -44.63
C PRO D 8 32.16 14.55 -44.09
N SER D 9 32.05 15.43 -43.10
CA SER D 9 30.73 15.75 -42.55
C SER D 9 30.25 17.14 -42.93
N TYR D 10 29.47 17.23 -44.00
CA TYR D 10 28.96 18.50 -44.49
C TYR D 10 27.84 19.00 -43.59
N PRO D 11 27.88 20.29 -43.24
CA PRO D 11 26.89 20.90 -42.33
C PRO D 11 25.52 21.08 -42.93
N TRP D 12 24.85 19.99 -43.31
CA TRP D 12 23.49 20.03 -43.84
C TRP D 12 22.61 20.82 -42.90
N SER D 13 21.53 21.37 -43.44
CA SER D 13 20.64 22.17 -42.62
C SER D 13 19.62 21.31 -41.84
N HIS D 14 19.80 19.99 -41.92
CA HIS D 14 18.95 19.00 -41.25
C HIS D 14 19.81 17.93 -40.52
N ARG D 15 21.09 18.24 -40.36
CA ARG D 15 22.05 17.39 -39.66
C ARG D 15 21.82 17.58 -38.16
N GLY D 16 21.35 18.78 -37.79
CA GLY D 16 21.04 19.10 -36.41
C GLY D 16 19.87 18.31 -35.85
N LEU D 17 19.80 18.20 -34.53
CA LEU D 17 18.78 17.41 -33.85
C LEU D 17 17.33 17.77 -34.10
N LEU D 18 16.99 19.03 -33.86
CA LEU D 18 15.64 19.48 -34.03
C LEU D 18 15.58 20.26 -35.31
N SER D 19 16.33 19.81 -36.32
CA SER D 19 16.45 20.56 -37.56
C SER D 19 15.63 20.08 -38.74
N SER D 20 14.70 20.93 -39.15
CA SER D 20 13.84 20.67 -40.29
C SER D 20 14.59 20.60 -41.62
N LEU D 21 13.89 20.19 -42.67
CA LEU D 21 14.51 20.15 -43.98
C LEU D 21 14.32 21.53 -44.62
N ASP D 22 15.19 21.87 -45.57
CA ASP D 22 15.02 23.10 -46.31
C ASP D 22 14.13 22.64 -47.45
N HIS D 23 12.92 23.18 -47.52
CA HIS D 23 11.98 22.77 -48.55
C HIS D 23 12.24 23.39 -49.89
N THR D 24 12.75 24.62 -49.86
CA THR D 24 13.15 25.32 -51.07
C THR D 24 14.23 24.44 -51.69
N SER D 25 15.14 23.93 -50.84
CA SER D 25 16.22 23.06 -51.31
C SER D 25 15.81 21.64 -51.74
N ILE D 26 14.58 21.25 -51.41
CA ILE D 26 14.05 19.95 -51.80
C ILE D 26 13.48 20.06 -53.22
N ARG D 27 12.97 21.25 -53.54
CA ARG D 27 12.44 21.51 -54.87
C ARG D 27 13.54 21.38 -55.87
N ARG D 28 14.52 22.27 -55.73
CA ARG D 28 15.67 22.29 -56.62
C ARG D 28 16.13 20.86 -56.81
N GLY D 29 16.22 20.13 -55.69
CA GLY D 29 16.61 18.73 -55.71
C GLY D 29 15.68 17.86 -56.51
N PHE D 30 14.38 18.15 -56.42
CA PHE D 30 13.39 17.41 -57.22
C PHE D 30 13.74 17.67 -58.65
N GLN D 31 13.73 18.95 -59.06
CA GLN D 31 14.06 19.30 -60.43
C GLN D 31 15.29 18.55 -60.89
N VAL D 32 16.32 18.51 -60.04
CA VAL D 32 17.56 17.78 -60.34
C VAL D 32 17.24 16.31 -60.66
N TYR D 33 16.28 15.73 -59.95
CA TYR D 33 15.89 14.36 -60.23
C TYR D 33 15.16 14.23 -61.59
N LYS D 34 14.19 15.11 -61.84
CA LYS D 34 13.35 15.05 -63.04
C LYS D 34 14.05 15.02 -64.40
N GLN D 35 15.09 15.82 -64.57
CA GLN D 35 15.80 15.90 -65.85
C GLN D 35 16.98 14.93 -65.93
N VAL D 36 17.85 15.03 -64.93
CA VAL D 36 19.09 14.26 -64.90
C VAL D 36 18.99 12.74 -64.65
N CYS D 37 18.67 12.38 -63.41
CA CYS D 37 18.59 10.97 -63.00
C CYS D 37 17.42 10.19 -63.57
N SER D 38 16.24 10.83 -63.61
CA SER D 38 14.99 10.19 -64.03
C SER D 38 15.04 9.35 -65.31
N SER D 39 16.12 9.48 -66.08
CA SER D 39 16.31 8.72 -67.31
C SER D 39 17.26 7.52 -67.10
N CYS D 40 17.73 7.36 -65.86
CA CYS D 40 18.62 6.26 -65.50
C CYS D 40 18.26 5.71 -64.13
N HIS D 41 17.68 6.57 -63.28
CA HIS D 41 17.32 6.18 -61.92
C HIS D 41 15.85 6.04 -61.62
N SER D 42 15.50 4.88 -61.07
CA SER D 42 14.12 4.59 -60.64
C SER D 42 13.87 5.32 -59.31
N MET D 43 12.64 5.73 -59.07
CA MET D 43 12.30 6.27 -57.76
C MET D 43 10.89 5.84 -57.41
N ASP D 44 10.65 4.53 -57.61
CA ASP D 44 9.34 3.86 -57.44
C ASP D 44 8.48 4.18 -56.22
N TYR D 45 9.08 4.61 -55.12
CA TYR D 45 8.32 4.83 -53.91
C TYR D 45 7.79 6.24 -53.66
N VAL D 46 8.18 7.17 -54.51
CA VAL D 46 7.66 8.54 -54.39
C VAL D 46 6.62 8.77 -55.48
N ALA D 47 5.60 9.55 -55.17
CA ALA D 47 4.51 9.86 -56.10
C ALA D 47 4.33 11.37 -56.19
N TYR D 48 3.53 11.82 -57.14
CA TYR D 48 3.32 13.25 -57.30
C TYR D 48 2.59 13.88 -56.12
N ARG D 49 1.63 13.15 -55.55
CA ARG D 49 0.93 13.64 -54.37
C ARG D 49 1.88 13.86 -53.18
N HIS D 50 2.88 12.98 -53.01
CA HIS D 50 3.84 13.11 -51.90
C HIS D 50 4.46 14.50 -51.86
N LEU D 51 4.67 15.09 -53.03
CA LEU D 51 5.27 16.41 -53.14
C LEU D 51 4.37 17.57 -52.66
N VAL D 52 3.06 17.33 -52.61
CA VAL D 52 2.08 18.37 -52.26
C VAL D 52 2.27 19.15 -50.95
N GLY D 53 2.26 18.45 -49.83
CA GLY D 53 2.43 19.12 -48.56
C GLY D 53 3.87 19.57 -48.37
N VAL D 54 4.76 19.00 -49.16
CA VAL D 54 6.16 19.26 -49.02
C VAL D 54 6.62 20.54 -49.69
N CYS D 55 6.87 20.47 -51.00
CA CYS D 55 7.35 21.62 -51.73
C CYS D 55 6.25 22.43 -52.44
N TYR D 56 5.77 21.90 -53.56
CA TYR D 56 4.77 22.54 -54.43
C TYR D 56 3.36 22.75 -53.86
N THR D 57 2.41 23.13 -54.71
CA THR D 57 1.02 23.24 -54.28
C THR D 57 0.27 22.12 -54.97
N GLU D 58 -1.03 22.00 -54.69
CA GLU D 58 -1.86 20.98 -55.32
C GLU D 58 -1.77 21.05 -56.85
N ASP D 59 -2.17 22.20 -57.39
CA ASP D 59 -2.15 22.45 -58.83
C ASP D 59 -0.77 22.25 -59.44
N GLU D 60 0.25 22.85 -58.82
CA GLU D 60 1.62 22.71 -59.29
C GLU D 60 1.96 21.24 -59.46
N ALA D 61 1.63 20.44 -58.44
CA ALA D 61 1.89 18.99 -58.46
C ALA D 61 1.24 18.26 -59.63
N LYS D 62 -0.03 18.56 -59.89
CA LYS D 62 -0.76 17.94 -61.00
C LYS D 62 -0.07 18.11 -62.34
N ALA D 63 0.16 19.37 -62.72
CA ALA D 63 0.82 19.71 -63.99
C ALA D 63 2.14 18.96 -64.21
N LEU D 64 2.91 18.76 -63.13
CA LEU D 64 4.19 18.05 -63.21
C LEU D 64 4.00 16.58 -63.56
N ALA D 65 2.91 16.01 -63.08
CA ALA D 65 2.57 14.62 -63.35
C ALA D 65 2.02 14.49 -64.74
N GLU D 66 1.32 15.54 -65.18
CA GLU D 66 0.70 15.59 -66.50
C GLU D 66 1.66 15.83 -67.67
N GLU D 67 2.96 15.85 -67.38
CA GLU D 67 4.00 16.05 -68.37
C GLU D 67 4.66 14.75 -68.81
N VAL D 68 3.95 13.63 -68.63
CA VAL D 68 4.44 12.31 -69.04
C VAL D 68 3.21 11.51 -69.48
N GLU D 69 3.44 10.40 -70.16
CA GLU D 69 2.34 9.51 -70.54
C GLU D 69 2.55 8.16 -69.85
N VAL D 70 1.53 7.75 -69.08
CA VAL D 70 1.63 6.57 -68.21
C VAL D 70 1.34 5.20 -68.80
N GLN D 71 0.06 4.82 -68.77
CA GLN D 71 -0.48 3.52 -69.23
C GLN D 71 -1.56 3.12 -68.26
N ASP D 72 -2.72 3.75 -68.39
CA ASP D 72 -3.82 3.41 -67.51
C ASP D 72 -4.38 2.04 -67.87
N GLY D 73 -5.29 1.56 -67.02
CA GLY D 73 -5.89 0.24 -67.16
C GLY D 73 -6.47 -0.11 -68.51
N PRO D 74 -6.80 -1.37 -68.69
CA PRO D 74 -7.40 -1.87 -69.94
C PRO D 74 -8.85 -1.44 -70.05
N ASN D 75 -9.38 -1.39 -71.25
CA ASN D 75 -10.77 -1.03 -71.41
C ASN D 75 -11.44 -1.79 -72.54
N GLU D 76 -12.60 -2.37 -72.25
CA GLU D 76 -13.41 -3.11 -73.22
C GLU D 76 -12.74 -4.05 -74.22
N ASP D 77 -11.70 -3.58 -74.91
CA ASP D 77 -10.99 -4.40 -75.90
C ASP D 77 -9.85 -5.21 -75.29
N GLY D 78 -9.60 -5.04 -73.99
CA GLY D 78 -8.48 -5.68 -73.32
C GLY D 78 -7.29 -5.05 -73.99
N GLU D 79 -7.05 -3.78 -73.66
CA GLU D 79 -6.10 -3.00 -74.43
C GLU D 79 -4.82 -2.50 -73.81
N MET D 80 -4.86 -1.24 -73.37
CA MET D 80 -3.77 -0.47 -72.76
C MET D 80 -3.48 0.78 -73.60
N PHE D 81 -3.95 1.93 -73.13
CA PHE D 81 -3.67 3.19 -73.81
C PHE D 81 -2.54 3.95 -73.11
N MET D 82 -2.63 5.28 -73.06
CA MET D 82 -1.63 6.10 -72.37
C MET D 82 -2.38 7.30 -71.81
N ARG D 83 -1.92 7.85 -70.68
CA ARG D 83 -2.68 8.87 -69.98
C ARG D 83 -1.79 10.04 -69.53
N PRO D 84 -2.35 11.25 -69.42
CA PRO D 84 -1.59 12.43 -68.95
C PRO D 84 -0.83 12.28 -67.61
N GLY D 85 -1.27 11.44 -66.68
CA GLY D 85 -0.57 11.33 -65.41
C GLY D 85 -1.31 12.11 -64.35
N LYS D 86 -1.72 11.44 -63.29
CA LYS D 86 -2.53 12.09 -62.26
C LYS D 86 -1.79 12.64 -61.06
N LEU D 87 -1.95 11.98 -59.93
CA LEU D 87 -1.29 12.40 -58.70
C LEU D 87 -1.03 11.11 -57.98
N SER D 88 -1.88 10.13 -58.30
CA SER D 88 -1.83 8.78 -57.77
C SER D 88 -0.69 8.03 -58.44
N ASP D 89 -0.06 8.66 -59.40
CA ASP D 89 1.03 8.05 -60.12
C ASP D 89 2.31 8.24 -59.39
N TYR D 90 3.15 7.23 -59.46
CA TYR D 90 4.45 7.29 -58.83
C TYR D 90 5.44 7.89 -59.84
N PHE D 91 6.72 7.61 -59.62
CA PHE D 91 7.76 8.02 -60.54
C PHE D 91 8.43 6.75 -61.14
N PRO D 92 7.68 5.74 -61.65
CA PRO D 92 8.36 4.57 -62.21
C PRO D 92 8.81 4.92 -63.64
N LYS D 93 10.10 5.03 -63.86
CA LYS D 93 10.51 5.51 -65.15
C LYS D 93 11.40 4.67 -66.10
N PRO D 94 12.73 4.89 -66.05
CA PRO D 94 13.68 4.40 -67.06
C PRO D 94 13.36 3.18 -67.89
N TYR D 95 13.85 2.04 -67.44
CA TYR D 95 13.74 0.83 -68.20
C TYR D 95 12.85 -0.20 -67.51
N PRO D 96 12.03 -0.89 -68.31
CA PRO D 96 11.13 -1.95 -67.82
C PRO D 96 11.89 -3.05 -67.06
N ASN D 97 12.40 -4.04 -67.77
CA ASN D 97 13.18 -5.11 -67.15
C ASN D 97 14.52 -4.60 -66.60
N PRO D 98 15.02 -5.19 -65.51
CA PRO D 98 16.27 -4.73 -64.90
C PRO D 98 17.42 -4.69 -65.88
N GLU D 99 17.63 -5.80 -66.59
CA GLU D 99 18.68 -5.90 -67.59
C GLU D 99 18.63 -4.80 -68.65
N ALA D 100 17.50 -4.12 -68.80
CA ALA D 100 17.42 -3.03 -69.76
C ALA D 100 18.27 -1.85 -69.27
N ALA D 101 18.55 -1.82 -67.96
CA ALA D 101 19.49 -0.86 -67.42
C ALA D 101 20.83 -1.30 -67.91
N ARG D 102 21.08 -2.60 -67.74
CA ARG D 102 22.31 -3.23 -68.15
C ARG D 102 22.65 -3.04 -69.62
N ALA D 103 21.74 -3.48 -70.50
CA ALA D 103 21.92 -3.33 -71.94
C ALA D 103 22.24 -1.89 -72.33
N ALA D 104 21.48 -0.95 -71.75
CA ALA D 104 21.68 0.47 -72.03
C ALA D 104 23.10 0.87 -71.67
N ASN D 105 23.45 0.73 -70.39
CA ASN D 105 24.82 1.00 -69.94
C ASN D 105 25.69 -0.23 -70.31
N ASN D 106 26.51 -0.73 -69.39
CA ASN D 106 27.22 -1.98 -69.65
C ASN D 106 27.19 -2.75 -68.36
N GLY D 107 26.18 -3.62 -68.23
CA GLY D 107 25.90 -4.27 -66.97
C GLY D 107 25.43 -3.04 -66.21
N ALA D 108 25.99 -2.84 -65.02
CA ALA D 108 25.74 -1.62 -64.24
C ALA D 108 24.29 -1.19 -63.99
N LEU D 109 23.85 -1.37 -62.76
CA LEU D 109 22.52 -0.93 -62.41
C LEU D 109 22.61 0.38 -61.67
N PRO D 110 21.94 1.40 -62.20
CA PRO D 110 21.82 2.70 -61.52
C PRO D 110 20.70 2.53 -60.49
N PRO D 111 21.06 2.24 -59.24
CA PRO D 111 20.08 1.89 -58.19
C PRO D 111 19.06 2.99 -57.91
N ASP D 112 17.83 2.57 -57.59
CA ASP D 112 16.74 3.49 -57.30
C ASP D 112 17.07 4.50 -56.23
N LEU D 113 16.63 5.73 -56.44
CA LEU D 113 16.95 6.83 -55.54
C LEU D 113 15.91 7.07 -54.48
N SER D 114 14.96 6.17 -54.38
CA SER D 114 13.93 6.28 -53.37
C SER D 114 14.52 6.04 -51.98
N TYR D 115 15.49 5.14 -51.91
CA TYR D 115 16.07 4.75 -50.62
C TYR D 115 17.59 4.94 -50.48
N ILE D 116 18.22 5.59 -51.45
CA ILE D 116 19.68 5.74 -51.45
C ILE D 116 20.37 6.32 -50.21
N VAL D 117 19.93 7.49 -49.77
CA VAL D 117 20.53 8.13 -48.61
C VAL D 117 20.57 7.17 -47.41
N ARG D 118 19.49 6.45 -47.21
CA ARG D 118 19.47 5.50 -46.11
C ARG D 118 20.19 4.17 -46.39
N ALA D 119 20.55 3.92 -47.64
CA ALA D 119 21.12 2.61 -47.97
C ALA D 119 22.59 2.48 -48.34
N ARG D 120 23.37 3.52 -48.09
CA ARG D 120 24.79 3.42 -48.43
C ARG D 120 25.76 3.27 -47.26
N HIS D 121 25.79 4.28 -46.37
CA HIS D 121 26.68 4.37 -45.20
C HIS D 121 27.33 5.72 -45.33
N GLY D 122 26.94 6.65 -44.47
CA GLY D 122 27.27 8.04 -44.66
C GLY D 122 26.05 8.35 -45.50
N GLY D 123 25.26 9.32 -45.09
CA GLY D 123 24.00 9.53 -45.79
C GLY D 123 24.19 10.34 -47.04
N GLU D 124 23.63 11.54 -46.98
CA GLU D 124 23.75 12.49 -48.06
C GLU D 124 25.23 12.76 -48.25
N ASP D 125 25.99 12.71 -47.15
CA ASP D 125 27.45 12.90 -47.19
C ASP D 125 28.15 12.05 -48.25
N TYR D 126 27.86 10.75 -48.29
CA TYR D 126 28.47 9.85 -49.29
C TYR D 126 28.02 10.15 -50.70
N VAL D 127 26.72 10.36 -50.87
CA VAL D 127 26.21 10.69 -52.19
C VAL D 127 26.73 12.03 -52.67
N PHE D 128 26.63 13.05 -51.80
CA PHE D 128 27.15 14.38 -52.12
C PHE D 128 28.61 14.34 -52.50
N SER D 129 29.40 13.60 -51.72
CA SER D 129 30.83 13.50 -51.99
C SER D 129 31.16 12.70 -53.24
N LEU D 130 30.31 11.71 -53.57
CA LEU D 130 30.50 10.89 -54.76
C LEU D 130 30.15 11.73 -55.98
N LEU D 131 29.15 12.57 -55.82
CA LEU D 131 28.69 13.46 -56.88
C LEU D 131 29.70 14.59 -57.14
N THR D 132 30.17 15.18 -56.05
CA THR D 132 31.08 16.32 -56.09
C THR D 132 32.57 15.96 -56.23
N GLY D 133 33.01 14.97 -55.48
CA GLY D 133 34.42 14.59 -55.48
C GLY D 133 34.92 13.83 -56.69
N TYR D 134 34.23 13.98 -57.82
CA TYR D 134 34.63 13.35 -59.07
C TYR D 134 36.06 13.79 -59.47
N CYS D 135 36.95 12.82 -59.68
CA CYS D 135 38.34 13.12 -60.03
C CYS D 135 39.04 12.21 -61.04
N GLU D 136 40.29 12.58 -61.34
CA GLU D 136 41.13 11.97 -62.37
C GLU D 136 42.09 10.90 -61.83
N PRO D 137 42.29 9.81 -62.58
CA PRO D 137 43.09 8.66 -62.13
C PRO D 137 44.54 8.97 -61.85
N PRO D 138 45.02 8.54 -60.70
CA PRO D 138 46.39 8.78 -60.26
C PRO D 138 47.46 8.17 -61.16
N THR D 139 47.62 6.85 -61.13
CA THR D 139 48.65 6.15 -61.92
C THR D 139 48.43 4.65 -61.78
N GLY D 140 49.21 3.87 -62.53
CA GLY D 140 49.21 2.41 -62.46
C GLY D 140 47.95 1.62 -62.68
N VAL D 141 46.82 2.30 -62.82
CA VAL D 141 45.60 1.62 -63.10
C VAL D 141 44.90 2.37 -64.20
N SER D 142 44.47 1.61 -65.21
CA SER D 142 43.66 2.16 -66.29
C SER D 142 42.28 1.56 -66.06
N LEU D 143 41.26 2.30 -66.46
CA LEU D 143 39.87 1.86 -66.30
C LEU D 143 39.50 1.05 -67.56
N ARG D 144 38.38 1.42 -68.18
CA ARG D 144 37.93 0.83 -69.44
C ARG D 144 37.12 1.92 -70.10
N GLU D 145 37.44 3.19 -69.81
CA GLU D 145 36.60 4.35 -70.21
C GLU D 145 35.11 4.00 -70.32
N GLY D 146 34.67 3.25 -69.32
CA GLY D 146 33.30 2.84 -69.18
C GLY D 146 33.19 2.95 -67.69
N LEU D 147 34.16 2.33 -67.02
CA LEU D 147 34.21 2.35 -65.59
C LEU D 147 35.00 3.59 -65.18
N TYR D 148 34.34 4.75 -65.19
CA TYR D 148 34.97 6.01 -64.78
C TYR D 148 35.65 5.88 -63.41
N PHE D 149 36.46 6.86 -63.05
CA PHE D 149 37.16 6.78 -61.78
C PHE D 149 36.44 7.57 -60.68
N ASN D 150 36.38 7.01 -59.47
CA ASN D 150 35.84 7.75 -58.34
C ASN D 150 36.50 7.35 -57.01
N PRO D 151 37.02 8.32 -56.26
CA PRO D 151 37.68 8.01 -54.97
C PRO D 151 36.67 7.69 -53.88
N TYR D 152 35.54 8.38 -53.91
CA TYR D 152 34.46 8.16 -52.97
C TYR D 152 33.57 7.06 -53.49
N PHE D 153 34.16 5.89 -53.77
CA PHE D 153 33.43 4.76 -54.31
C PHE D 153 34.25 3.52 -54.06
N PRO D 154 33.60 2.44 -53.65
CA PRO D 154 34.27 1.15 -53.43
C PRO D 154 34.97 0.56 -54.65
N GLY D 155 36.28 0.39 -54.54
CA GLY D 155 37.10 -0.11 -55.64
C GLY D 155 37.62 1.08 -56.41
N GLN D 156 37.22 2.27 -55.96
CA GLN D 156 37.52 3.57 -56.57
C GLN D 156 37.25 3.66 -58.06
N ALA D 157 36.82 2.55 -58.62
CA ALA D 157 36.57 2.48 -60.02
C ALA D 157 35.19 1.92 -60.20
N ILE D 158 34.30 2.69 -60.85
CA ILE D 158 32.94 2.26 -61.24
C ILE D 158 31.82 3.08 -61.91
N GLY D 159 31.56 2.67 -63.16
CA GLY D 159 30.36 2.94 -63.97
C GLY D 159 29.58 4.19 -64.33
N MET D 160 29.39 5.10 -63.40
CA MET D 160 28.55 6.25 -63.66
C MET D 160 29.38 7.47 -64.13
N ALA D 161 28.85 8.23 -65.09
CA ALA D 161 29.50 9.43 -65.61
C ALA D 161 29.14 10.60 -64.69
N PRO D 162 29.92 11.68 -64.65
CA PRO D 162 29.61 12.81 -63.75
C PRO D 162 28.60 13.81 -64.34
N PRO D 163 27.28 13.55 -64.30
CA PRO D 163 26.34 14.47 -64.94
C PRO D 163 26.04 15.66 -64.04
N ILE D 164 26.92 15.91 -63.09
CA ILE D 164 26.68 16.96 -62.14
C ILE D 164 27.08 18.39 -62.52
N TYR D 165 28.07 18.57 -63.40
CA TYR D 165 28.26 19.92 -63.90
C TYR D 165 27.48 20.18 -65.17
N ASN D 166 27.34 19.17 -66.03
CA ASN D 166 26.44 19.35 -67.18
C ASN D 166 25.24 20.00 -66.47
N GLU D 167 24.99 21.26 -66.83
CA GLU D 167 24.00 22.03 -66.13
C GLU D 167 22.69 22.16 -66.89
N VAL D 168 21.59 21.91 -66.18
CA VAL D 168 20.24 22.17 -66.71
C VAL D 168 19.89 23.33 -65.79
N LEU D 169 18.66 23.49 -65.31
CA LEU D 169 18.32 24.63 -64.43
C LEU D 169 16.91 25.10 -64.56
N GLU D 170 16.34 25.53 -63.43
CA GLU D 170 15.01 26.12 -63.38
C GLU D 170 14.58 26.48 -61.97
N PHE D 171 15.24 27.48 -61.40
CA PHE D 171 14.89 27.89 -60.05
C PHE D 171 14.09 29.15 -60.21
N ASP D 172 12.76 29.05 -60.12
CA ASP D 172 11.85 30.21 -60.29
C ASP D 172 12.48 31.53 -59.80
N ASP D 173 12.60 31.71 -58.48
CA ASP D 173 13.23 32.95 -58.01
C ASP D 173 14.74 32.95 -58.20
N GLY D 174 15.22 31.91 -58.88
CA GLY D 174 16.59 31.80 -59.31
C GLY D 174 17.67 31.58 -58.30
N THR D 175 18.64 30.76 -58.69
CA THR D 175 19.85 30.52 -57.93
C THR D 175 20.85 30.01 -58.96
N PRO D 176 22.11 30.38 -58.80
CA PRO D 176 23.18 29.86 -59.67
C PRO D 176 23.25 28.35 -59.48
N ALA D 177 23.45 27.60 -60.55
CA ALA D 177 23.58 26.16 -60.39
C ALA D 177 24.92 25.58 -60.74
N THR D 178 25.82 25.64 -59.77
CA THR D 178 27.16 25.09 -59.90
C THR D 178 27.10 23.61 -59.68
N MET D 179 28.24 22.94 -59.75
CA MET D 179 28.23 21.52 -59.50
C MET D 179 27.78 21.28 -58.07
N SER D 180 28.44 21.98 -57.14
CA SER D 180 28.15 21.85 -55.70
C SER D 180 26.75 22.22 -55.28
N GLN D 181 26.32 23.43 -55.63
CA GLN D 181 25.01 23.92 -55.26
C GLN D 181 23.86 23.09 -55.86
N VAL D 182 24.13 22.37 -56.95
CA VAL D 182 23.11 21.49 -57.54
C VAL D 182 23.17 20.11 -56.85
N ALA D 183 24.28 19.83 -56.16
CA ALA D 183 24.47 18.54 -55.49
C ALA D 183 23.79 18.49 -54.11
N LYS D 184 23.94 19.58 -53.35
CA LYS D 184 23.29 19.72 -52.04
C LYS D 184 21.81 19.50 -52.20
N ASP D 185 21.29 19.96 -53.33
CA ASP D 185 19.89 19.90 -53.57
C ASP D 185 19.37 18.51 -53.89
N VAL D 186 20.04 17.81 -54.80
CA VAL D 186 19.65 16.44 -55.14
C VAL D 186 19.77 15.58 -53.88
N CYS D 187 20.76 15.90 -53.06
CA CYS D 187 20.97 15.17 -51.82
C CYS D 187 19.94 15.58 -50.78
N THR D 188 19.69 16.89 -50.67
CA THR D 188 18.69 17.38 -49.73
C THR D 188 17.30 16.86 -50.12
N PHE D 189 17.15 16.48 -51.38
CA PHE D 189 15.90 15.88 -51.85
C PHE D 189 15.95 14.38 -51.57
N LEU D 190 17.13 13.77 -51.77
CA LEU D 190 17.27 12.33 -51.58
C LEU D 190 17.09 11.85 -50.15
N ARG D 191 17.31 12.75 -49.20
CA ARG D 191 17.09 12.46 -47.79
C ARG D 191 15.60 12.24 -47.67
N TRP D 192 14.83 13.27 -48.04
CA TRP D 192 13.38 13.28 -47.97
C TRP D 192 12.69 12.14 -48.74
N ALA D 193 13.33 11.63 -49.78
CA ALA D 193 12.73 10.51 -50.53
C ALA D 193 12.87 9.23 -49.69
N ALA D 194 13.98 9.14 -48.97
CA ALA D 194 14.26 8.00 -48.12
C ALA D 194 13.58 8.10 -46.76
N GLU D 195 13.19 9.31 -46.37
CA GLU D 195 12.60 9.54 -45.06
C GLU D 195 11.75 10.79 -45.08
N PRO D 196 10.52 10.67 -45.62
CA PRO D 196 9.59 11.82 -45.73
C PRO D 196 9.14 12.31 -44.37
N GLU D 197 9.20 11.42 -43.39
CA GLU D 197 8.78 11.70 -42.02
C GLU D 197 9.77 12.58 -41.27
N HIS D 198 11.01 12.66 -41.78
CA HIS D 198 12.11 13.41 -41.17
C HIS D 198 11.76 14.54 -40.23
N ASP D 199 11.01 15.51 -40.74
CA ASP D 199 10.67 16.69 -39.98
C ASP D 199 9.65 16.48 -38.92
N HIS D 200 8.65 15.65 -39.21
CA HIS D 200 7.57 15.42 -38.27
C HIS D 200 8.10 14.83 -36.97
N ARG D 201 8.89 13.77 -37.08
CA ARG D 201 9.43 13.12 -35.91
C ARG D 201 10.22 14.04 -35.02
N LYS D 202 11.02 14.92 -35.63
CA LYS D 202 11.85 15.83 -34.87
C LYS D 202 11.02 16.85 -34.10
N ARG D 203 9.79 17.07 -34.53
CA ARG D 203 8.89 17.95 -33.83
C ARG D 203 8.37 17.18 -32.61
N MET D 204 8.07 15.90 -32.81
CA MET D 204 7.60 15.06 -31.72
C MET D 204 8.74 14.88 -30.77
N GLY D 205 9.93 14.63 -31.33
CA GLY D 205 11.12 14.52 -30.53
C GLY D 205 11.29 15.70 -29.60
N LEU D 206 11.03 16.92 -30.09
CA LEU D 206 11.11 18.12 -29.27
C LEU D 206 10.09 18.03 -28.13
N LYS D 207 8.89 17.60 -28.48
CA LYS D 207 7.85 17.42 -27.50
C LYS D 207 8.25 16.30 -26.53
N MET D 208 8.81 15.22 -27.07
CA MET D 208 9.24 14.07 -26.26
C MET D 208 10.27 14.49 -25.21
N LEU D 209 11.25 15.31 -25.60
CA LEU D 209 12.22 15.83 -24.63
C LEU D 209 11.56 16.81 -23.65
N LEU D 210 10.72 17.71 -24.14
CA LEU D 210 10.06 18.69 -23.27
C LEU D 210 9.16 17.99 -22.27
N MET D 211 8.41 17.00 -22.75
CA MET D 211 7.51 16.24 -21.90
C MET D 211 8.26 15.47 -20.87
N MET D 212 9.23 14.68 -21.32
CA MET D 212 10.01 13.85 -20.44
C MET D 212 10.78 14.72 -19.46
N GLY D 213 11.12 15.92 -19.88
CA GLY D 213 11.83 16.86 -19.03
C GLY D 213 10.90 17.39 -17.95
N LEU D 214 9.61 17.11 -18.08
CA LEU D 214 8.66 17.48 -17.05
C LEU D 214 8.19 16.22 -16.27
N LEU D 215 7.89 15.14 -16.98
CA LEU D 215 7.42 13.90 -16.37
C LEU D 215 8.46 13.21 -15.50
N LEU D 216 9.67 13.07 -16.03
CA LEU D 216 10.73 12.43 -15.30
C LEU D 216 10.94 12.93 -13.88
N PRO D 217 11.25 14.22 -13.67
CA PRO D 217 11.40 14.70 -12.30
C PRO D 217 10.11 14.48 -11.52
N LEU D 218 8.96 14.79 -12.13
CA LEU D 218 7.66 14.60 -11.48
C LEU D 218 7.43 13.18 -10.93
N VAL D 219 7.72 12.15 -11.74
CA VAL D 219 7.54 10.76 -11.30
C VAL D 219 8.56 10.41 -10.19
N TYR D 220 9.77 10.95 -10.31
CA TYR D 220 10.82 10.79 -9.33
C TYR D 220 10.34 11.25 -7.97
N ALA D 221 9.82 12.49 -7.92
CA ALA D 221 9.31 13.06 -6.69
C ALA D 221 8.15 12.25 -6.12
N MET D 222 7.32 11.68 -7.01
CA MET D 222 6.22 10.80 -6.59
C MET D 222 6.80 9.57 -5.91
N LYS D 223 7.81 8.99 -6.54
CA LYS D 223 8.46 7.80 -6.02
C LYS D 223 9.29 8.14 -4.81
N ARG D 224 9.78 9.37 -4.75
CA ARG D 224 10.59 9.79 -3.61
C ARG D 224 9.71 9.92 -2.38
N HIS D 225 8.56 10.52 -2.61
CA HIS D 225 7.55 10.75 -1.58
C HIS D 225 7.03 9.46 -0.93
N LYS D 226 6.81 8.43 -1.74
CA LYS D 226 6.34 7.19 -1.15
C LYS D 226 7.42 6.36 -0.45
N TRP D 227 8.64 6.45 -0.93
CA TRP D 227 9.73 5.73 -0.31
C TRP D 227 10.21 6.46 0.95
N SER D 228 9.75 7.71 1.09
CA SER D 228 10.06 8.61 2.21
C SER D 228 10.12 7.79 3.46
N VAL D 229 8.99 7.14 3.72
CA VAL D 229 8.77 6.24 4.84
C VAL D 229 9.89 5.23 5.06
N LEU D 230 10.42 4.63 4.01
CA LEU D 230 11.52 3.72 4.21
C LEU D 230 12.86 4.44 4.32
N LYS D 231 13.02 5.58 3.66
CA LYS D 231 14.31 6.25 3.71
C LYS D 231 14.63 6.80 5.08
N SER D 232 13.60 7.28 5.79
CA SER D 232 13.88 7.83 7.10
C SER D 232 13.59 6.93 8.29
N ARG D 233 13.15 5.70 8.04
CA ARG D 233 12.85 4.76 9.13
C ARG D 233 14.05 4.58 10.03
N LYS D 234 13.81 4.59 11.34
CA LYS D 234 14.92 4.37 12.26
C LYS D 234 14.68 3.05 12.98
N LEU D 235 15.74 2.29 13.20
CA LEU D 235 15.63 1.03 13.93
C LEU D 235 16.29 1.14 15.27
N ALA D 236 15.81 0.29 16.18
CA ALA D 236 16.33 0.18 17.52
C ALA D 236 16.19 -1.30 17.84
N TYR D 237 17.16 -1.85 18.54
CA TYR D 237 17.10 -3.26 18.95
C TYR D 237 17.04 -3.29 20.46
N ARG D 238 15.99 -3.83 21.02
CA ARG D 238 15.92 -3.86 22.48
C ARG D 238 15.74 -5.25 23.05
N PRO D 239 16.83 -6.04 23.10
CA PRO D 239 16.76 -7.41 23.62
C PRO D 239 16.61 -7.36 25.11
N PRO D 240 16.12 -8.44 25.71
CA PRO D 240 16.02 -8.51 27.17
C PRO D 240 17.39 -8.65 27.82
N LYS D 241 17.53 -8.14 29.06
CA LYS D 241 18.75 -8.21 29.92
C LYS D 241 19.97 -7.31 29.56
N SER E 1 9.69 1.10 31.93
CA SER E 1 10.93 0.76 31.19
C SER E 1 10.75 0.75 29.68
N HIS E 2 9.52 0.56 29.22
CA HIS E 2 9.23 0.78 27.81
C HIS E 2 9.05 2.31 27.77
N THR E 3 9.00 2.91 28.95
CA THR E 3 8.93 4.34 29.14
C THR E 3 10.25 5.02 28.81
N ASP E 4 11.33 4.26 28.67
CA ASP E 4 12.61 4.88 28.23
C ASP E 4 12.61 5.08 26.68
N ILE E 5 11.56 4.62 26.02
CA ILE E 5 11.47 4.67 24.57
C ILE E 5 10.94 6.00 24.10
N LYS E 6 11.86 6.78 23.56
CA LYS E 6 11.54 8.05 22.98
C LYS E 6 11.77 7.90 21.48
N VAL E 7 10.93 8.54 20.67
CA VAL E 7 11.12 8.52 19.21
C VAL E 7 12.29 9.42 18.83
N PRO E 8 13.21 8.88 18.02
CA PRO E 8 14.38 9.62 17.57
C PRO E 8 14.01 10.92 16.90
N ASP E 9 14.88 11.91 17.05
CA ASP E 9 14.60 13.21 16.47
C ASP E 9 14.57 13.15 14.94
N PHE E 10 13.54 13.74 14.35
CA PHE E 10 13.35 13.66 12.91
C PHE E 10 13.54 14.99 12.20
N SER E 11 13.87 16.01 12.97
CA SER E 11 14.07 17.37 12.46
C SER E 11 14.87 17.43 11.15
N ASP E 12 15.85 16.54 11.06
CA ASP E 12 16.72 16.41 9.90
C ASP E 12 15.93 16.11 8.61
N TYR E 13 14.76 15.51 8.75
CA TYR E 13 13.93 15.11 7.59
C TYR E 13 12.61 15.86 7.39
N ARG E 14 12.12 16.52 8.43
CA ARG E 14 10.84 17.20 8.36
C ARG E 14 10.76 18.37 7.41
N ARG E 15 9.60 18.53 6.78
CA ARG E 15 9.33 19.70 5.95
C ARG E 15 9.42 20.92 6.89
N PRO E 16 9.68 22.11 6.33
CA PRO E 16 9.87 23.30 7.16
C PRO E 16 8.61 23.74 7.91
N GLU E 17 7.45 23.43 7.35
CA GLU E 17 6.19 23.82 7.94
C GLU E 17 5.93 23.07 9.24
N VAL E 18 6.67 21.98 9.44
CA VAL E 18 6.52 21.07 10.59
C VAL E 18 7.82 20.95 11.39
N LEU E 19 8.45 22.06 11.68
CA LEU E 19 9.70 22.01 12.44
C LEU E 19 9.51 22.38 13.90
N ASP E 20 8.42 23.06 14.18
CA ASP E 20 8.15 23.54 15.51
C ASP E 20 7.22 22.66 16.36
N SER E 21 7.74 22.20 17.50
CA SER E 21 6.95 21.46 18.49
C SER E 21 5.92 22.38 19.11
N THR E 22 6.23 23.69 19.17
CA THR E 22 5.30 24.70 19.68
C THR E 22 4.02 24.66 18.90
N LYS E 23 4.10 24.48 17.57
CA LYS E 23 2.89 24.60 16.74
C LYS E 23 2.24 23.47 15.90
N SER E 24 0.91 23.48 15.90
CA SER E 24 0.06 22.55 15.17
C SER E 24 0.51 22.23 13.77
N SER E 25 0.29 20.99 13.38
CA SER E 25 0.63 20.56 12.03
C SER E 25 -0.63 20.71 11.19
N LYS E 26 -1.74 21.01 11.88
CA LYS E 26 -3.04 21.16 11.22
C LYS E 26 -3.02 22.30 10.22
N GLU E 27 -2.43 23.42 10.63
CA GLU E 27 -2.36 24.63 9.82
C GLU E 27 -1.75 24.40 8.46
N SER E 28 -0.73 23.55 8.39
CA SER E 28 -0.04 23.33 7.13
C SER E 28 -0.36 22.01 6.43
N SER E 29 -1.26 21.23 7.02
CA SER E 29 -1.61 19.94 6.43
C SER E 29 -2.13 20.11 5.01
N GLU E 30 -3.02 21.07 4.82
CA GLU E 30 -3.61 21.35 3.51
C GLU E 30 -2.53 21.62 2.48
N ALA E 31 -1.72 22.64 2.78
CA ALA E 31 -0.62 23.05 1.95
C ALA E 31 0.35 21.93 1.67
N ARG E 32 0.63 21.12 2.69
CA ARG E 32 1.56 20.00 2.51
C ARG E 32 0.94 18.97 1.60
N LYS E 33 -0.34 18.68 1.78
CA LYS E 33 -1.04 17.74 0.92
C LYS E 33 -1.22 18.41 -0.44
N GLY E 34 -1.60 19.69 -0.41
CA GLY E 34 -1.75 20.47 -1.63
C GLY E 34 -0.55 20.24 -2.50
N PHE E 35 0.63 20.54 -1.95
CA PHE E 35 1.87 20.39 -2.67
C PHE E 35 2.04 19.03 -3.34
N SER E 36 1.98 17.96 -2.55
CA SER E 36 2.20 16.58 -3.06
C SER E 36 1.14 16.10 -4.04
N TYR E 37 -0.07 16.60 -3.89
CA TYR E 37 -1.15 16.18 -4.76
C TYR E 37 -1.08 16.92 -6.09
N LEU E 38 -0.62 18.16 -6.03
CA LEU E 38 -0.43 18.93 -7.25
C LEU E 38 0.60 18.21 -8.11
N VAL E 39 1.60 17.63 -7.45
CA VAL E 39 2.66 16.89 -8.12
C VAL E 39 2.06 15.73 -8.90
N THR E 40 1.22 14.94 -8.25
CA THR E 40 0.58 13.82 -8.95
C THR E 40 -0.45 14.30 -9.99
N ALA E 41 -1.21 15.35 -9.66
CA ALA E 41 -2.20 15.89 -10.61
C ALA E 41 -1.51 16.21 -11.95
N THR E 42 -0.43 16.99 -11.87
CA THR E 42 0.38 17.39 -13.03
C THR E 42 0.91 16.20 -13.78
N THR E 43 1.43 15.22 -13.05
CA THR E 43 1.93 13.98 -13.64
C THR E 43 0.88 13.32 -14.51
N THR E 44 -0.30 13.10 -13.95
CA THR E 44 -1.41 12.44 -14.66
C THR E 44 -1.72 13.24 -15.91
N VAL E 45 -1.77 14.57 -15.76
CA VAL E 45 -2.03 15.47 -16.86
C VAL E 45 -0.98 15.24 -17.95
N GLY E 46 0.28 15.06 -17.54
CA GLY E 46 1.39 14.81 -18.45
C GLY E 46 1.16 13.47 -19.15
N VAL E 47 1.08 12.40 -18.36
CA VAL E 47 0.82 11.08 -18.90
C VAL E 47 -0.41 11.10 -19.82
N ALA E 48 -1.42 11.87 -19.44
CA ALA E 48 -2.65 11.97 -20.23
C ALA E 48 -2.32 12.49 -21.60
N TYR E 49 -1.70 13.68 -21.65
CA TYR E 49 -1.32 14.31 -22.91
C TYR E 49 -0.64 13.31 -23.80
N ALA E 50 0.29 12.55 -23.22
CA ALA E 50 1.05 11.58 -23.96
C ALA E 50 0.25 10.38 -24.31
N ALA E 51 -0.70 10.01 -23.46
CA ALA E 51 -1.48 8.80 -23.72
C ALA E 51 -2.35 8.91 -24.97
N LYS E 52 -3.10 10.00 -25.12
CA LYS E 52 -3.95 10.12 -26.30
C LYS E 52 -3.14 10.06 -27.54
N ASN E 53 -2.10 10.91 -27.60
CA ASN E 53 -1.25 10.97 -28.75
C ASN E 53 -0.92 9.59 -29.29
N VAL E 54 -0.27 8.75 -28.48
CA VAL E 54 0.08 7.39 -28.93
C VAL E 54 -1.15 6.59 -29.32
N VAL E 55 -2.17 6.64 -28.49
CA VAL E 55 -3.40 5.92 -28.74
C VAL E 55 -4.05 6.41 -30.06
N SER E 56 -4.11 7.72 -30.26
CA SER E 56 -4.65 8.31 -31.50
C SER E 56 -3.79 7.87 -32.70
N GLN E 57 -2.50 8.13 -32.62
CA GLN E 57 -1.61 7.70 -33.66
C GLN E 57 -1.85 6.22 -34.02
N PHE E 58 -2.07 5.36 -33.02
CA PHE E 58 -2.39 3.96 -33.31
C PHE E 58 -3.79 3.81 -33.89
N VAL E 59 -4.70 4.69 -33.49
CA VAL E 59 -6.07 4.68 -33.99
C VAL E 59 -6.04 5.12 -35.45
N SER E 60 -5.34 6.21 -35.73
CA SER E 60 -5.20 6.73 -37.09
C SER E 60 -4.62 5.69 -38.06
N SER E 61 -3.68 4.88 -37.60
CA SER E 61 -3.01 3.85 -38.41
C SER E 61 -3.97 2.92 -39.16
N MET E 62 -5.26 3.10 -38.95
CA MET E 62 -6.26 2.27 -39.60
C MET E 62 -7.24 3.00 -40.54
N SER E 63 -6.84 4.14 -41.12
CA SER E 63 -7.75 4.94 -41.95
C SER E 63 -7.28 5.32 -43.39
N ALA E 64 -6.60 6.46 -43.51
CA ALA E 64 -6.05 6.93 -44.79
C ALA E 64 -5.03 5.92 -45.40
N SER E 65 -4.12 6.37 -46.27
CA SER E 65 -3.13 5.48 -46.89
C SER E 65 -2.77 5.92 -48.31
N ALA E 66 -2.78 4.90 -49.18
CA ALA E 66 -2.65 5.08 -50.62
C ALA E 66 -4.13 5.17 -51.07
N ASP E 67 -4.99 5.54 -50.12
CA ASP E 67 -6.42 5.56 -50.30
C ASP E 67 -7.10 6.91 -50.35
N VAL E 68 -6.64 7.75 -51.24
CA VAL E 68 -7.39 8.95 -51.59
C VAL E 68 -7.31 8.89 -53.10
N LEU E 69 -7.61 7.69 -53.61
CA LEU E 69 -7.80 7.51 -55.02
C LEU E 69 -9.06 8.34 -55.09
N ALA E 70 -10.10 7.96 -54.30
CA ALA E 70 -11.44 8.66 -54.26
C ALA E 70 -11.67 9.03 -55.71
N MET E 71 -12.69 9.79 -56.11
CA MET E 71 -12.73 9.90 -57.57
C MET E 71 -13.38 10.86 -58.51
N SER E 72 -12.66 10.89 -59.63
CA SER E 72 -12.98 11.47 -60.90
C SER E 72 -14.13 12.36 -61.19
N LYS E 73 -14.48 12.22 -62.46
CA LYS E 73 -15.54 12.84 -63.18
C LYS E 73 -15.48 11.77 -64.27
N ILE E 74 -16.42 10.84 -64.27
CA ILE E 74 -16.40 9.77 -65.27
C ILE E 74 -17.15 10.21 -66.51
N GLU E 75 -16.66 9.81 -67.67
CA GLU E 75 -17.28 10.21 -68.92
C GLU E 75 -17.86 8.99 -69.64
N ILE E 76 -19.19 8.95 -69.68
CA ILE E 76 -19.93 7.82 -70.21
C ILE E 76 -20.69 8.19 -71.49
N LYS E 77 -20.50 7.42 -72.56
CA LYS E 77 -21.21 7.66 -73.81
C LYS E 77 -22.66 7.15 -73.73
N LEU E 78 -23.61 8.09 -73.78
CA LEU E 78 -25.03 7.78 -73.65
C LEU E 78 -25.63 6.90 -74.77
N SER E 79 -25.14 7.07 -76.00
CA SER E 79 -25.62 6.28 -77.15
C SER E 79 -25.29 4.78 -77.09
N ASP E 80 -24.62 4.35 -76.01
CA ASP E 80 -24.23 2.95 -75.80
C ASP E 80 -25.22 2.22 -74.89
N ILE E 81 -26.09 2.98 -74.25
CA ILE E 81 -27.12 2.41 -73.38
C ILE E 81 -28.46 2.63 -74.09
N PRO E 82 -29.00 1.57 -74.71
CA PRO E 82 -30.29 1.64 -75.41
C PRO E 82 -31.45 1.77 -74.41
N GLU E 83 -32.66 2.08 -74.88
CA GLU E 83 -33.83 2.22 -74.00
C GLU E 83 -34.16 0.96 -73.19
N GLY E 84 -34.28 1.11 -71.87
CA GLY E 84 -34.63 0.02 -70.99
C GLY E 84 -33.51 -0.75 -70.30
N LYS E 85 -32.26 -0.43 -70.61
CA LYS E 85 -31.12 -1.15 -70.02
C LYS E 85 -30.42 -0.38 -68.90
N ASN E 86 -30.02 -1.11 -67.86
CA ASN E 86 -29.24 -0.54 -66.75
C ASN E 86 -27.77 -0.93 -66.95
N MET E 87 -26.94 0.04 -67.32
CA MET E 87 -25.50 -0.19 -67.54
C MET E 87 -24.72 0.26 -66.29
N ALA E 88 -23.99 -0.68 -65.68
CA ALA E 88 -23.16 -0.37 -64.49
C ALA E 88 -21.67 -0.18 -64.83
N PHE E 89 -21.04 0.81 -64.20
CA PHE E 89 -19.61 1.11 -64.40
C PHE E 89 -18.92 1.13 -63.04
N LYS E 90 -17.59 1.22 -63.02
CA LYS E 90 -16.85 1.32 -61.75
C LYS E 90 -16.43 2.77 -61.48
N TRP E 91 -16.85 3.32 -60.34
CA TRP E 91 -16.55 4.71 -59.98
C TRP E 91 -16.39 4.91 -58.45
N ARG E 92 -15.22 5.43 -58.06
CA ARG E 92 -14.87 5.63 -56.63
C ARG E 92 -14.82 4.29 -55.91
N GLY E 93 -14.40 3.24 -56.62
CA GLY E 93 -14.36 1.90 -56.08
C GLY E 93 -15.74 1.27 -55.87
N LYS E 94 -16.78 2.01 -56.26
CA LYS E 94 -18.17 1.58 -56.08
C LYS E 94 -18.88 1.47 -57.43
N PRO E 95 -19.91 0.63 -57.51
CA PRO E 95 -20.72 0.52 -58.73
C PRO E 95 -21.58 1.77 -59.02
N LEU E 96 -21.57 2.22 -60.27
CA LEU E 96 -22.31 3.40 -60.72
C LEU E 96 -23.33 2.98 -61.78
N PHE E 97 -24.60 3.28 -61.56
CA PHE E 97 -25.66 2.91 -62.52
C PHE E 97 -26.02 4.09 -63.41
N VAL E 98 -26.10 3.85 -64.72
CA VAL E 98 -26.57 4.86 -65.69
C VAL E 98 -27.65 4.14 -66.51
N ARG E 99 -28.89 4.58 -66.38
CA ARG E 99 -30.03 3.88 -66.99
C ARG E 99 -30.90 4.70 -67.94
N HIS E 100 -31.16 4.15 -69.12
CA HIS E 100 -32.01 4.78 -70.11
C HIS E 100 -33.44 4.33 -69.80
N ARG E 101 -34.26 5.27 -69.35
CA ARG E 101 -35.65 4.94 -69.03
C ARG E 101 -36.55 5.16 -70.24
N THR E 102 -37.52 4.26 -70.44
CA THR E 102 -38.44 4.37 -71.56
C THR E 102 -39.54 5.36 -71.18
N LYS E 103 -40.33 5.79 -72.17
CA LYS E 103 -41.44 6.74 -71.93
C LYS E 103 -42.37 6.25 -70.79
N LYS E 104 -42.59 4.93 -70.74
CA LYS E 104 -43.44 4.28 -69.74
C LYS E 104 -42.96 4.42 -68.28
N GLU E 105 -41.67 4.16 -68.04
CA GLU E 105 -41.10 4.27 -66.69
C GLU E 105 -41.11 5.70 -66.15
N ILE E 106 -40.86 6.67 -67.04
CA ILE E 106 -40.86 8.09 -66.68
C ILE E 106 -42.23 8.52 -66.12
N ASP E 107 -43.31 8.14 -66.83
CA ASP E 107 -44.69 8.44 -66.43
C ASP E 107 -45.08 7.77 -65.10
N GLN E 108 -44.53 6.58 -64.87
CA GLN E 108 -44.81 5.79 -63.66
C GLN E 108 -44.23 6.41 -62.37
N GLU E 109 -43.03 6.97 -62.47
CA GLU E 109 -42.39 7.63 -61.32
C GLU E 109 -43.03 8.99 -61.03
N ALA E 110 -43.59 9.60 -62.07
CA ALA E 110 -44.29 10.88 -61.93
C ALA E 110 -45.65 10.68 -61.26
N ALA E 111 -46.21 9.49 -61.39
CA ALA E 111 -47.50 9.17 -60.79
C ALA E 111 -47.43 8.68 -59.34
N VAL E 112 -46.22 8.48 -58.82
CA VAL E 112 -46.00 7.98 -57.44
C VAL E 112 -46.50 8.95 -56.36
N GLU E 113 -47.29 8.41 -55.42
CA GLU E 113 -47.84 9.18 -54.30
C GLU E 113 -46.69 9.54 -53.35
N VAL E 114 -46.10 10.71 -53.57
CA VAL E 114 -44.92 11.20 -52.83
C VAL E 114 -44.97 11.30 -51.29
N SER E 115 -46.08 11.78 -50.73
CA SER E 115 -46.19 11.89 -49.26
C SER E 115 -46.25 10.54 -48.52
N GLN E 116 -46.39 9.44 -49.26
CA GLN E 116 -46.39 8.09 -48.66
C GLN E 116 -44.99 7.47 -48.61
N LEU E 117 -44.04 8.08 -49.33
CA LEU E 117 -42.66 7.60 -49.41
C LEU E 117 -41.87 7.67 -48.10
N ARG E 118 -40.96 6.72 -47.90
CA ARG E 118 -40.10 6.71 -46.73
C ARG E 118 -39.15 7.92 -46.74
N ASP E 119 -38.58 8.22 -47.91
CA ASP E 119 -37.74 9.42 -48.13
C ASP E 119 -38.41 10.23 -49.26
N PRO E 120 -39.27 11.19 -48.87
CA PRO E 120 -40.04 12.01 -49.83
C PRO E 120 -39.18 12.80 -50.84
N GLN E 121 -39.33 12.46 -52.12
CA GLN E 121 -38.62 13.12 -53.22
C GLN E 121 -39.40 12.87 -54.50
N HIS E 122 -39.64 13.91 -55.29
CA HIS E 122 -40.30 13.74 -56.58
C HIS E 122 -39.23 13.22 -57.54
N ASP E 123 -39.64 12.45 -58.54
CA ASP E 123 -38.72 11.87 -59.51
C ASP E 123 -37.89 12.91 -60.28
N LEU E 124 -38.53 14.05 -60.58
CA LEU E 124 -37.88 15.12 -61.35
C LEU E 124 -36.84 15.97 -60.57
N GLU E 125 -36.64 15.66 -59.29
CA GLU E 125 -35.60 16.35 -58.51
C GLU E 125 -34.48 15.35 -58.23
N ARG E 126 -34.58 14.18 -58.87
CA ARG E 126 -33.59 13.11 -58.74
C ARG E 126 -32.90 12.83 -60.07
N VAL E 127 -33.38 13.49 -61.14
CA VAL E 127 -32.80 13.37 -62.49
C VAL E 127 -32.75 14.76 -63.14
N LYS E 128 -31.90 14.92 -64.15
CA LYS E 128 -31.83 16.18 -64.92
C LYS E 128 -32.61 16.00 -66.21
N LYS E 129 -32.36 14.90 -66.90
CA LYS E 129 -33.10 14.52 -68.10
C LYS E 129 -33.97 13.33 -67.70
N PRO E 130 -35.30 13.46 -67.85
CA PRO E 130 -36.25 12.39 -67.50
C PRO E 130 -35.97 10.98 -68.10
N GLU E 131 -35.31 10.92 -69.27
CA GLU E 131 -34.97 9.63 -69.87
C GLU E 131 -33.70 8.98 -69.27
N TRP E 132 -33.03 9.66 -68.34
CA TRP E 132 -31.82 9.14 -67.70
C TRP E 132 -31.82 9.22 -66.18
N VAL E 133 -31.58 8.09 -65.52
CA VAL E 133 -31.42 8.07 -64.05
C VAL E 133 -30.02 7.54 -63.71
N ILE E 134 -29.26 8.32 -62.94
CA ILE E 134 -27.90 7.93 -62.52
C ILE E 134 -27.83 7.78 -61.00
N LEU E 135 -27.45 6.59 -60.53
CA LEU E 135 -27.39 6.31 -59.10
C LEU E 135 -26.14 5.53 -58.73
N ILE E 136 -25.77 5.57 -57.46
CA ILE E 136 -24.64 4.78 -56.98
C ILE E 136 -25.21 3.42 -56.66
N GLY E 137 -24.60 2.36 -57.20
CA GLY E 137 -25.06 1.01 -56.96
C GLY E 137 -24.81 0.53 -55.54
N VAL E 138 -25.18 1.37 -54.57
CA VAL E 138 -24.97 1.06 -53.17
C VAL E 138 -26.27 1.20 -52.37
N CYS E 139 -26.79 0.07 -51.87
CA CYS E 139 -28.02 0.03 -51.09
C CYS E 139 -27.85 0.73 -49.74
N THR E 140 -28.78 1.62 -49.43
CA THR E 140 -28.73 2.43 -48.19
C THR E 140 -28.87 1.66 -46.87
N HIS E 141 -29.27 0.40 -46.96
CA HIS E 141 -29.40 -0.41 -45.77
C HIS E 141 -28.03 -0.84 -45.29
N LEU E 142 -27.43 -1.83 -45.95
CA LEU E 142 -26.11 -2.31 -45.54
C LEU E 142 -25.06 -2.40 -46.65
N GLY E 143 -25.19 -1.57 -47.68
CA GLY E 143 -24.17 -1.48 -48.72
C GLY E 143 -24.09 -2.48 -49.85
N CYS E 144 -25.06 -3.39 -49.95
CA CYS E 144 -25.06 -4.34 -51.07
C CYS E 144 -25.41 -3.63 -52.35
N VAL E 145 -25.32 -4.34 -53.47
CA VAL E 145 -25.64 -3.75 -54.77
C VAL E 145 -26.98 -4.22 -55.29
N PRO E 146 -27.90 -3.27 -55.52
CA PRO E 146 -29.24 -3.59 -56.04
C PRO E 146 -29.22 -4.13 -57.47
N ILE E 147 -30.02 -5.16 -57.72
CA ILE E 147 -30.08 -5.82 -59.02
C ILE E 147 -31.06 -5.11 -59.96
N ALA E 148 -30.58 -4.77 -61.15
CA ALA E 148 -31.37 -4.09 -62.17
C ALA E 148 -32.64 -4.85 -62.59
N ASN E 149 -33.74 -4.12 -62.74
CA ASN E 149 -35.04 -4.64 -63.18
C ASN E 149 -35.60 -5.83 -62.38
N ALA E 150 -35.53 -5.73 -61.07
CA ALA E 150 -36.05 -6.77 -60.19
C ALA E 150 -36.87 -6.09 -59.10
N GLY E 151 -37.73 -6.86 -58.44
CA GLY E 151 -38.56 -6.30 -57.38
C GLY E 151 -39.97 -5.95 -57.84
N ASP E 152 -40.79 -5.49 -56.90
CA ASP E 152 -42.19 -5.14 -57.15
C ASP E 152 -42.38 -3.82 -57.87
N PHE E 153 -41.30 -3.06 -58.04
CA PHE E 153 -41.44 -1.72 -58.60
C PHE E 153 -40.71 -1.45 -59.92
N GLY E 154 -40.30 -2.52 -60.60
CA GLY E 154 -39.64 -2.44 -61.90
C GLY E 154 -38.42 -1.55 -61.93
N GLY E 155 -37.70 -1.51 -60.81
CA GLY E 155 -36.50 -0.72 -60.70
C GLY E 155 -35.35 -1.57 -60.21
N TYR E 156 -35.22 -1.68 -58.88
CA TYR E 156 -34.12 -2.43 -58.29
C TYR E 156 -34.57 -3.27 -57.11
N TYR E 157 -33.80 -4.31 -56.83
CA TYR E 157 -34.05 -5.18 -55.70
C TYR E 157 -32.72 -5.56 -55.11
N CYS E 158 -32.53 -5.28 -53.83
CA CYS E 158 -31.32 -5.67 -53.15
C CYS E 158 -31.62 -6.97 -52.41
N PRO E 159 -30.95 -8.05 -52.80
CA PRO E 159 -31.21 -9.40 -52.26
C PRO E 159 -30.83 -9.64 -50.80
N CYS E 160 -29.95 -8.80 -50.25
CA CYS E 160 -29.43 -9.01 -48.89
C CYS E 160 -30.46 -9.05 -47.76
N HIS E 161 -31.42 -8.12 -47.77
CA HIS E 161 -32.48 -8.11 -46.75
C HIS E 161 -33.84 -7.69 -47.34
N GLY E 162 -33.92 -7.73 -48.67
CA GLY E 162 -35.14 -7.46 -49.40
C GLY E 162 -35.52 -6.02 -49.69
N SER E 163 -34.56 -5.22 -50.15
CA SER E 163 -34.87 -3.82 -50.48
C SER E 163 -35.40 -3.68 -51.90
N HIS E 164 -36.62 -3.18 -52.02
CA HIS E 164 -37.23 -2.97 -53.31
C HIS E 164 -37.18 -1.47 -53.63
N TYR E 165 -36.59 -1.14 -54.77
CA TYR E 165 -36.49 0.25 -55.20
C TYR E 165 -37.27 0.44 -56.51
N ASP E 166 -37.66 1.68 -56.81
CA ASP E 166 -38.32 1.98 -58.08
C ASP E 166 -37.34 2.46 -59.18
N ALA E 167 -37.86 2.90 -60.33
CA ALA E 167 -36.98 3.33 -61.43
C ALA E 167 -36.31 4.68 -61.22
N SER E 168 -36.65 5.35 -60.12
CA SER E 168 -36.05 6.62 -59.78
C SER E 168 -34.96 6.40 -58.73
N GLY E 169 -34.91 5.19 -58.20
CA GLY E 169 -33.94 4.80 -57.17
C GLY E 169 -34.45 4.94 -55.75
N ARG E 170 -35.75 5.23 -55.61
CA ARG E 170 -36.37 5.44 -54.30
C ARG E 170 -36.76 4.16 -53.53
N ILE E 171 -36.61 4.17 -52.21
CA ILE E 171 -36.98 3.02 -51.38
C ILE E 171 -38.52 2.92 -51.22
N ARG E 172 -39.05 1.73 -51.50
CA ARG E 172 -40.49 1.50 -51.44
C ARG E 172 -40.87 0.32 -50.54
N LYS E 173 -39.97 -0.64 -50.39
CA LYS E 173 -40.21 -1.83 -49.58
C LYS E 173 -38.88 -2.38 -49.04
N GLY E 174 -38.92 -3.05 -47.90
CA GLY E 174 -37.72 -3.57 -47.29
C GLY E 174 -37.22 -2.67 -46.18
N PRO E 175 -36.06 -2.99 -45.62
CA PRO E 175 -35.51 -2.25 -44.48
C PRO E 175 -34.69 -0.99 -44.79
N ALA E 176 -34.27 -0.76 -46.04
CA ALA E 176 -33.43 0.42 -46.39
C ALA E 176 -34.05 1.76 -45.97
N PRO E 177 -33.28 2.57 -45.26
CA PRO E 177 -33.78 3.86 -44.76
C PRO E 177 -33.94 4.99 -45.77
N LEU E 178 -33.04 5.12 -46.75
CA LEU E 178 -33.11 6.23 -47.69
C LEU E 178 -33.05 5.79 -49.16
N ASN E 179 -33.29 6.74 -50.07
CA ASN E 179 -33.20 6.47 -51.51
C ASN E 179 -31.72 6.34 -51.91
N LEU E 180 -31.45 5.54 -52.94
CA LEU E 180 -30.08 5.36 -53.46
C LEU E 180 -29.53 6.75 -53.82
N GLU E 181 -28.24 6.98 -53.56
CA GLU E 181 -27.68 8.30 -53.79
C GLU E 181 -27.51 8.72 -55.24
N VAL E 182 -28.00 9.93 -55.54
CA VAL E 182 -27.85 10.55 -56.84
C VAL E 182 -26.52 11.29 -56.82
N PRO E 183 -25.56 10.86 -57.65
CA PRO E 183 -24.27 11.53 -57.73
C PRO E 183 -24.42 12.89 -58.39
N SER E 184 -23.44 13.76 -58.18
CA SER E 184 -23.44 15.08 -58.78
C SER E 184 -23.05 14.85 -60.25
N TYR E 185 -23.91 15.29 -61.18
CA TYR E 185 -23.63 15.12 -62.62
C TYR E 185 -24.22 16.21 -63.54
N GLU E 186 -23.76 16.22 -64.80
CA GLU E 186 -24.22 17.17 -65.83
C GLU E 186 -24.00 16.58 -67.24
N PHE E 187 -24.81 17.02 -68.20
CA PHE E 187 -24.66 16.57 -69.59
C PHE E 187 -23.84 17.61 -70.41
N THR E 188 -22.71 17.18 -70.98
CA THR E 188 -21.87 18.08 -71.79
C THR E 188 -22.32 18.18 -73.23
N SER E 189 -23.22 17.28 -73.64
CA SER E 189 -23.80 17.26 -74.98
C SER E 189 -24.91 16.21 -75.05
N ASP E 190 -25.43 15.98 -76.25
CA ASP E 190 -26.51 15.02 -76.47
C ASP E 190 -26.09 13.56 -76.29
N ASP E 191 -24.79 13.29 -76.43
CA ASP E 191 -24.27 11.95 -76.31
C ASP E 191 -23.43 11.71 -75.04
N MET E 192 -22.96 12.77 -74.41
CA MET E 192 -22.08 12.63 -73.24
C MET E 192 -22.65 13.05 -71.88
N VAL E 193 -22.33 12.27 -70.87
CA VAL E 193 -22.68 12.60 -69.49
C VAL E 193 -21.40 12.52 -68.63
N ILE E 194 -21.12 13.57 -67.87
CA ILE E 194 -19.95 13.60 -66.98
C ILE E 194 -20.39 13.52 -65.51
N VAL E 195 -20.11 12.39 -64.85
CA VAL E 195 -20.51 12.18 -63.45
C VAL E 195 -19.30 12.39 -62.51
N GLY E 196 -19.44 13.28 -61.53
CA GLY E 196 -18.34 13.56 -60.60
C GLY E 196 -18.09 15.02 -60.27
N VAL F 6 53.59 -19.23 12.88
CA VAL F 6 53.96 -18.45 14.09
C VAL F 6 54.55 -17.09 13.73
N SER F 7 55.67 -17.09 12.99
CA SER F 7 56.43 -15.88 12.66
C SER F 7 55.86 -15.06 11.50
N ALA F 8 56.74 -14.29 10.84
CA ALA F 8 56.40 -13.42 9.70
C ALA F 8 55.42 -14.09 8.74
N SER F 9 55.67 -15.38 8.48
CA SER F 9 54.82 -16.23 7.64
C SER F 9 53.34 -16.23 8.03
N SER F 10 53.03 -16.55 9.28
CA SER F 10 51.64 -16.60 9.73
C SER F 10 51.00 -15.24 9.65
N ARG F 11 51.73 -14.23 10.11
CA ARG F 11 51.27 -12.86 10.10
C ARG F 11 50.92 -12.39 8.70
N TRP F 12 51.72 -12.84 7.72
CA TRP F 12 51.52 -12.50 6.31
C TRP F 12 50.21 -13.09 5.81
N LEU F 13 50.00 -14.39 6.03
CA LEU F 13 48.74 -14.99 5.62
C LEU F 13 47.61 -14.31 6.37
N GLU F 14 47.77 -14.15 7.67
CA GLU F 14 46.77 -13.49 8.50
C GLU F 14 46.49 -12.09 7.96
N GLY F 15 47.52 -11.34 7.58
CA GLY F 15 47.29 -10.00 7.05
C GLY F 15 46.71 -10.01 5.62
N ILE F 16 46.99 -11.07 4.85
CA ILE F 16 46.38 -11.23 3.52
C ILE F 16 44.89 -11.46 3.76
N ARG F 17 44.57 -12.32 4.75
CA ARG F 17 43.18 -12.59 5.15
C ARG F 17 42.49 -11.34 5.68
N LYS F 18 43.16 -10.55 6.52
CA LYS F 18 42.57 -9.35 7.08
C LYS F 18 42.33 -8.35 5.98
N TRP F 19 43.11 -8.47 4.91
CA TRP F 19 42.98 -7.53 3.80
C TRP F 19 41.75 -7.84 2.97
N TYR F 20 41.56 -9.12 2.66
CA TYR F 20 40.41 -9.55 1.89
C TYR F 20 39.17 -9.23 2.66
N TYR F 21 39.21 -9.51 3.96
CA TYR F 21 38.07 -9.26 4.84
C TYR F 21 37.61 -7.83 4.64
N ASN F 22 38.52 -6.88 4.81
CA ASN F 22 38.19 -5.46 4.64
C ASN F 22 37.71 -5.12 3.24
N ALA F 23 38.21 -5.88 2.27
CA ALA F 23 37.82 -5.69 0.90
C ALA F 23 36.44 -6.28 0.65
N ALA F 24 36.17 -7.48 1.21
CA ALA F 24 34.84 -8.11 1.10
C ALA F 24 33.81 -7.12 1.55
N GLY F 25 34.12 -6.40 2.61
CA GLY F 25 33.31 -5.27 2.98
C GLY F 25 31.96 -5.43 3.62
N PHE F 26 31.66 -6.60 4.15
CA PHE F 26 30.37 -6.74 4.82
C PHE F 26 30.39 -6.04 6.16
N ASN F 27 31.55 -6.06 6.79
CA ASN F 27 31.79 -5.34 8.04
C ASN F 27 31.36 -3.87 7.99
N LYS F 28 31.36 -3.28 6.79
CA LYS F 28 30.93 -1.90 6.61
C LYS F 28 29.42 -1.77 6.88
N LEU F 29 28.70 -2.88 6.69
CA LEU F 29 27.27 -2.95 6.93
C LEU F 29 26.99 -3.55 8.30
N GLY F 30 28.01 -3.59 9.16
CA GLY F 30 27.85 -4.12 10.50
C GLY F 30 27.65 -5.63 10.57
N LEU F 31 27.65 -6.29 9.41
CA LEU F 31 27.54 -7.74 9.31
C LEU F 31 28.72 -8.54 9.88
N MET F 32 28.56 -9.86 9.92
CA MET F 32 29.61 -10.76 10.35
C MET F 32 29.73 -11.83 9.29
N ARG F 33 30.91 -12.45 9.20
CA ARG F 33 31.10 -13.47 8.19
C ARG F 33 29.91 -14.44 8.09
N ASP F 34 29.56 -15.09 9.19
CA ASP F 34 28.47 -16.05 9.17
C ASP F 34 27.08 -15.50 8.80
N ASP F 35 26.90 -14.18 8.85
CA ASP F 35 25.63 -13.54 8.42
C ASP F 35 25.44 -13.54 6.91
N THR F 36 26.55 -13.64 6.19
CA THR F 36 26.53 -13.56 4.76
C THR F 36 26.45 -14.95 4.16
N ILE F 37 26.61 -15.98 4.99
CA ILE F 37 26.55 -17.36 4.52
C ILE F 37 25.26 -17.56 3.72
N HIS F 38 25.40 -18.21 2.57
CA HIS F 38 24.28 -18.56 1.73
C HIS F 38 23.45 -19.66 2.38
N GLU F 39 22.16 -19.40 2.54
CA GLU F 39 21.27 -20.38 3.17
C GLU F 39 20.92 -21.59 2.31
N ASN F 40 21.42 -22.76 2.68
CA ASN F 40 20.98 -24.01 2.06
C ASN F 40 20.39 -24.90 3.16
N ASP F 41 20.11 -26.15 2.82
CA ASP F 41 19.57 -27.06 3.81
C ASP F 41 20.42 -27.15 5.07
N ASP F 42 21.71 -27.42 4.93
CA ASP F 42 22.56 -27.51 6.11
C ASP F 42 22.48 -26.18 6.88
N VAL F 43 22.64 -25.07 6.16
CA VAL F 43 22.58 -23.76 6.79
C VAL F 43 21.24 -23.43 7.48
N LYS F 44 20.12 -23.86 6.88
CA LYS F 44 18.81 -23.56 7.44
C LYS F 44 18.68 -24.21 8.78
N GLU F 45 19.08 -25.49 8.84
CA GLU F 45 19.05 -26.23 10.08
C GLU F 45 19.93 -25.61 11.12
N ALA F 46 21.14 -25.22 10.76
CA ALA F 46 22.00 -24.61 11.75
C ALA F 46 21.39 -23.29 12.24
N ILE F 47 20.88 -22.46 11.34
CA ILE F 47 20.23 -21.23 11.79
C ILE F 47 19.15 -21.61 12.82
N ARG F 48 18.46 -22.72 12.56
CA ARG F 48 17.39 -23.19 13.42
C ARG F 48 17.88 -23.59 14.78
N ARG F 49 19.08 -24.16 14.85
CA ARG F 49 19.60 -24.61 16.11
C ARG F 49 20.22 -23.52 16.96
N LEU F 50 20.33 -22.29 16.46
CA LEU F 50 20.95 -21.26 17.27
C LEU F 50 20.10 -20.98 18.46
N PRO F 51 20.74 -20.69 19.57
CA PRO F 51 20.01 -20.35 20.80
C PRO F 51 19.38 -18.97 20.63
N GLU F 52 18.44 -18.68 21.49
CA GLU F 52 17.65 -17.46 21.38
C GLU F 52 18.42 -16.16 21.13
N ASN F 53 19.38 -15.89 21.99
CA ASN F 53 20.19 -14.69 21.89
C ASN F 53 20.90 -14.48 20.52
N LEU F 54 21.66 -15.47 20.09
CA LEU F 54 22.37 -15.37 18.84
C LEU F 54 21.37 -15.17 17.73
N TYR F 55 20.36 -16.03 17.66
CA TYR F 55 19.35 -15.87 16.63
C TYR F 55 18.77 -14.47 16.66
N ASP F 56 18.48 -13.94 17.82
CA ASP F 56 17.93 -12.60 17.79
C ASP F 56 18.89 -11.59 17.19
N ASP F 57 20.14 -11.56 17.71
CA ASP F 57 21.28 -10.67 17.23
C ASP F 57 21.52 -10.77 15.75
N ARG F 58 21.64 -12.00 15.29
CA ARG F 58 21.71 -12.29 13.85
C ARG F 58 20.59 -11.63 13.04
N VAL F 59 19.33 -11.74 13.46
CA VAL F 59 18.29 -11.04 12.71
C VAL F 59 18.43 -9.54 12.73
N PHE F 60 18.85 -8.97 13.85
CA PHE F 60 18.97 -7.54 13.87
C PHE F 60 20.11 -7.05 13.04
N ARG F 61 21.20 -7.83 13.04
CA ARG F 61 22.33 -7.47 12.23
C ARG F 61 21.87 -7.42 10.78
N ILE F 62 21.33 -8.54 10.29
CA ILE F 62 20.85 -8.58 8.92
C ILE F 62 19.86 -7.47 8.57
N LYS F 63 19.00 -7.13 9.51
CA LYS F 63 18.06 -6.06 9.29
C LYS F 63 18.81 -4.76 9.16
N ARG F 64 19.75 -4.48 10.09
CA ARG F 64 20.56 -3.26 9.98
C ARG F 64 21.15 -3.18 8.56
N ALA F 65 21.79 -4.27 8.12
CA ALA F 65 22.39 -4.28 6.77
C ALA F 65 21.39 -4.06 5.62
N LEU F 66 20.35 -4.89 5.51
CA LEU F 66 19.35 -4.71 4.44
C LEU F 66 18.88 -3.28 4.40
N ASP F 67 18.65 -2.72 5.57
CA ASP F 67 18.25 -1.33 5.68
C ASP F 67 19.28 -0.38 5.06
N LEU F 68 20.54 -0.67 5.30
CA LEU F 68 21.60 0.18 4.74
C LEU F 68 21.69 -0.03 3.25
N SER F 69 21.79 -1.28 2.86
CA SER F 69 21.90 -1.64 1.46
C SER F 69 20.73 -1.06 0.69
N MET F 70 19.65 -0.78 1.39
CA MET F 70 18.53 -0.10 0.75
C MET F 70 18.95 1.32 0.39
N ARG F 71 19.21 2.16 1.38
CA ARG F 71 19.58 3.53 1.06
C ARG F 71 21.02 3.71 0.60
N GLN F 72 21.66 2.58 0.36
CA GLN F 72 23.05 2.53 -0.12
C GLN F 72 24.06 3.38 0.61
N GLN F 73 23.83 3.44 1.90
CA GLN F 73 24.71 4.06 2.82
C GLN F 73 25.55 2.93 3.46
N ILE F 74 26.37 3.31 4.44
CA ILE F 74 27.23 2.35 5.12
C ILE F 74 27.40 2.80 6.57
N LEU F 75 27.96 1.96 7.41
CA LEU F 75 28.12 2.41 8.79
C LEU F 75 29.34 3.32 8.99
N PRO F 76 29.26 4.24 9.95
CA PRO F 76 30.44 5.04 10.34
C PRO F 76 31.64 4.08 10.52
N LYS F 77 32.86 4.55 10.25
CA LYS F 77 34.05 3.67 10.29
C LYS F 77 34.23 2.98 11.63
N GLU F 78 33.94 3.75 12.68
CA GLU F 78 34.04 3.34 14.07
C GLU F 78 33.26 2.03 14.36
N GLN F 79 32.09 1.91 13.76
CA GLN F 79 31.22 0.78 13.98
C GLN F 79 31.32 -0.39 13.02
N TRP F 80 32.26 -0.36 12.10
CA TRP F 80 32.46 -1.52 11.24
C TRP F 80 32.88 -2.70 12.12
N THR F 81 32.79 -3.90 11.60
CA THR F 81 33.14 -5.02 12.44
C THR F 81 34.56 -5.38 12.15
N LYS F 82 35.36 -5.25 13.18
CA LYS F 82 36.78 -5.50 13.07
C LYS F 82 36.96 -6.96 12.87
N TYR F 83 37.86 -7.31 11.95
CA TYR F 83 38.32 -8.68 11.75
C TYR F 83 38.63 -9.08 13.19
N GLU F 84 39.46 -10.07 13.51
CA GLU F 84 39.65 -10.42 14.95
C GLU F 84 38.23 -10.40 15.49
N GLU F 85 37.83 -9.50 16.40
CA GLU F 85 36.40 -9.36 16.86
C GLU F 85 35.19 -10.04 16.10
N ASP F 86 35.44 -10.75 15.00
CA ASP F 86 34.42 -11.38 14.20
C ASP F 86 34.20 -12.80 14.69
N LYS F 87 33.01 -12.99 15.25
CA LYS F 87 32.60 -14.24 15.90
C LYS F 87 32.02 -15.21 14.91
N SER F 88 32.59 -16.39 14.77
CA SER F 88 31.96 -17.38 13.90
C SER F 88 30.90 -18.13 14.71
N TYR F 89 29.82 -17.45 15.07
CA TYR F 89 28.81 -18.03 15.94
C TYR F 89 28.14 -19.25 15.36
N LEU F 90 27.93 -19.23 14.05
CA LEU F 90 27.19 -20.27 13.34
C LEU F 90 28.02 -21.50 13.05
N GLU F 91 29.33 -21.32 12.83
CA GLU F 91 30.21 -22.42 12.44
C GLU F 91 30.04 -23.75 13.16
N PRO F 92 30.20 -23.79 14.51
CA PRO F 92 30.06 -25.06 15.25
C PRO F 92 28.72 -25.73 14.96
N TYR F 93 27.66 -24.96 14.82
CA TYR F 93 26.36 -25.58 14.57
C TYR F 93 26.32 -26.25 13.22
N LEU F 94 26.80 -25.51 12.21
CA LEU F 94 26.82 -25.97 10.82
C LEU F 94 27.69 -27.19 10.67
N LYS F 95 28.83 -27.17 11.33
CA LYS F 95 29.74 -28.30 11.23
C LYS F 95 29.04 -29.55 11.73
N GLU F 96 28.35 -29.44 12.86
CA GLU F 96 27.62 -30.56 13.40
C GLU F 96 26.47 -31.03 12.47
N VAL F 97 25.81 -30.07 11.80
CA VAL F 97 24.72 -30.42 10.89
C VAL F 97 25.25 -31.19 9.66
N ILE F 98 26.42 -30.77 9.20
CA ILE F 98 27.08 -31.45 8.08
C ILE F 98 27.55 -32.83 8.53
N ARG F 99 28.07 -32.87 9.74
CA ARG F 99 28.62 -34.09 10.29
C ARG F 99 27.52 -35.11 10.50
N GLU F 100 26.32 -34.62 10.78
CA GLU F 100 25.14 -35.50 10.95
C GLU F 100 24.73 -36.07 9.61
N ARG F 101 24.59 -35.20 8.61
CA ARG F 101 24.16 -35.61 7.27
C ARG F 101 25.04 -36.65 6.63
N LYS F 102 26.34 -36.47 6.79
CA LYS F 102 27.29 -37.36 6.18
C LYS F 102 27.18 -38.75 6.79
N GLU F 103 26.71 -38.80 8.03
CA GLU F 103 26.53 -40.07 8.69
C GLU F 103 25.35 -40.80 8.01
N ARG F 104 24.25 -40.07 7.78
CA ARG F 104 23.14 -40.68 7.08
C ARG F 104 23.65 -41.13 5.70
N GLU F 105 24.39 -40.26 5.03
CA GLU F 105 24.96 -40.58 3.72
C GLU F 105 25.86 -41.81 3.70
N GLU F 106 26.54 -42.10 4.80
CA GLU F 106 27.41 -43.26 4.83
C GLU F 106 26.56 -44.44 5.03
N TRP F 107 25.53 -44.24 5.84
CA TRP F 107 24.61 -45.30 6.14
C TRP F 107 23.84 -45.68 4.90
N ALA F 108 23.59 -44.70 4.04
CA ALA F 108 22.82 -44.97 2.83
C ALA F 108 23.59 -45.80 1.80
N LYS F 109 24.92 -45.88 1.93
CA LYS F 109 25.71 -46.65 0.98
C LYS F 109 25.70 -48.15 1.27
N LYS F 110 25.60 -48.51 2.54
CA LYS F 110 25.69 -49.93 2.91
C LYS F 110 24.61 -50.87 2.36
N GLY G 1 3.73 -20.16 -2.20
CA GLY G 1 3.54 -19.54 -0.84
C GLY G 1 3.96 -18.07 -0.78
N ARG G 2 4.31 -17.59 0.41
CA ARG G 2 4.70 -16.21 0.65
C ARG G 2 4.01 -15.58 1.85
N GLN G 3 3.35 -14.45 1.61
CA GLN G 3 2.49 -13.74 2.59
C GLN G 3 3.03 -13.19 3.87
N PHE G 4 2.71 -11.94 4.14
CA PHE G 4 3.08 -11.36 5.43
C PHE G 4 2.34 -12.09 6.52
N GLY G 5 3.02 -12.26 7.66
CA GLY G 5 2.43 -12.97 8.76
C GLY G 5 3.03 -14.35 8.87
N HIS G 6 3.60 -14.85 7.76
CA HIS G 6 4.22 -16.19 7.73
C HIS G 6 5.60 -16.21 7.16
N LEU G 7 6.27 -15.07 7.08
CA LEU G 7 7.60 -15.05 6.51
C LEU G 7 8.60 -15.65 7.44
N THR G 8 8.87 -14.98 8.54
CA THR G 8 9.83 -15.48 9.51
C THR G 8 9.59 -14.93 10.91
N ARG G 9 10.44 -15.30 11.85
CA ARG G 9 10.32 -14.92 13.25
C ARG G 9 11.30 -13.82 13.64
N VAL G 10 10.78 -12.76 14.22
CA VAL G 10 11.65 -11.69 14.66
C VAL G 10 11.15 -11.11 15.96
N ARG G 11 12.06 -10.82 16.87
CA ARG G 11 11.71 -10.24 18.14
C ARG G 11 12.60 -9.07 18.56
N HIS G 12 12.06 -8.21 19.40
CA HIS G 12 12.83 -7.15 20.09
C HIS G 12 13.34 -5.94 19.26
N VAL G 13 12.83 -5.79 18.04
CA VAL G 13 13.24 -4.72 17.14
C VAL G 13 12.14 -3.67 16.94
N ILE G 14 12.43 -2.44 17.32
CA ILE G 14 11.45 -1.36 17.13
C ILE G 14 11.76 -0.63 15.83
N THR G 15 10.73 -0.11 15.16
CA THR G 15 10.91 0.69 13.94
C THR G 15 10.11 1.98 13.95
N TYR G 16 10.78 3.10 14.09
CA TYR G 16 10.14 4.40 14.07
C TYR G 16 10.02 4.85 12.63
N SER G 17 8.84 5.33 12.25
CA SER G 17 8.56 5.77 10.87
C SER G 17 7.79 7.07 10.83
N LEU G 18 7.79 7.70 9.67
CA LEU G 18 7.16 9.01 9.52
C LEU G 18 6.33 9.13 8.26
N SER G 19 5.18 9.80 8.39
CA SER G 19 4.28 10.04 7.28
C SER G 19 5.01 10.86 6.21
N PRO G 20 4.84 10.46 4.94
CA PRO G 20 5.48 11.13 3.81
C PRO G 20 5.00 12.55 3.66
N PHE G 21 3.81 12.83 4.16
CA PHE G 21 3.27 14.16 4.09
C PHE G 21 3.86 15.01 5.20
N GLU G 22 4.79 14.44 5.96
CA GLU G 22 5.43 15.17 7.07
C GLU G 22 6.88 15.46 6.86
N GLN G 23 7.48 14.76 5.90
CA GLN G 23 8.90 14.92 5.63
C GLN G 23 9.17 15.38 4.18
N ARG G 24 10.40 15.75 3.88
CA ARG G 24 10.69 16.16 2.52
C ARG G 24 11.19 15.00 1.67
N ALA G 25 10.84 15.00 0.39
CA ALA G 25 11.21 13.92 -0.53
C ALA G 25 12.70 13.92 -0.94
N PHE G 26 13.34 15.07 -0.82
CA PHE G 26 14.75 15.21 -1.16
C PHE G 26 15.49 15.94 -0.04
N PRO G 27 15.71 15.27 1.09
CA PRO G 27 16.49 15.90 2.17
C PRO G 27 17.97 15.93 1.78
N HIS G 28 18.58 17.12 1.78
CA HIS G 28 20.00 17.26 1.47
C HIS G 28 20.35 16.49 0.23
N TYR G 29 19.65 16.78 -0.86
CA TYR G 29 19.83 16.01 -2.08
C TYR G 29 21.25 16.07 -2.64
N PHE G 30 21.84 17.25 -2.64
CA PHE G 30 23.19 17.36 -3.14
C PHE G 30 24.16 17.33 -1.97
N SER G 31 23.76 17.97 -0.88
CA SER G 31 24.55 18.06 0.36
C SER G 31 25.16 16.70 0.74
N LYS G 32 24.31 15.71 1.01
CA LYS G 32 24.81 14.38 1.33
C LYS G 32 24.87 13.50 0.09
N GLY G 33 24.04 13.83 -0.89
CA GLY G 33 23.97 13.10 -2.13
C GLY G 33 25.30 12.90 -2.84
N ILE G 34 25.89 13.96 -3.38
CA ILE G 34 27.15 13.82 -4.07
C ILE G 34 28.33 13.08 -3.34
N PRO G 35 28.62 13.46 -2.08
CA PRO G 35 29.63 12.74 -1.29
C PRO G 35 29.44 11.23 -1.40
N ASN G 36 28.20 10.78 -1.19
CA ASN G 36 27.87 9.37 -1.29
C ASN G 36 28.24 8.76 -2.61
N VAL G 37 27.86 9.42 -3.70
CA VAL G 37 28.15 8.85 -5.01
C VAL G 37 29.62 8.71 -5.30
N LEU G 38 30.40 9.69 -4.86
CA LEU G 38 31.84 9.62 -5.00
C LEU G 38 32.32 8.37 -4.28
N ARG G 39 31.87 8.23 -3.04
CA ARG G 39 32.21 7.12 -2.16
C ARG G 39 31.93 5.79 -2.83
N ARG G 40 30.76 5.69 -3.47
CA ARG G 40 30.35 4.45 -4.10
C ARG G 40 31.24 4.18 -5.31
N THR G 41 31.57 5.24 -6.04
CA THR G 41 32.43 5.15 -7.22
C THR G 41 33.79 4.61 -6.78
N ARG G 42 34.35 5.26 -5.76
CA ARG G 42 35.65 4.90 -5.17
C ARG G 42 35.63 3.44 -4.74
N ALA G 43 34.54 3.06 -4.08
CA ALA G 43 34.38 1.71 -3.61
C ALA G 43 34.43 0.69 -4.73
N CYS G 44 34.09 1.10 -5.95
CA CYS G 44 34.03 0.12 -7.03
C CYS G 44 34.91 0.30 -8.26
N ILE G 45 35.62 1.41 -8.39
CA ILE G 45 36.45 1.64 -9.58
C ILE G 45 37.47 0.58 -9.85
N LEU G 46 38.22 0.22 -8.84
CA LEU G 46 39.25 -0.78 -9.00
C LEU G 46 38.74 -2.15 -9.42
N ARG G 47 37.46 -2.38 -9.27
CA ARG G 47 36.90 -3.66 -9.67
C ARG G 47 36.19 -3.57 -10.99
N VAL G 48 35.58 -2.42 -11.27
CA VAL G 48 34.86 -2.24 -12.52
C VAL G 48 35.67 -1.70 -13.70
N ALA G 49 36.41 -0.60 -13.49
CA ALA G 49 37.24 0.05 -14.54
C ALA G 49 38.32 -0.77 -15.24
N PRO G 50 39.26 -1.40 -14.52
CA PRO G 50 40.35 -2.16 -15.15
C PRO G 50 40.04 -3.05 -16.36
N PRO G 51 38.96 -3.84 -16.37
CA PRO G 51 38.65 -4.67 -17.53
C PRO G 51 38.25 -3.83 -18.69
N PHE G 52 37.54 -2.73 -18.42
CA PHE G 52 37.11 -1.83 -19.47
C PHE G 52 38.25 -1.08 -20.18
N VAL G 53 39.21 -0.52 -19.43
CA VAL G 53 40.34 0.08 -20.11
C VAL G 53 41.13 -1.01 -20.87
N ALA G 54 41.22 -2.22 -20.30
CA ALA G 54 41.91 -3.30 -20.99
C ALA G 54 41.26 -3.54 -22.35
N PHE G 55 39.93 -3.49 -22.40
CA PHE G 55 39.23 -3.62 -23.69
C PHE G 55 39.57 -2.39 -24.52
N TYR G 56 39.42 -1.21 -23.95
CA TYR G 56 39.71 0.02 -24.67
C TYR G 56 41.09 -0.01 -25.36
N LEU G 57 42.14 -0.42 -24.64
CA LEU G 57 43.48 -0.46 -25.22
C LEU G 57 43.52 -1.46 -26.36
N VAL G 58 42.95 -2.65 -26.14
CA VAL G 58 42.92 -3.67 -27.18
C VAL G 58 42.06 -3.22 -28.37
N TYR G 59 41.11 -2.31 -28.11
CA TYR G 59 40.24 -1.81 -29.17
C TYR G 59 40.94 -0.85 -30.11
N THR G 60 41.60 0.15 -29.55
CA THR G 60 42.29 1.18 -30.34
C THR G 60 43.52 0.64 -31.05
N TRP G 61 44.28 -0.22 -30.37
CA TRP G 61 45.45 -0.88 -30.96
C TRP G 61 44.98 -1.71 -32.13
N GLY G 62 44.13 -2.70 -31.84
CA GLY G 62 43.59 -3.62 -32.83
C GLY G 62 43.05 -2.91 -34.04
N THR G 63 42.51 -1.73 -33.83
CA THR G 63 42.04 -0.92 -34.92
C THR G 63 43.23 -0.38 -35.73
N GLN G 64 44.25 0.16 -35.05
CA GLN G 64 45.42 0.73 -35.73
C GLN G 64 46.19 -0.31 -36.52
N GLU G 65 46.33 -1.49 -35.94
CA GLU G 65 47.04 -2.58 -36.61
C GLU G 65 46.30 -3.04 -37.84
N PHE G 66 44.99 -2.95 -37.82
CA PHE G 66 44.18 -3.34 -38.96
C PHE G 66 44.47 -2.38 -40.12
N GLU G 67 44.21 -1.10 -39.88
CA GLU G 67 44.42 -0.03 -40.87
C GLU G 67 45.83 0.03 -41.44
N LYS G 68 46.81 -0.13 -40.57
CA LYS G 68 48.18 -0.04 -40.98
C LYS G 68 48.75 -1.31 -41.59
N SER G 69 47.98 -2.38 -41.55
CA SER G 69 48.42 -3.63 -42.15
C SER G 69 48.06 -3.66 -43.64
N LYS G 70 47.16 -2.76 -44.03
CA LYS G 70 46.66 -2.72 -45.42
C LYS G 70 47.26 -1.64 -46.28
N ARG G 71 48.58 -1.54 -46.23
CA ARG G 71 49.35 -0.59 -47.02
C ARG G 71 50.67 -1.34 -47.19
N LYS G 72 51.50 -0.95 -48.15
CA LYS G 72 52.78 -1.63 -48.32
C LYS G 72 53.81 -0.60 -48.68
N ASN G 73 55.06 -0.79 -48.27
CA ASN G 73 56.11 0.12 -48.73
C ASN G 73 57.09 -0.59 -49.73
N PRO G 74 58.31 -1.04 -49.37
CA PRO G 74 59.10 -1.83 -50.32
C PRO G 74 58.50 -3.26 -50.53
N ALA G 75 59.20 -4.08 -51.32
CA ALA G 75 58.78 -5.45 -51.66
C ALA G 75 57.53 -5.48 -52.55
N GLU H 12 31.42 30.52 -68.11
CA GLU H 12 32.04 31.41 -67.09
C GLU H 12 31.22 31.44 -65.80
N LEU H 13 31.28 30.36 -65.03
CA LEU H 13 30.46 30.27 -63.83
C LEU H 13 31.21 30.36 -62.49
N VAL H 14 30.47 30.66 -61.43
CA VAL H 14 31.05 30.72 -60.09
C VAL H 14 31.01 29.28 -59.52
N ASP H 15 32.19 28.71 -59.26
CA ASP H 15 32.29 27.35 -58.70
C ASP H 15 32.88 27.42 -57.31
N PRO H 16 32.02 27.59 -56.30
CA PRO H 16 32.50 27.75 -54.94
C PRO H 16 33.42 26.60 -54.57
N LEU H 17 33.09 25.39 -55.03
CA LEU H 17 33.92 24.21 -54.76
C LEU H 17 35.35 24.48 -55.20
N THR H 18 35.52 24.88 -56.46
CA THR H 18 36.85 25.16 -57.00
C THR H 18 37.54 26.31 -56.27
N THR H 19 36.80 27.38 -55.98
CA THR H 19 37.32 28.52 -55.19
C THR H 19 37.86 28.00 -53.85
N VAL H 20 37.00 27.31 -53.10
CA VAL H 20 37.37 26.75 -51.80
C VAL H 20 38.42 25.64 -51.93
N ARG H 21 38.31 24.79 -52.96
CA ARG H 21 39.32 23.75 -53.16
C ARG H 21 40.73 24.34 -53.23
N GLU H 22 40.93 25.38 -54.03
CA GLU H 22 42.25 26.01 -54.16
C GLU H 22 42.92 26.30 -52.82
N GLN H 23 42.29 27.15 -51.99
CA GLN H 23 42.82 27.54 -50.68
C GLN H 23 42.99 26.38 -49.70
N CYS H 24 42.10 25.41 -49.83
CA CYS H 24 42.12 24.21 -49.00
C CYS H 24 43.25 23.26 -49.49
N GLU H 25 43.29 23.05 -50.82
CA GLU H 25 44.27 22.18 -51.51
C GLU H 25 45.69 22.65 -51.26
N GLN H 26 45.81 23.92 -50.89
CA GLN H 26 47.07 24.52 -50.52
C GLN H 26 47.57 23.88 -49.24
N LEU H 27 47.00 24.34 -48.12
CA LEU H 27 47.42 23.96 -46.75
C LEU H 27 48.33 22.78 -46.37
N GLU H 28 49.17 23.01 -45.36
CA GLU H 28 50.20 22.09 -44.89
C GLU H 28 49.96 20.58 -45.10
N LYS H 29 48.92 20.07 -44.43
CA LYS H 29 48.52 18.65 -44.54
C LYS H 29 48.47 18.18 -46.00
N CYS H 30 47.73 18.91 -46.83
CA CYS H 30 47.57 18.61 -48.25
C CYS H 30 48.89 18.67 -49.05
N VAL H 31 49.75 19.64 -48.74
CA VAL H 31 51.03 19.74 -49.44
C VAL H 31 51.79 18.45 -49.26
N LYS H 32 51.96 18.04 -48.01
CA LYS H 32 52.70 16.83 -47.67
C LYS H 32 52.17 15.57 -48.36
N ALA H 33 50.85 15.47 -48.48
CA ALA H 33 50.23 14.31 -49.13
C ALA H 33 50.40 14.42 -50.64
N ARG H 34 50.19 15.63 -51.18
CA ARG H 34 50.44 15.88 -52.60
C ARG H 34 51.95 15.71 -52.90
N GLU H 35 52.79 16.06 -51.93
CA GLU H 35 54.22 15.84 -52.08
C GLU H 35 54.48 14.34 -52.20
N ARG H 36 54.05 13.56 -51.19
CA ARG H 36 54.16 12.09 -51.21
C ARG H 36 53.51 11.48 -52.46
N LEU H 37 52.47 12.15 -52.97
CA LEU H 37 51.76 11.72 -54.16
C LEU H 37 52.70 11.84 -55.34
N GLU H 38 53.17 13.06 -55.62
CA GLU H 38 54.09 13.30 -56.73
C GLU H 38 55.34 12.44 -56.60
N LEU H 39 55.80 12.24 -55.36
CA LEU H 39 56.97 11.39 -55.12
C LEU H 39 56.66 10.04 -55.74
N CYS H 40 55.58 9.41 -55.26
CA CYS H 40 55.13 8.13 -55.79
C CYS H 40 54.78 8.24 -57.31
N ASP H 41 54.10 9.32 -57.71
CA ASP H 41 53.76 9.59 -59.13
C ASP H 41 54.96 9.28 -60.02
N GLU H 42 56.01 10.07 -59.80
CA GLU H 42 57.24 9.95 -60.55
C GLU H 42 57.92 8.60 -60.34
N ARG H 43 57.91 8.10 -59.09
CA ARG H 43 58.47 6.77 -58.77
C ARG H 43 57.89 5.71 -59.73
N VAL H 44 56.57 5.71 -59.85
CA VAL H 44 55.87 4.78 -60.74
C VAL H 44 56.00 5.16 -62.22
N SER H 45 56.16 6.45 -62.51
CA SER H 45 56.34 6.91 -63.88
C SER H 45 57.72 6.49 -64.43
N SER H 46 58.74 6.57 -63.59
CA SER H 46 60.13 6.27 -63.99
C SER H 46 60.48 4.79 -63.94
N ARG H 47 59.49 3.95 -63.68
CA ARG H 47 59.70 2.51 -63.64
C ARG H 47 58.80 1.85 -64.69
N SER H 48 59.23 0.69 -65.16
CA SER H 48 58.40 -0.06 -66.09
C SER H 48 58.47 -1.52 -65.71
N GLN H 49 57.30 -2.15 -65.66
CA GLN H 49 57.07 -3.52 -65.20
C GLN H 49 56.87 -3.47 -63.69
N THR H 50 56.36 -2.35 -63.20
CA THR H 50 56.08 -2.23 -61.77
C THR H 50 54.58 -2.26 -61.53
N GLU H 51 54.17 -2.71 -60.35
CA GLU H 51 52.77 -2.73 -60.00
C GLU H 51 52.42 -2.06 -58.69
N GLU H 52 53.39 -1.33 -58.12
CA GLU H 52 53.13 -0.55 -56.92
C GLU H 52 52.43 0.71 -57.45
N ASP H 53 51.12 0.63 -57.57
CA ASP H 53 50.32 1.62 -58.31
C ASP H 53 49.81 2.99 -57.83
N CYS H 54 50.43 3.61 -56.82
CA CYS H 54 50.10 5.01 -56.44
C CYS H 54 48.62 5.42 -56.12
N THR H 55 47.78 4.48 -55.70
CA THR H 55 46.38 4.81 -55.39
C THR H 55 46.20 5.45 -54.02
N GLU H 56 46.89 4.88 -53.04
CA GLU H 56 46.81 5.29 -51.63
C GLU H 56 47.10 6.77 -51.37
N GLU H 57 48.22 7.25 -51.92
CA GLU H 57 48.67 8.60 -51.70
C GLU H 57 47.68 9.66 -52.15
N LEU H 58 46.87 9.33 -53.16
CA LEU H 58 45.83 10.22 -53.64
C LEU H 58 44.77 10.39 -52.54
N LEU H 59 44.27 9.26 -52.03
CA LEU H 59 43.24 9.26 -50.98
C LEU H 59 43.55 10.11 -49.74
N ASP H 60 44.75 9.95 -49.18
CA ASP H 60 45.19 10.75 -48.01
C ASP H 60 45.04 12.24 -48.32
N PHE H 61 45.48 12.64 -49.53
CA PHE H 61 45.39 14.02 -49.99
C PHE H 61 43.93 14.48 -50.01
N LEU H 62 43.06 13.63 -50.54
CA LEU H 62 41.64 13.94 -50.57
C LEU H 62 41.04 14.10 -49.15
N HIS H 63 41.33 13.14 -48.26
CA HIS H 63 40.85 13.23 -46.88
C HIS H 63 41.15 14.59 -46.28
N ALA H 64 42.45 14.93 -46.17
CA ALA H 64 42.90 16.21 -45.62
C ALA H 64 42.27 17.40 -46.34
N ARG H 65 42.13 17.29 -47.66
CA ARG H 65 41.53 18.34 -48.46
C ARG H 65 40.01 18.38 -48.22
N ASP H 66 39.33 17.28 -48.52
CA ASP H 66 37.89 17.25 -48.37
C ASP H 66 37.32 17.49 -46.97
N HIS H 67 38.07 17.13 -45.93
CA HIS H 67 37.65 17.39 -44.55
C HIS H 67 37.54 18.90 -44.40
N CYS H 68 38.59 19.61 -44.81
CA CYS H 68 38.62 21.05 -44.75
C CYS H 68 37.63 21.67 -45.75
N VAL H 69 37.35 20.96 -46.83
CA VAL H 69 36.37 21.40 -47.84
C VAL H 69 34.98 21.53 -47.22
N ALA H 70 34.62 20.56 -46.38
CA ALA H 70 33.31 20.53 -45.72
C ALA H 70 33.08 21.65 -44.69
N HIS H 71 34.10 21.91 -43.86
CA HIS H 71 34.03 22.93 -42.81
C HIS H 71 33.78 24.33 -43.37
N LYS H 72 34.40 24.61 -44.51
CA LYS H 72 34.30 25.94 -45.13
C LYS H 72 33.20 26.12 -46.20
N LEU H 73 32.98 25.10 -47.04
CA LEU H 73 32.01 25.15 -48.17
C LEU H 73 30.66 25.82 -47.95
N PHE H 74 29.63 25.02 -47.74
CA PHE H 74 28.26 25.50 -47.49
C PHE H 74 28.07 26.93 -46.89
N ASN H 75 29.01 27.37 -46.04
CA ASN H 75 29.01 28.72 -45.42
C ASN H 75 28.59 29.87 -46.35
N SER H 76 28.88 29.72 -47.64
CA SER H 76 28.56 30.74 -48.64
C SER H 76 27.49 30.29 -49.63
N LEU H 77 27.49 28.98 -49.94
CA LEU H 77 26.51 28.35 -50.84
C LEU H 77 25.10 28.88 -50.63
N LYS H 78 24.43 29.24 -51.72
CA LYS H 78 23.10 29.79 -51.61
C LYS H 78 22.05 28.74 -51.95
N MET I 1 -28.63 -7.12 54.86
CA MET I 1 -27.31 -6.91 54.17
C MET I 1 -27.03 -8.14 53.33
N LEU I 2 -28.10 -8.66 52.75
CA LEU I 2 -28.03 -9.84 51.91
C LEU I 2 -27.32 -9.45 50.63
N SER I 3 -27.27 -10.32 49.63
CA SER I 3 -26.47 -10.07 48.42
C SER I 3 -25.11 -10.64 48.74
N VAL I 4 -25.12 -11.96 48.90
CA VAL I 4 -23.98 -12.83 49.20
C VAL I 4 -22.74 -12.39 48.48
N ALA I 5 -22.89 -12.16 47.18
CA ALA I 5 -21.83 -11.67 46.31
C ALA I 5 -21.21 -10.39 46.86
N ALA I 6 -21.90 -9.24 46.72
CA ALA I 6 -21.39 -7.94 47.22
C ALA I 6 -21.26 -7.82 48.74
N ARG I 7 -21.48 -8.95 49.45
CA ARG I 7 -21.20 -9.05 50.89
C ARG I 7 -19.70 -9.42 50.91
N SER I 8 -19.07 -9.09 49.76
CA SER I 8 -17.67 -9.28 49.39
C SER I 8 -17.11 -10.63 49.72
N GLY I 9 -16.72 -11.40 48.72
CA GLY I 9 -16.20 -12.74 49.00
C GLY I 9 -16.39 -13.86 47.99
N PRO I 10 -17.61 -14.35 47.84
CA PRO I 10 -17.89 -15.47 46.93
C PRO I 10 -17.92 -14.98 45.51
N PHE I 11 -17.92 -15.87 44.54
CA PHE I 11 -17.93 -15.39 43.18
C PHE I 11 -19.23 -15.04 42.51
N ALA I 12 -19.15 -14.09 41.59
CA ALA I 12 -20.29 -13.65 40.79
C ALA I 12 -19.80 -13.43 39.33
N PRO I 13 -20.29 -14.22 38.38
CA PRO I 13 -20.00 -14.00 36.98
C PRO I 13 -21.09 -13.18 36.38
N VAL I 14 -20.77 -12.42 35.35
CA VAL I 14 -21.73 -11.58 34.70
C VAL I 14 -21.49 -11.76 33.25
N LEU I 15 -22.54 -12.09 32.52
CA LEU I 15 -22.54 -12.15 31.08
C LEU I 15 -23.30 -10.89 30.60
N SER I 16 -22.96 -10.39 29.42
CA SER I 16 -23.65 -9.22 28.95
C SER I 16 -23.85 -9.28 27.45
N ALA I 17 -24.62 -8.33 26.94
CA ALA I 17 -24.88 -8.18 25.50
C ALA I 17 -23.93 -7.18 24.88
N THR I 18 -23.93 -5.99 25.45
CA THR I 18 -23.07 -4.92 25.00
C THR I 18 -21.77 -4.88 25.77
N SER I 19 -21.83 -4.99 27.08
CA SER I 19 -20.63 -4.97 27.93
C SER I 19 -19.87 -6.30 27.98
N ARG I 20 -18.67 -6.24 28.52
CA ARG I 20 -17.80 -7.42 28.62
C ARG I 20 -18.13 -8.28 29.84
N GLY I 21 -17.84 -9.59 29.73
CA GLY I 21 -18.09 -10.54 30.80
C GLY I 21 -17.22 -10.27 32.03
N VAL I 22 -17.79 -10.51 33.22
CA VAL I 22 -17.04 -10.32 34.47
C VAL I 22 -16.98 -11.55 35.42
N ALA I 23 -15.96 -11.54 36.28
CA ALA I 23 -15.74 -12.51 37.35
C ALA I 23 -15.32 -11.52 38.44
N GLY I 24 -15.99 -11.50 39.58
CA GLY I 24 -15.57 -10.50 40.55
C GLY I 24 -16.02 -10.55 41.95
N ALA I 25 -15.55 -11.51 42.74
CA ALA I 25 -15.80 -11.61 44.19
C ALA I 25 -14.61 -11.17 45.06
N LEU I 26 -14.57 -11.59 46.32
CA LEU I 26 -13.52 -11.12 47.25
C LEU I 26 -12.47 -12.03 47.94
N ARG I 27 -11.24 -11.54 47.84
CA ARG I 27 -10.02 -12.22 48.16
C ARG I 27 -8.96 -11.15 47.81
N PRO I 28 -7.72 -11.36 48.21
CA PRO I 28 -6.64 -10.46 47.83
C PRO I 28 -6.30 -10.44 46.35
N LEU I 29 -5.46 -9.45 46.05
CA LEU I 29 -4.84 -9.14 44.77
C LEU I 29 -4.63 -7.67 44.91
N VAL I 30 -5.58 -7.04 45.60
CA VAL I 30 -5.60 -5.61 45.78
C VAL I 30 -4.35 -5.07 46.50
N GLN I 31 -4.10 -5.50 47.74
CA GLN I 31 -2.86 -5.09 48.45
C GLN I 31 -1.70 -5.99 47.97
N ALA I 32 -1.63 -6.23 46.66
CA ALA I 32 -0.60 -7.08 46.06
C ALA I 32 0.09 -6.43 44.86
N ALA I 33 -0.63 -5.59 44.12
CA ALA I 33 -0.03 -4.87 42.99
C ALA I 33 0.81 -3.73 43.56
N VAL I 34 0.81 -3.65 44.89
CA VAL I 34 1.57 -2.67 45.66
C VAL I 34 2.93 -3.31 46.07
N PRO I 35 2.96 -4.33 46.96
CA PRO I 35 4.19 -5.13 47.13
C PRO I 35 4.33 -5.82 45.78
N ALA I 36 4.84 -5.04 44.83
CA ALA I 36 4.90 -5.34 43.43
C ALA I 36 5.56 -6.62 42.92
N THR I 37 5.59 -6.71 41.60
CA THR I 37 6.04 -7.87 40.81
C THR I 37 4.80 -8.71 40.45
N SER I 38 3.67 -8.03 40.21
CA SER I 38 2.44 -8.70 39.76
C SER I 38 2.21 -8.36 38.30
N GLU I 39 2.57 -9.28 37.42
CA GLU I 39 2.47 -9.07 35.99
C GLU I 39 1.06 -8.95 35.45
N SER I 40 0.50 -10.11 35.06
CA SER I 40 -0.82 -10.24 34.45
C SER I 40 -0.55 -10.19 32.95
N PRO I 41 -1.48 -10.66 32.12
CA PRO I 41 -1.27 -10.60 30.67
C PRO I 41 -1.33 -9.15 30.20
N VAL I 42 -1.39 -8.98 28.90
CA VAL I 42 -1.63 -7.71 28.20
C VAL I 42 -2.56 -8.11 27.07
N LEU I 43 -3.55 -8.90 27.42
CA LEU I 43 -4.50 -9.46 26.48
C LEU I 43 -3.89 -10.70 25.84
N ASP I 44 -3.81 -11.79 26.63
CA ASP I 44 -3.37 -13.12 26.17
C ASP I 44 -4.69 -13.88 25.97
N LEU I 45 -4.89 -14.60 24.85
CA LEU I 45 -6.22 -15.22 24.50
C LEU I 45 -7.38 -14.61 25.37
N LYS I 46 -7.69 -13.31 25.14
CA LYS I 46 -8.47 -12.50 26.11
C LYS I 46 -9.64 -11.58 25.78
N ARG I 47 -9.92 -10.75 26.76
CA ARG I 47 -11.09 -9.91 26.86
C ARG I 47 -10.73 -8.40 26.87
N SER I 48 -10.97 -7.71 28.01
CA SER I 48 -10.66 -6.28 28.29
C SER I 48 -11.34 -5.67 29.53
N VAL I 49 -10.51 -5.15 30.44
CA VAL I 49 -10.94 -4.63 31.74
C VAL I 49 -11.44 -3.19 31.69
N LEU I 50 -12.06 -2.76 32.80
CA LEU I 50 -12.66 -1.42 32.98
C LEU I 50 -13.93 -1.36 32.15
N CYS I 51 -13.91 -2.06 31.01
CA CYS I 51 -14.97 -2.16 30.00
C CYS I 51 -15.72 -0.92 29.52
N ARG I 52 -16.63 -1.10 28.56
CA ARG I 52 -17.26 0.08 28.00
C ARG I 52 -18.77 0.36 28.01
N GLU I 53 -19.04 1.66 27.91
CA GLU I 53 -20.33 2.34 27.96
C GLU I 53 -20.27 3.36 29.11
N SER I 54 -19.15 4.08 29.08
CA SER I 54 -18.79 5.13 30.02
C SER I 54 -17.97 6.20 29.24
N LEU I 55 -18.63 7.29 28.85
CA LEU I 55 -18.02 8.34 28.07
C LEU I 55 -18.17 9.70 28.71
N ARG I 56 -18.41 10.71 27.88
CA ARG I 56 -18.53 12.11 28.31
C ARG I 56 -19.07 12.95 27.13
N GLY I 57 -18.76 14.24 27.16
CA GLY I 57 -19.14 15.10 26.07
C GLY I 57 -18.07 15.12 24.99
N VAL J 1 -0.84 34.30 1.09
CA VAL J 1 -1.28 34.03 -0.32
C VAL J 1 -0.63 32.76 -0.86
N ALA J 2 0.66 32.58 -0.57
CA ALA J 2 1.41 31.38 -1.00
C ALA J 2 1.00 30.03 -0.33
N PRO J 3 0.96 29.93 1.02
CA PRO J 3 0.54 28.67 1.67
C PRO J 3 -0.91 28.39 1.35
N THR J 4 -1.74 29.42 1.47
CA THR J 4 -3.15 29.29 1.19
C THR J 4 -3.41 28.87 -0.26
N LEU J 5 -2.45 29.07 -1.17
CA LEU J 5 -2.60 28.64 -2.57
C LEU J 5 -2.68 27.12 -2.64
N THR J 6 -1.59 26.45 -2.28
CA THR J 6 -1.57 24.99 -2.26
C THR J 6 -2.70 24.49 -1.37
N ALA J 7 -2.95 25.21 -0.26
CA ALA J 7 -4.05 24.90 0.63
C ALA J 7 -5.41 24.94 -0.07
N ARG J 8 -5.81 26.12 -0.57
CA ARG J 8 -7.08 26.26 -1.30
C ARG J 8 -7.18 25.26 -2.43
N LEU J 9 -6.07 25.04 -3.12
CA LEU J 9 -6.05 24.07 -4.19
C LEU J 9 -6.44 22.70 -3.64
N TYR J 10 -5.94 22.35 -2.45
CA TYR J 10 -6.33 21.09 -1.82
C TYR J 10 -7.81 21.11 -1.40
N SER J 11 -8.18 22.16 -0.65
CA SER J 11 -9.55 22.38 -0.15
C SER J 11 -10.64 22.17 -1.19
N LEU J 12 -10.66 23.06 -2.18
CA LEU J 12 -11.71 23.07 -3.23
C LEU J 12 -11.59 22.02 -4.32
N LEU J 13 -10.42 21.45 -4.54
CA LEU J 13 -10.27 20.55 -5.69
C LEU J 13 -9.58 19.20 -5.50
N PHE J 14 -8.85 19.03 -4.40
CA PHE J 14 -8.08 17.82 -4.23
C PHE J 14 -8.60 16.66 -3.35
N ARG J 15 -9.33 16.92 -2.27
CA ARG J 15 -9.80 15.82 -1.42
C ARG J 15 -10.56 14.77 -2.16
N ARG J 16 -11.75 15.16 -2.59
CA ARG J 16 -12.65 14.27 -3.29
C ARG J 16 -11.98 13.85 -4.55
N THR J 17 -11.74 12.55 -4.66
CA THR J 17 -11.11 11.98 -5.81
C THR J 17 -11.90 12.40 -7.04
N SER J 18 -13.14 12.85 -6.81
CA SER J 18 -14.02 13.34 -7.87
C SER J 18 -13.41 14.56 -8.50
N THR J 19 -13.47 15.66 -7.77
CA THR J 19 -12.85 16.91 -8.20
C THR J 19 -11.41 16.70 -8.60
N PHE J 20 -10.66 15.95 -7.79
CA PHE J 20 -9.27 15.62 -8.14
C PHE J 20 -9.18 15.10 -9.58
N ALA J 21 -10.12 14.24 -9.95
CA ALA J 21 -10.15 13.74 -11.30
C ALA J 21 -10.75 14.80 -12.23
N LEU J 22 -11.87 15.41 -11.83
CA LEU J 22 -12.47 16.47 -12.64
C LEU J 22 -11.44 17.49 -13.05
N THR J 23 -10.57 17.86 -12.11
CA THR J 23 -9.55 18.81 -12.46
C THR J 23 -8.48 18.29 -13.37
N ILE J 24 -7.96 17.08 -13.14
CA ILE J 24 -6.90 16.63 -14.04
C ILE J 24 -7.38 16.46 -15.47
N VAL J 25 -8.63 16.07 -15.65
CA VAL J 25 -9.14 15.91 -16.99
C VAL J 25 -9.32 17.28 -17.62
N VAL J 26 -9.92 18.20 -16.87
CA VAL J 26 -10.10 19.58 -17.31
C VAL J 26 -8.73 20.25 -17.48
N GLY J 27 -7.81 19.92 -16.58
CA GLY J 27 -6.47 20.46 -16.63
C GLY J 27 -5.69 19.88 -17.80
N ALA J 28 -6.10 18.71 -18.30
CA ALA J 28 -5.41 18.07 -19.44
C ALA J 28 -5.81 18.72 -20.75
N LEU J 29 -7.04 19.27 -20.76
CA LEU J 29 -7.59 19.92 -21.94
C LEU J 29 -6.80 21.19 -22.28
N PHE J 30 -6.81 22.14 -21.35
CA PHE J 30 -6.09 23.41 -21.49
C PHE J 30 -4.61 23.15 -21.74
N PHE J 31 -4.02 22.27 -20.96
CA PHE J 31 -2.62 21.93 -21.11
C PHE J 31 -2.25 21.41 -22.49
N GLU J 32 -3.02 20.45 -23.01
CA GLU J 32 -2.71 19.85 -24.31
C GLU J 32 -2.60 20.90 -25.38
N ARG J 33 -3.51 21.86 -25.33
CA ARG J 33 -3.49 22.92 -26.28
C ARG J 33 -2.30 23.87 -26.07
N ALA J 34 -2.21 24.48 -24.88
CA ALA J 34 -1.12 25.42 -24.56
C ALA J 34 0.27 24.81 -24.77
N PHE J 35 0.38 23.49 -24.64
CA PHE J 35 1.65 22.86 -24.88
C PHE J 35 1.91 22.77 -26.37
N ASP J 36 0.89 22.41 -27.16
CA ASP J 36 1.06 22.32 -28.59
C ASP J 36 1.33 23.66 -29.27
N GLN J 37 0.91 24.76 -28.64
CA GLN J 37 1.18 26.10 -29.18
C GLN J 37 2.65 26.38 -29.02
N GLY J 38 3.04 26.56 -27.76
CA GLY J 38 4.42 26.79 -27.42
C GLY J 38 5.38 25.83 -28.10
N ALA J 39 5.08 24.53 -28.05
CA ALA J 39 5.94 23.52 -28.68
C ALA J 39 6.13 23.75 -30.18
N ASP J 40 5.01 23.91 -30.90
CA ASP J 40 5.11 24.18 -32.34
C ASP J 40 5.80 25.55 -32.56
N ALA J 41 5.38 26.58 -31.82
CA ALA J 41 5.99 27.91 -31.90
C ALA J 41 7.50 27.81 -31.71
N ILE J 42 7.93 26.86 -30.89
CA ILE J 42 9.34 26.64 -30.69
C ILE J 42 9.96 25.98 -31.93
N TYR J 43 9.27 24.97 -32.46
CA TYR J 43 9.73 24.24 -33.65
C TYR J 43 9.90 25.17 -34.84
N GLU J 44 9.01 26.16 -34.92
CA GLU J 44 9.03 27.17 -35.98
C GLU J 44 10.23 28.10 -35.81
N HIS J 45 10.32 28.78 -34.67
CA HIS J 45 11.41 29.73 -34.37
C HIS J 45 12.82 29.19 -34.66
N ILE J 46 13.06 27.92 -34.37
CA ILE J 46 14.36 27.34 -34.65
C ILE J 46 14.48 26.96 -36.13
N ASN J 47 13.39 27.06 -36.86
CA ASN J 47 13.42 26.74 -38.28
C ASN J 47 13.04 27.87 -39.24
N GLU J 48 11.80 27.83 -39.75
CA GLU J 48 11.29 28.75 -40.80
C GLU J 48 11.76 28.28 -42.19
N GLY J 49 11.71 26.96 -42.38
CA GLY J 49 12.15 26.30 -43.60
C GLY J 49 11.00 25.89 -44.49
N LYS J 50 9.77 25.95 -43.95
CA LYS J 50 8.55 25.70 -44.71
C LYS J 50 7.45 26.61 -44.13
N LEU J 51 6.35 26.78 -44.88
CA LEU J 51 5.16 27.58 -44.51
C LEU J 51 5.18 29.00 -44.99
N TRP J 52 6.26 29.74 -44.75
CA TRP J 52 6.35 31.10 -45.30
C TRP J 52 6.75 30.96 -46.78
N LYS J 53 6.93 29.71 -47.20
CA LYS J 53 7.17 29.40 -48.60
C LYS J 53 5.84 29.63 -49.32
N HIS J 54 4.73 29.32 -48.64
CA HIS J 54 3.37 29.50 -49.18
C HIS J 54 3.05 30.93 -49.64
N ILE J 55 3.36 31.92 -48.79
CA ILE J 55 3.13 33.33 -49.10
C ILE J 55 3.71 33.72 -50.46
N LYS J 56 4.71 32.96 -50.89
CA LYS J 56 5.38 33.18 -52.16
C LYS J 56 4.72 32.49 -53.36
N HIS J 57 4.76 31.15 -53.38
CA HIS J 57 4.26 30.38 -54.52
C HIS J 57 2.79 30.46 -54.94
N LYS J 58 1.90 30.77 -54.01
CA LYS J 58 0.49 30.83 -54.38
C LYS J 58 -0.15 32.18 -54.15
N TYR J 59 -1.20 32.18 -53.33
CA TYR J 59 -2.00 33.37 -53.01
C TYR J 59 -2.93 33.74 -54.20
N GLU J 60 -3.78 32.80 -54.58
CA GLU J 60 -4.71 33.03 -55.69
C GLU J 60 -6.04 32.33 -55.41
N MET K 1 -37.38 -8.40 -7.76
CA MET K 1 -37.70 -8.28 -6.31
C MET K 1 -36.82 -7.20 -5.67
N LEU K 2 -36.65 -6.08 -6.38
CA LEU K 2 -35.83 -4.97 -5.91
C LEU K 2 -36.43 -4.15 -4.73
N THR K 3 -37.47 -4.68 -4.08
CA THR K 3 -38.13 -4.03 -2.95
C THR K 3 -37.27 -4.02 -1.70
N ARG K 4 -36.32 -4.95 -1.64
CA ARG K 4 -35.37 -5.05 -0.54
C ARG K 4 -34.58 -3.73 -0.37
N PHE K 5 -34.35 -3.04 -1.48
CA PHE K 5 -33.60 -1.78 -1.49
C PHE K 5 -34.48 -0.54 -1.40
N LEU K 6 -35.75 -0.72 -1.00
CA LEU K 6 -36.68 0.40 -0.92
C LEU K 6 -37.09 0.79 0.50
N GLY K 7 -36.48 1.85 1.00
CA GLY K 7 -36.76 2.35 2.34
C GLY K 7 -36.03 3.63 2.65
N PRO K 8 -36.32 4.21 3.82
CA PRO K 8 -35.72 5.47 4.26
C PRO K 8 -34.19 5.50 4.17
N ARG K 9 -33.53 4.54 4.80
CA ARG K 9 -32.07 4.48 4.77
C ARG K 9 -31.51 4.51 3.37
N TYR K 10 -32.05 3.65 2.51
CA TYR K 10 -31.59 3.56 1.12
C TYR K 10 -31.75 4.87 0.40
N ARG K 11 -32.80 5.59 0.76
CA ARG K 11 -33.06 6.89 0.17
C ARG K 11 -32.02 7.90 0.65
N GLN K 12 -31.56 7.79 1.91
CA GLN K 12 -30.54 8.68 2.45
C GLN K 12 -29.21 8.38 1.81
N LEU K 13 -28.99 7.09 1.56
CA LEU K 13 -27.77 6.62 0.94
C LEU K 13 -27.65 7.18 -0.47
N ALA K 14 -28.73 7.13 -1.23
CA ALA K 14 -28.73 7.69 -2.59
C ALA K 14 -28.43 9.19 -2.61
N ARG K 15 -28.98 9.95 -1.66
CA ARG K 15 -28.71 11.39 -1.61
C ARG K 15 -27.26 11.66 -1.31
N ASN K 16 -26.69 10.84 -0.43
CA ASN K 16 -25.30 11.03 -0.02
C ASN K 16 -24.31 10.83 -1.14
N TRP K 17 -24.61 9.94 -2.08
CA TRP K 17 -23.73 9.68 -3.20
C TRP K 17 -24.06 10.50 -4.45
N VAL K 18 -25.06 11.38 -4.36
CA VAL K 18 -25.42 12.18 -5.52
C VAL K 18 -24.37 13.15 -6.04
N PRO K 19 -23.83 14.06 -5.20
CA PRO K 19 -22.71 14.92 -5.62
C PRO K 19 -21.58 14.09 -6.22
N THR K 20 -21.20 12.99 -5.56
CA THR K 20 -20.16 12.14 -6.14
C THR K 20 -20.55 11.59 -7.52
N ALA K 21 -21.71 10.96 -7.64
CA ALA K 21 -22.12 10.41 -8.96
C ALA K 21 -22.25 11.49 -10.05
N GLN K 22 -22.67 12.70 -9.64
CA GLN K 22 -22.77 13.82 -10.56
C GLN K 22 -21.34 14.16 -11.03
N LEU K 23 -20.44 14.48 -10.10
CA LEU K 23 -19.05 14.80 -10.45
C LEU K 23 -18.33 13.74 -11.32
N TRP K 24 -18.71 12.48 -11.14
CA TRP K 24 -18.13 11.36 -11.87
C TRP K 24 -18.64 11.38 -13.33
N GLY K 25 -19.75 12.07 -13.55
CA GLY K 25 -20.34 12.18 -14.87
C GLY K 25 -19.72 13.36 -15.56
N ALA K 26 -19.34 14.35 -14.77
CA ALA K 26 -18.65 15.53 -15.26
C ALA K 26 -17.30 15.06 -15.78
N VAL K 27 -16.66 14.15 -15.06
CA VAL K 27 -15.38 13.61 -15.47
C VAL K 27 -15.47 12.80 -16.77
N GLY K 28 -16.51 11.97 -16.88
CA GLY K 28 -16.72 11.17 -18.08
C GLY K 28 -17.08 12.04 -19.27
N ALA K 29 -17.85 13.11 -19.04
CA ALA K 29 -18.24 13.98 -20.14
C ALA K 29 -16.99 14.62 -20.76
N VAL K 30 -16.31 15.45 -19.97
CA VAL K 30 -15.14 16.14 -20.41
C VAL K 30 -14.15 15.13 -20.93
N GLY K 31 -14.09 13.99 -20.27
CA GLY K 31 -13.16 12.92 -20.63
C GLY K 31 -13.28 12.43 -22.04
N LEU K 32 -14.53 12.16 -22.48
CA LEU K 32 -14.78 11.70 -23.85
C LEU K 32 -14.53 12.86 -24.79
N VAL K 33 -15.17 13.99 -24.49
CA VAL K 33 -15.07 15.23 -25.24
C VAL K 33 -13.62 15.58 -25.63
N TRP K 34 -12.76 15.70 -24.63
CA TRP K 34 -11.34 15.97 -24.82
C TRP K 34 -10.64 14.86 -25.59
N ALA K 35 -10.95 13.60 -25.31
CA ALA K 35 -10.29 12.49 -25.97
C ALA K 35 -10.67 12.27 -27.43
N THR K 36 -11.79 12.80 -27.87
CA THR K 36 -12.19 12.61 -29.25
C THR K 36 -12.16 13.95 -29.97
N ASP K 37 -11.67 14.96 -29.23
CA ASP K 37 -11.65 16.35 -29.70
C ASP K 37 -12.99 16.71 -30.27
N TRP K 38 -14.02 16.59 -29.43
CA TRP K 38 -15.38 16.79 -29.89
C TRP K 38 -15.72 18.13 -30.44
N ARG K 39 -15.56 18.17 -31.76
CA ARG K 39 -15.89 19.27 -32.65
C ARG K 39 -17.17 19.96 -32.18
N LEU K 40 -18.26 19.21 -32.06
CA LEU K 40 -19.54 19.74 -31.62
C LEU K 40 -19.44 20.49 -30.30
N ILE K 41 -18.89 19.83 -29.28
CA ILE K 41 -18.84 20.42 -27.94
C ILE K 41 -17.75 21.46 -27.76
N LEU K 42 -16.55 21.12 -28.19
CA LEU K 42 -15.40 21.98 -27.99
C LEU K 42 -15.45 23.38 -28.57
N ASP K 43 -16.22 23.57 -29.65
CA ASP K 43 -16.34 24.90 -30.26
C ASP K 43 -16.80 25.98 -29.27
N TRP K 44 -17.58 25.59 -28.28
CA TRP K 44 -18.06 26.54 -27.30
C TRP K 44 -17.01 27.01 -26.32
N VAL K 45 -16.03 26.16 -26.06
CA VAL K 45 -14.96 26.45 -25.11
C VAL K 45 -13.97 27.51 -25.62
N PRO K 46 -13.84 28.62 -24.88
CA PRO K 46 -12.87 29.66 -25.24
C PRO K 46 -11.47 29.07 -25.15
N TYR K 47 -10.58 29.52 -26.03
CA TYR K 47 -9.20 29.05 -26.10
C TYR K 47 -8.99 27.61 -26.63
N ILE K 48 -10.04 26.82 -26.80
CA ILE K 48 -9.82 25.49 -27.36
C ILE K 48 -10.39 25.44 -28.77
N ASN K 49 -10.37 26.58 -29.42
CA ASN K 49 -10.87 26.71 -30.79
C ASN K 49 -9.71 26.71 -31.80
N GLY K 50 -9.08 25.54 -31.95
CA GLY K 50 -7.93 25.39 -32.84
C GLY K 50 -8.26 25.19 -34.31
N LYS K 51 -9.12 26.06 -34.85
CA LYS K 51 -9.55 26.01 -36.25
C LYS K 51 -9.49 27.41 -36.86
CHA HEM L . 9.54 -6.88 -37.84
CHB HEM L . 4.97 -8.80 -36.63
CHC HEM L . 6.58 -9.53 -31.83
CHD HEM L . 11.24 -8.00 -33.22
C1A HEM L . 8.15 -7.38 -37.88
C2A HEM L . 7.31 -7.28 -39.12
C3A HEM L . 6.01 -7.82 -38.73
C4A HEM L . 6.14 -8.19 -37.31
CMA HEM L . 4.80 -7.96 -39.58
CAA HEM L . 7.69 -6.77 -40.49
CBA HEM L . 7.30 -5.30 -40.62
CGA HEM L . 8.46 -4.43 -40.18
O1A HEM L . 9.62 -4.84 -40.26
O2A HEM L . 8.23 -3.32 -39.73
C1B HEM L . 5.16 -9.02 -35.18
C2B HEM L . 4.08 -9.27 -34.41
C3B HEM L . 4.53 -9.45 -33.18
C4B HEM L . 5.85 -9.33 -33.13
CMB HEM L . 2.62 -9.32 -34.83
CAB HEM L . 3.63 -9.74 -32.00
CBB HEM L . 3.27 -11.21 -32.03
C1C HEM L . 8.03 -9.26 -31.98
C2C HEM L . 8.89 -9.64 -31.05
C3C HEM L . 10.08 -9.26 -31.42
C4C HEM L . 10.03 -8.60 -32.57
CMC HEM L . 8.59 -10.44 -29.81
CAC HEM L . 11.35 -9.54 -30.66
CBC HEM L . 11.73 -8.30 -29.85
C1D HEM L . 11.05 -7.74 -34.66
C2D HEM L . 12.08 -7.63 -35.50
C3D HEM L . 11.61 -7.31 -36.69
C4D HEM L . 10.30 -7.24 -36.62
CMD HEM L . 13.55 -7.85 -35.16
CAD HEM L . 12.36 -7.03 -37.98
CBD HEM L . 13.19 -5.73 -37.96
CGD HEM L . 12.48 -4.48 -38.48
O1D HEM L . 12.71 -4.02 -39.60
O2D HEM L . 11.68 -3.89 -37.75
NA HEM L . 7.40 -7.93 -36.89
NB HEM L . 6.38 -9.13 -34.45
NC HEM L . 8.67 -8.46 -32.99
ND HEM L . 9.83 -7.38 -35.29
FE HEM L . 8.10 -8.25 -34.90
CHA HEM M . 13.41 -12.07 -12.21
CHB HEM M . 10.42 -11.46 -16.36
CHC HEM M . 14.20 -13.41 -19.09
CHD HEM M . 16.07 -15.52 -14.87
C1A HEM M . 12.33 -11.65 -13.15
C2A HEM M . 11.21 -10.77 -12.74
C3A HEM M . 10.39 -10.61 -13.94
C4A HEM M . 11.06 -11.39 -15.01
CMA HEM M . 9.13 -9.81 -14.08
CAA HEM M . 10.86 -10.10 -11.45
CBA HEM M . 12.04 -9.71 -10.56
CGA HEM M . 13.20 -9.04 -11.25
O1A HEM M . 14.29 -9.04 -10.72
O2A HEM M . 13.10 -8.56 -12.35
C1B HEM M . 11.32 -11.96 -17.39
C2B HEM M . 11.05 -11.75 -18.67
C3B HEM M . 12.04 -12.28 -19.39
C4B HEM M . 12.95 -12.80 -18.58
CMB HEM M . 9.81 -11.05 -19.17
CAB HEM M . 12.17 -12.24 -20.89
CBB HEM M . 11.09 -13.06 -21.62
C1C HEM M . 15.01 -14.05 -18.03
C2C HEM M . 16.20 -14.56 -18.31
C3C HEM M . 16.70 -15.12 -17.21
C4C HEM M . 15.84 -14.94 -16.22
CMC HEM M . 16.81 -14.48 -19.71
CAC HEM M . 18.05 -15.78 -17.02
CBC HEM M . 18.33 -16.90 -18.02
C1D HEM M . 15.46 -14.66 -13.81
C2D HEM M . 15.78 -14.77 -12.52
C3D HEM M . 15.10 -13.87 -11.81
C4D HEM M . 14.32 -13.17 -12.65
CMD HEM M . 16.79 -15.78 -12.02
CAD HEM M . 15.19 -13.68 -10.28
CBD HEM M . 15.85 -12.34 -10.00
CGD HEM M . 16.15 -12.02 -8.55
O1D HEM M . 17.23 -11.53 -8.26
O2D HEM M . 15.30 -12.19 -7.70
NA HEM M . 12.16 -11.93 -14.47
NB HEM M . 12.59 -12.58 -17.24
NC HEM M . 14.65 -14.33 -16.69
ND HEM M . 14.46 -13.67 -13.97
FE HEM M . 13.51 -13.15 -15.59
CHA HEM N . 24.89 4.51 -59.44
CHB HEM N . 23.37 9.17 -57.93
CHC HEM N . 22.36 10.40 -62.77
CHD HEM N . 24.03 5.79 -64.26
C1A HEM N . 24.52 5.73 -58.69
C2A HEM N . 24.63 5.72 -57.22
C3A HEM N . 24.20 7.05 -56.79
C4A HEM N . 23.84 7.77 -58.03
CMA HEM N . 24.11 7.59 -55.39
CAA HEM N . 25.08 4.55 -56.37
CBA HEM N . 26.43 4.87 -55.74
CGA HEM N . 26.90 3.63 -55.05
O1A HEM N . 26.65 2.53 -55.52
O2A HEM N . 27.52 3.72 -53.99
C1B HEM N . 22.94 9.74 -59.21
C2B HEM N . 22.34 10.91 -59.21
C3B HEM N . 22.08 11.27 -60.48
C4B HEM N . 22.50 10.30 -61.29
CMB HEM N . 22.02 11.65 -57.93
CAB HEM N . 21.41 12.52 -60.97
CBB HEM N . 21.73 13.81 -60.22
C1C HEM N . 22.88 9.19 -63.47
C2C HEM N . 23.06 9.20 -64.79
C3C HEM N . 23.51 8.03 -65.18
C4C HEM N . 23.62 7.23 -64.13
CMC HEM N . 22.82 10.39 -65.68
CAC HEM N . 23.90 7.68 -66.61
CBC HEM N . 25.40 7.90 -66.85
C1D HEM N . 24.47 5.18 -62.96
C2D HEM N . 25.12 4.02 -62.92
C3D HEM N . 25.35 3.70 -61.67
C4D HEM N . 24.83 4.64 -60.90
CMD HEM N . 25.58 3.21 -64.11
CAD HEM N . 26.06 2.43 -61.22
CBD HEM N . 27.51 2.61 -60.78
CGD HEM N . 28.16 1.25 -60.65
O1D HEM N . 29.09 0.92 -61.37
O2D HEM N . 27.74 0.46 -59.83
NA HEM N . 24.10 6.95 -59.08
NB HEM N . 23.20 9.31 -60.54
NC HEM N . 23.12 7.88 -62.97
ND HEM N . 24.14 5.62 -61.66
FE HEM N . 23.71 7.47 -61.12
FE1 FES O . -29.59 -4.16 -49.26
FE2 FES O . -29.81 -5.19 -46.77
S1 FES O . -31.39 -4.96 -48.28
S2 FES O . -27.99 -4.52 -47.81
#